data_1A5X
# 
_entry.id   1A5X 
# 
_audit_conform.dict_name       mmcif_pdbx.dic 
_audit_conform.dict_version    5.392 
_audit_conform.dict_location   http://mmcif.pdb.org/dictionaries/ascii/mmcif_pdbx.dic 
# 
loop_
_database_2.database_id 
_database_2.database_code 
_database_2.pdbx_database_accession 
_database_2.pdbx_DOI 
PDB   1A5X         pdb_00001a5x 10.2210/pdb1a5x/pdb 
WWPDB D_1000170432 ?            ?                   
# 
loop_
_pdbx_audit_revision_history.ordinal 
_pdbx_audit_revision_history.data_content_type 
_pdbx_audit_revision_history.major_revision 
_pdbx_audit_revision_history.minor_revision 
_pdbx_audit_revision_history.revision_date 
1 'Structure model' 1 0 1998-05-27 
2 'Structure model' 1 1 2008-03-24 
3 'Structure model' 1 2 2011-07-13 
4 'Structure model' 1 3 2023-08-02 
5 'Structure model' 1 4 2024-05-22 
# 
_pdbx_audit_revision_details.ordinal             1 
_pdbx_audit_revision_details.revision_ordinal    1 
_pdbx_audit_revision_details.data_content_type   'Structure model' 
_pdbx_audit_revision_details.provider            repository 
_pdbx_audit_revision_details.type                'Initial release' 
_pdbx_audit_revision_details.description         ? 
_pdbx_audit_revision_details.details             ? 
# 
loop_
_pdbx_audit_revision_group.ordinal 
_pdbx_audit_revision_group.revision_ordinal 
_pdbx_audit_revision_group.data_content_type 
_pdbx_audit_revision_group.group 
1 2 'Structure model' 'Version format compliance' 
2 3 'Structure model' 'Version format compliance' 
3 4 'Structure model' 'Database references'       
4 4 'Structure model' 'Derived calculations'      
5 4 'Structure model' Other                       
6 4 'Structure model' 'Refinement description'    
7 5 'Structure model' 'Data collection'           
# 
loop_
_pdbx_audit_revision_category.ordinal 
_pdbx_audit_revision_category.revision_ordinal 
_pdbx_audit_revision_category.data_content_type 
_pdbx_audit_revision_category.category 
1 4 'Structure model' database_2                    
2 4 'Structure model' pdbx_database_status          
3 4 'Structure model' pdbx_initial_refinement_model 
4 4 'Structure model' struct_ref_seq_dif            
5 4 'Structure model' struct_site                   
6 5 'Structure model' chem_comp_atom                
7 5 'Structure model' chem_comp_bond                
# 
loop_
_pdbx_audit_revision_item.ordinal 
_pdbx_audit_revision_item.revision_ordinal 
_pdbx_audit_revision_item.data_content_type 
_pdbx_audit_revision_item.item 
1 4 'Structure model' '_database_2.pdbx_DOI'                
2 4 'Structure model' '_database_2.pdbx_database_accession' 
3 4 'Structure model' '_pdbx_database_status.process_site'  
4 4 'Structure model' '_struct_ref_seq_dif.details'         
5 4 'Structure model' '_struct_site.pdbx_auth_asym_id'      
6 4 'Structure model' '_struct_site.pdbx_auth_comp_id'      
7 4 'Structure model' '_struct_site.pdbx_auth_seq_id'       
# 
_pdbx_database_status.status_code                     REL 
_pdbx_database_status.entry_id                        1A5X 
_pdbx_database_status.recvd_initial_deposition_date   1998-02-18 
_pdbx_database_status.deposit_site                    ? 
_pdbx_database_status.process_site                    BNL 
_pdbx_database_status.status_code_sf                  REL 
_pdbx_database_status.status_code_mr                  ? 
_pdbx_database_status.SG_entry                        ? 
_pdbx_database_status.pdb_format_compatible           Y 
_pdbx_database_status.status_code_cs                  ? 
_pdbx_database_status.status_code_nmr_data            ? 
_pdbx_database_status.methods_development_category    ? 
# 
loop_
_audit_author.name 
_audit_author.pdbx_ordinal 
'Lubkowski, J.'    1 
'Yang, F.'         2 
'Alexandratos, J.' 3 
'Wlodawer, A.'     4 
# 
_citation.id                        primary 
_citation.title                     
'Structure of the catalytic domain of avian sarcoma virus integrase with a bound HIV-1 integrase-targeted inhibitor.' 
_citation.journal_abbrev            Proc.Natl.Acad.Sci.USA 
_citation.journal_volume            95 
_citation.page_first                4831 
_citation.page_last                 4836 
_citation.year                      1998 
_citation.journal_id_ASTM           PNASA6 
_citation.country                   US 
_citation.journal_id_ISSN           0027-8424 
_citation.journal_id_CSD            0040 
_citation.book_publisher            ? 
_citation.pdbx_database_id_PubMed   9560188 
_citation.pdbx_database_id_DOI      10.1073/pnas.95.9.4831 
# 
loop_
_citation_author.citation_id 
_citation_author.name 
_citation_author.ordinal 
_citation_author.identifier_ORCID 
primary 'Lubkowski, J.'    1  ? 
primary 'Yang, F.'         2  ? 
primary 'Alexandratos, J.' 3  ? 
primary 'Wlodawer, A.'     4  ? 
primary 'Zhao, H.'         5  ? 
primary 'Burke Jr., T.R.'  6  ? 
primary 'Neamati, N.'      7  ? 
primary 'Pommier, Y.'      8  ? 
primary 'Merkel, G.'       9  ? 
primary 'Skalka, A.M.'     10 ? 
# 
loop_
_entity.id 
_entity.type 
_entity.src_method 
_entity.pdbx_description 
_entity.formula_weight 
_entity.pdbx_number_of_molecules 
_entity.pdbx_ec 
_entity.pdbx_mutation 
_entity.pdbx_fragment 
_entity.details 
1 polymer     man INTEGRASE                                                17398.922 1   2.7.7.49 ? 'CATALYTIC CORE DOMAIN' 
'P03354 FRAGMENT OF POLYPROTEIN POL-RSVP' 
2 non-polymer syn '4-ACETYLAMINO-5-HYDROXYNAPHTHALENE-2,7-DISULFONIC ACID' 361.348   1   ?        ? ?                       ? 
3 water       nat water                                                    18.015    169 ?        ? ?                       ? 
# 
_entity_poly.entity_id                      1 
_entity_poly.type                           'polypeptide(L)' 
_entity_poly.nstd_linkage                   no 
_entity_poly.nstd_monomer                   no 
_entity_poly.pdbx_seq_one_letter_code       
;PRGLGPLQIWQTDFTLEPRMAPRSWLAVTVDTASSAIVVTQHGRVTSVAAQHHWATAIAVLGRPKAIKTDNGSCFTSKST
REWLARWGIAHTTGIPGNSQGQAMVERANRLLKDKIRVLAEGDGFMKRIPTSKQGELLAKAMYALNHFERGENTKTNL
;
_entity_poly.pdbx_seq_one_letter_code_can   
;PRGLGPLQIWQTDFTLEPRMAPRSWLAVTVDTASSAIVVTQHGRVTSVAAQHHWATAIAVLGRPKAIKTDNGSCFTSKST
REWLARWGIAHTTGIPGNSQGQAMVERANRLLKDKIRVLAEGDGFMKRIPTSKQGELLAKAMYALNHFERGENTKTNL
;
_entity_poly.pdbx_strand_id                 A 
_entity_poly.pdbx_target_identifier         ? 
# 
loop_
_pdbx_entity_nonpoly.entity_id 
_pdbx_entity_nonpoly.name 
_pdbx_entity_nonpoly.comp_id 
2 '4-ACETYLAMINO-5-HYDROXYNAPHTHALENE-2,7-DISULFONIC ACID' Y3  
3 water                                                    HOH 
# 
loop_
_entity_poly_seq.entity_id 
_entity_poly_seq.num 
_entity_poly_seq.mon_id 
_entity_poly_seq.hetero 
1 1   PRO n 
1 2   ARG n 
1 3   GLY n 
1 4   LEU n 
1 5   GLY n 
1 6   PRO n 
1 7   LEU n 
1 8   GLN n 
1 9   ILE n 
1 10  TRP n 
1 11  GLN n 
1 12  THR n 
1 13  ASP n 
1 14  PHE n 
1 15  THR n 
1 16  LEU n 
1 17  GLU n 
1 18  PRO n 
1 19  ARG n 
1 20  MET n 
1 21  ALA n 
1 22  PRO n 
1 23  ARG n 
1 24  SER n 
1 25  TRP n 
1 26  LEU n 
1 27  ALA n 
1 28  VAL n 
1 29  THR n 
1 30  VAL n 
1 31  ASP n 
1 32  THR n 
1 33  ALA n 
1 34  SER n 
1 35  SER n 
1 36  ALA n 
1 37  ILE n 
1 38  VAL n 
1 39  VAL n 
1 40  THR n 
1 41  GLN n 
1 42  HIS n 
1 43  GLY n 
1 44  ARG n 
1 45  VAL n 
1 46  THR n 
1 47  SER n 
1 48  VAL n 
1 49  ALA n 
1 50  ALA n 
1 51  GLN n 
1 52  HIS n 
1 53  HIS n 
1 54  TRP n 
1 55  ALA n 
1 56  THR n 
1 57  ALA n 
1 58  ILE n 
1 59  ALA n 
1 60  VAL n 
1 61  LEU n 
1 62  GLY n 
1 63  ARG n 
1 64  PRO n 
1 65  LYS n 
1 66  ALA n 
1 67  ILE n 
1 68  LYS n 
1 69  THR n 
1 70  ASP n 
1 71  ASN n 
1 72  GLY n 
1 73  SER n 
1 74  CYS n 
1 75  PHE n 
1 76  THR n 
1 77  SER n 
1 78  LYS n 
1 79  SER n 
1 80  THR n 
1 81  ARG n 
1 82  GLU n 
1 83  TRP n 
1 84  LEU n 
1 85  ALA n 
1 86  ARG n 
1 87  TRP n 
1 88  GLY n 
1 89  ILE n 
1 90  ALA n 
1 91  HIS n 
1 92  THR n 
1 93  THR n 
1 94  GLY n 
1 95  ILE n 
1 96  PRO n 
1 97  GLY n 
1 98  ASN n 
1 99  SER n 
1 100 GLN n 
1 101 GLY n 
1 102 GLN n 
1 103 ALA n 
1 104 MET n 
1 105 VAL n 
1 106 GLU n 
1 107 ARG n 
1 108 ALA n 
1 109 ASN n 
1 110 ARG n 
1 111 LEU n 
1 112 LEU n 
1 113 LYS n 
1 114 ASP n 
1 115 LYS n 
1 116 ILE n 
1 117 ARG n 
1 118 VAL n 
1 119 LEU n 
1 120 ALA n 
1 121 GLU n 
1 122 GLY n 
1 123 ASP n 
1 124 GLY n 
1 125 PHE n 
1 126 MET n 
1 127 LYS n 
1 128 ARG n 
1 129 ILE n 
1 130 PRO n 
1 131 THR n 
1 132 SER n 
1 133 LYS n 
1 134 GLN n 
1 135 GLY n 
1 136 GLU n 
1 137 LEU n 
1 138 LEU n 
1 139 ALA n 
1 140 LYS n 
1 141 ALA n 
1 142 MET n 
1 143 TYR n 
1 144 ALA n 
1 145 LEU n 
1 146 ASN n 
1 147 HIS n 
1 148 PHE n 
1 149 GLU n 
1 150 ARG n 
1 151 GLY n 
1 152 GLU n 
1 153 ASN n 
1 154 THR n 
1 155 LYS n 
1 156 THR n 
1 157 ASN n 
1 158 LEU n 
# 
_entity_src_gen.entity_id                          1 
_entity_src_gen.pdbx_src_id                        1 
_entity_src_gen.pdbx_alt_source_flag               sample 
_entity_src_gen.pdbx_seq_type                      ? 
_entity_src_gen.pdbx_beg_seq_num                   ? 
_entity_src_gen.pdbx_end_seq_num                   ? 
_entity_src_gen.gene_src_common_name               ? 
_entity_src_gen.gene_src_genus                     Alpharetrovirus 
_entity_src_gen.pdbx_gene_src_gene                 ? 
_entity_src_gen.gene_src_species                   'Rous sarcoma virus' 
_entity_src_gen.gene_src_strain                    Schmidt-Ruppin 
_entity_src_gen.gene_src_tissue                    ? 
_entity_src_gen.gene_src_tissue_fraction           ? 
_entity_src_gen.gene_src_details                   ? 
_entity_src_gen.pdbx_gene_src_fragment             ? 
_entity_src_gen.pdbx_gene_src_scientific_name      'Rous sarcoma virus (strain Schmidt-Ruppin)' 
_entity_src_gen.pdbx_gene_src_ncbi_taxonomy_id     11889 
_entity_src_gen.pdbx_gene_src_variant              ? 
_entity_src_gen.pdbx_gene_src_cell_line            ? 
_entity_src_gen.pdbx_gene_src_atcc                 ? 
_entity_src_gen.pdbx_gene_src_organ                ? 
_entity_src_gen.pdbx_gene_src_organelle            ? 
_entity_src_gen.pdbx_gene_src_cell                 ? 
_entity_src_gen.pdbx_gene_src_cellular_location    ? 
_entity_src_gen.host_org_common_name               ? 
_entity_src_gen.pdbx_host_org_scientific_name      'Escherichia coli' 
_entity_src_gen.pdbx_host_org_ncbi_taxonomy_id     562 
_entity_src_gen.host_org_genus                     Escherichia 
_entity_src_gen.pdbx_host_org_gene                 ? 
_entity_src_gen.pdbx_host_org_organ                ? 
_entity_src_gen.host_org_species                   ? 
_entity_src_gen.pdbx_host_org_tissue               ? 
_entity_src_gen.pdbx_host_org_tissue_fraction      ? 
_entity_src_gen.pdbx_host_org_strain               ? 
_entity_src_gen.pdbx_host_org_variant              ? 
_entity_src_gen.pdbx_host_org_cell_line            ? 
_entity_src_gen.pdbx_host_org_atcc                 ? 
_entity_src_gen.pdbx_host_org_culture_collection   ? 
_entity_src_gen.pdbx_host_org_cell                 ? 
_entity_src_gen.pdbx_host_org_organelle            ? 
_entity_src_gen.pdbx_host_org_cellular_location    ? 
_entity_src_gen.pdbx_host_org_vector_type          ? 
_entity_src_gen.pdbx_host_org_vector               ? 
_entity_src_gen.host_org_details                   ? 
_entity_src_gen.expression_system_id               ? 
_entity_src_gen.plasmid_name                       'PRC23IN(52-207)' 
_entity_src_gen.plasmid_details                    ? 
_entity_src_gen.pdbx_description                   'SEE JRNL REFERENCE' 
# 
loop_
_chem_comp.id 
_chem_comp.type 
_chem_comp.mon_nstd_flag 
_chem_comp.name 
_chem_comp.pdbx_synonyms 
_chem_comp.formula 
_chem_comp.formula_weight 
ALA 'L-peptide linking' y ALANINE                                                  ? 'C3 H7 N O2'      89.093  
ARG 'L-peptide linking' y ARGININE                                                 ? 'C6 H15 N4 O2 1'  175.209 
ASN 'L-peptide linking' y ASPARAGINE                                               ? 'C4 H8 N2 O3'     132.118 
ASP 'L-peptide linking' y 'ASPARTIC ACID'                                          ? 'C4 H7 N O4'      133.103 
CYS 'L-peptide linking' y CYSTEINE                                                 ? 'C3 H7 N O2 S'    121.158 
GLN 'L-peptide linking' y GLUTAMINE                                                ? 'C5 H10 N2 O3'    146.144 
GLU 'L-peptide linking' y 'GLUTAMIC ACID'                                          ? 'C5 H9 N O4'      147.129 
GLY 'peptide linking'   y GLYCINE                                                  ? 'C2 H5 N O2'      75.067  
HIS 'L-peptide linking' y HISTIDINE                                                ? 'C6 H10 N3 O2 1'  156.162 
HOH non-polymer         . WATER                                                    ? 'H2 O'            18.015  
ILE 'L-peptide linking' y ISOLEUCINE                                               ? 'C6 H13 N O2'     131.173 
LEU 'L-peptide linking' y LEUCINE                                                  ? 'C6 H13 N O2'     131.173 
LYS 'L-peptide linking' y LYSINE                                                   ? 'C6 H15 N2 O2 1'  147.195 
MET 'L-peptide linking' y METHIONINE                                               ? 'C5 H11 N O2 S'   149.211 
PHE 'L-peptide linking' y PHENYLALANINE                                            ? 'C9 H11 N O2'     165.189 
PRO 'L-peptide linking' y PROLINE                                                  ? 'C5 H9 N O2'      115.130 
SER 'L-peptide linking' y SERINE                                                   ? 'C3 H7 N O3'      105.093 
THR 'L-peptide linking' y THREONINE                                                ? 'C4 H9 N O3'      119.119 
TRP 'L-peptide linking' y TRYPTOPHAN                                               ? 'C11 H12 N2 O2'   204.225 
TYR 'L-peptide linking' y TYROSINE                                                 ? 'C9 H11 N O3'     181.189 
VAL 'L-peptide linking' y VALINE                                                   ? 'C5 H11 N O2'     117.146 
Y3  non-polymer         . '4-ACETYLAMINO-5-HYDROXYNAPHTHALENE-2,7-DISULFONIC ACID' ? 'C12 H11 N O8 S2' 361.348 
# 
loop_
_pdbx_poly_seq_scheme.asym_id 
_pdbx_poly_seq_scheme.entity_id 
_pdbx_poly_seq_scheme.seq_id 
_pdbx_poly_seq_scheme.mon_id 
_pdbx_poly_seq_scheme.ndb_seq_num 
_pdbx_poly_seq_scheme.pdb_seq_num 
_pdbx_poly_seq_scheme.auth_seq_num 
_pdbx_poly_seq_scheme.pdb_mon_id 
_pdbx_poly_seq_scheme.auth_mon_id 
_pdbx_poly_seq_scheme.pdb_strand_id 
_pdbx_poly_seq_scheme.pdb_ins_code 
_pdbx_poly_seq_scheme.hetero 
A 1 1   PRO 1   52  ?   ?   ?   A . n 
A 1 2   ARG 2   53  ?   ?   ?   A . n 
A 1 3   GLY 3   54  54  GLY GLY A . n 
A 1 4   LEU 4   55  55  LEU LEU A . n 
A 1 5   GLY 5   56  56  GLY GLY A . n 
A 1 6   PRO 6   57  57  PRO PRO A . n 
A 1 7   LEU 7   58  58  LEU LEU A . n 
A 1 8   GLN 8   59  59  GLN GLN A . n 
A 1 9   ILE 9   60  60  ILE ILE A . n 
A 1 10  TRP 10  61  61  TRP TRP A . n 
A 1 11  GLN 11  62  62  GLN GLN A . n 
A 1 12  THR 12  63  63  THR THR A . n 
A 1 13  ASP 13  64  64  ASP ASP A . n 
A 1 14  PHE 14  65  65  PHE PHE A . n 
A 1 15  THR 15  66  66  THR THR A . n 
A 1 16  LEU 16  67  67  LEU LEU A . n 
A 1 17  GLU 17  68  68  GLU GLU A . n 
A 1 18  PRO 18  69  69  PRO PRO A . n 
A 1 19  ARG 19  70  70  ARG ARG A . n 
A 1 20  MET 20  71  71  MET MET A . n 
A 1 21  ALA 21  72  72  ALA ALA A . n 
A 1 22  PRO 22  73  73  PRO PRO A . n 
A 1 23  ARG 23  74  74  ARG ARG A . n 
A 1 24  SER 24  75  75  SER SER A . n 
A 1 25  TRP 25  76  76  TRP TRP A . n 
A 1 26  LEU 26  77  77  LEU LEU A . n 
A 1 27  ALA 27  78  78  ALA ALA A . n 
A 1 28  VAL 28  79  79  VAL VAL A . n 
A 1 29  THR 29  80  80  THR THR A . n 
A 1 30  VAL 30  81  81  VAL VAL A . n 
A 1 31  ASP 31  82  82  ASP ASP A . n 
A 1 32  THR 32  83  83  THR THR A . n 
A 1 33  ALA 33  84  84  ALA ALA A . n 
A 1 34  SER 34  85  85  SER SER A . n 
A 1 35  SER 35  86  86  SER SER A . n 
A 1 36  ALA 36  87  87  ALA ALA A . n 
A 1 37  ILE 37  88  88  ILE ILE A . n 
A 1 38  VAL 38  89  89  VAL VAL A . n 
A 1 39  VAL 39  90  90  VAL VAL A . n 
A 1 40  THR 40  91  91  THR THR A . n 
A 1 41  GLN 41  92  92  GLN GLN A . n 
A 1 42  HIS 42  93  93  HIS HIS A . n 
A 1 43  GLY 43  94  94  GLY GLY A . n 
A 1 44  ARG 44  95  95  ARG ARG A . n 
A 1 45  VAL 45  96  96  VAL VAL A . n 
A 1 46  THR 46  97  97  THR THR A . n 
A 1 47  SER 47  98  98  SER SER A . n 
A 1 48  VAL 48  99  99  VAL VAL A . n 
A 1 49  ALA 49  100 100 ALA ALA A . n 
A 1 50  ALA 50  101 101 ALA ALA A . n 
A 1 51  GLN 51  102 102 GLN GLN A . n 
A 1 52  HIS 52  103 103 HIS HIS A . n 
A 1 53  HIS 53  104 104 HIS HIS A . n 
A 1 54  TRP 54  105 105 TRP TRP A . n 
A 1 55  ALA 55  106 106 ALA ALA A . n 
A 1 56  THR 56  107 107 THR THR A . n 
A 1 57  ALA 57  108 108 ALA ALA A . n 
A 1 58  ILE 58  109 109 ILE ILE A . n 
A 1 59  ALA 59  110 110 ALA ALA A . n 
A 1 60  VAL 60  111 111 VAL VAL A . n 
A 1 61  LEU 61  112 112 LEU LEU A . n 
A 1 62  GLY 62  113 113 GLY GLY A . n 
A 1 63  ARG 63  114 114 ARG ARG A . n 
A 1 64  PRO 64  115 115 PRO PRO A . n 
A 1 65  LYS 65  116 116 LYS LYS A . n 
A 1 66  ALA 66  117 117 ALA ALA A . n 
A 1 67  ILE 67  118 118 ILE ILE A . n 
A 1 68  LYS 68  119 119 LYS LYS A . n 
A 1 69  THR 69  120 120 THR THR A . n 
A 1 70  ASP 70  121 121 ASP ASP A . n 
A 1 71  ASN 71  122 122 ASN ASN A . n 
A 1 72  GLY 72  123 123 GLY GLY A . n 
A 1 73  SER 73  124 124 SER SER A . n 
A 1 74  CYS 74  125 125 CYS CYS A . n 
A 1 75  PHE 75  126 126 PHE PHE A . n 
A 1 76  THR 76  127 127 THR THR A . n 
A 1 77  SER 77  128 128 SER SER A . n 
A 1 78  LYS 78  129 129 LYS LYS A . n 
A 1 79  SER 79  130 130 SER SER A . n 
A 1 80  THR 80  131 131 THR THR A . n 
A 1 81  ARG 81  132 132 ARG ARG A . n 
A 1 82  GLU 82  133 133 GLU GLU A . n 
A 1 83  TRP 83  134 134 TRP TRP A . n 
A 1 84  LEU 84  135 135 LEU LEU A . n 
A 1 85  ALA 85  136 136 ALA ALA A . n 
A 1 86  ARG 86  137 137 ARG ARG A . n 
A 1 87  TRP 87  138 138 TRP TRP A . n 
A 1 88  GLY 88  139 139 GLY GLY A . n 
A 1 89  ILE 89  140 140 ILE ILE A . n 
A 1 90  ALA 90  141 141 ALA ALA A . n 
A 1 91  HIS 91  142 142 HIS HIS A . n 
A 1 92  THR 92  143 143 THR THR A . n 
A 1 93  THR 93  144 144 THR THR A . n 
A 1 94  GLY 94  145 145 GLY GLY A . n 
A 1 95  ILE 95  146 146 ILE ILE A . n 
A 1 96  PRO 96  147 147 PRO PRO A . n 
A 1 97  GLY 97  148 148 GLY GLY A . n 
A 1 98  ASN 98  149 149 ASN ASN A . n 
A 1 99  SER 99  150 150 SER SER A . n 
A 1 100 GLN 100 151 151 GLN GLN A . n 
A 1 101 GLY 101 152 152 GLY GLY A . n 
A 1 102 GLN 102 153 153 GLN GLN A . n 
A 1 103 ALA 103 154 154 ALA ALA A . n 
A 1 104 MET 104 155 155 MET MET A . n 
A 1 105 VAL 105 156 156 VAL VAL A . n 
A 1 106 GLU 106 157 157 GLU GLU A . n 
A 1 107 ARG 107 158 158 ARG ARG A . n 
A 1 108 ALA 108 159 159 ALA ALA A . n 
A 1 109 ASN 109 160 160 ASN ASN A . n 
A 1 110 ARG 110 161 161 ARG ARG A . n 
A 1 111 LEU 111 162 162 LEU LEU A . n 
A 1 112 LEU 112 163 163 LEU LEU A . n 
A 1 113 LYS 113 164 164 LYS LYS A . n 
A 1 114 ASP 114 165 165 ASP ASP A . n 
A 1 115 LYS 115 166 166 LYS LYS A . n 
A 1 116 ILE 116 167 167 ILE ILE A . n 
A 1 117 ARG 117 168 168 ARG ARG A . n 
A 1 118 VAL 118 169 169 VAL VAL A . n 
A 1 119 LEU 119 170 170 LEU LEU A . n 
A 1 120 ALA 120 171 171 ALA ALA A . n 
A 1 121 GLU 121 172 172 GLU GLU A . n 
A 1 122 GLY 122 173 173 GLY GLY A . n 
A 1 123 ASP 123 174 174 ASP ASP A . n 
A 1 124 GLY 124 175 175 GLY GLY A . n 
A 1 125 PHE 125 176 176 PHE PHE A . n 
A 1 126 MET 126 177 177 MET MET A . n 
A 1 127 LYS 127 178 178 LYS LYS A . n 
A 1 128 ARG 128 179 179 ARG ARG A . n 
A 1 129 ILE 129 180 180 ILE ILE A . n 
A 1 130 PRO 130 181 181 PRO PRO A . n 
A 1 131 THR 131 182 182 THR THR A . n 
A 1 132 SER 132 183 183 SER SER A . n 
A 1 133 LYS 133 184 184 LYS LYS A . n 
A 1 134 GLN 134 185 185 GLN GLN A . n 
A 1 135 GLY 135 186 186 GLY GLY A . n 
A 1 136 GLU 136 187 187 GLU GLU A . n 
A 1 137 LEU 137 188 188 LEU LEU A . n 
A 1 138 LEU 138 189 189 LEU LEU A . n 
A 1 139 ALA 139 190 190 ALA ALA A . n 
A 1 140 LYS 140 191 191 LYS LYS A . n 
A 1 141 ALA 141 192 192 ALA ALA A . n 
A 1 142 MET 142 193 193 MET MET A . n 
A 1 143 TYR 143 194 194 TYR TYR A . n 
A 1 144 ALA 144 195 195 ALA ALA A . n 
A 1 145 LEU 145 196 196 LEU LEU A . n 
A 1 146 ASN 146 197 197 ASN ASN A . n 
A 1 147 HIS 147 198 198 HIS HIS A . n 
A 1 148 PHE 148 199 199 PHE PHE A . n 
A 1 149 GLU 149 200 ?   ?   ?   A . n 
A 1 150 ARG 150 201 ?   ?   ?   A . n 
A 1 151 GLY 151 202 ?   ?   ?   A . n 
A 1 152 GLU 152 203 ?   ?   ?   A . n 
A 1 153 ASN 153 204 ?   ?   ?   A . n 
A 1 154 THR 154 205 ?   ?   ?   A . n 
A 1 155 LYS 155 206 ?   ?   ?   A . n 
A 1 156 THR 156 207 ?   ?   ?   A . n 
A 1 157 ASN 157 208 ?   ?   ?   A . n 
A 1 158 LEU 158 209 ?   ?   ?   A . n 
# 
loop_
_pdbx_nonpoly_scheme.asym_id 
_pdbx_nonpoly_scheme.entity_id 
_pdbx_nonpoly_scheme.mon_id 
_pdbx_nonpoly_scheme.ndb_seq_num 
_pdbx_nonpoly_scheme.pdb_seq_num 
_pdbx_nonpoly_scheme.auth_seq_num 
_pdbx_nonpoly_scheme.pdb_mon_id 
_pdbx_nonpoly_scheme.auth_mon_id 
_pdbx_nonpoly_scheme.pdb_strand_id 
_pdbx_nonpoly_scheme.pdb_ins_code 
B 2 Y3  1   1   1   Y3  Y3  A . 
C 3 HOH 1   210 2   HOH HOH A . 
C 3 HOH 2   211 3   HOH HOH A . 
C 3 HOH 3   212 4   HOH HOH A . 
C 3 HOH 4   213 5   HOH HOH A . 
C 3 HOH 5   214 6   HOH HOH A . 
C 3 HOH 6   215 7   HOH HOH A . 
C 3 HOH 7   216 8   HOH HOH A . 
C 3 HOH 8   217 9   HOH HOH A . 
C 3 HOH 9   218 10  HOH HOH A . 
C 3 HOH 10  219 11  HOH HOH A . 
C 3 HOH 11  220 12  HOH HOH A . 
C 3 HOH 12  221 13  HOH HOH A . 
C 3 HOH 13  222 14  HOH HOH A . 
C 3 HOH 14  223 15  HOH HOH A . 
C 3 HOH 15  224 16  HOH HOH A . 
C 3 HOH 16  225 17  HOH HOH A . 
C 3 HOH 17  226 18  HOH HOH A . 
C 3 HOH 18  227 19  HOH HOH A . 
C 3 HOH 19  228 20  HOH HOH A . 
C 3 HOH 20  229 21  HOH HOH A . 
C 3 HOH 21  230 22  HOH HOH A . 
C 3 HOH 22  231 23  HOH HOH A . 
C 3 HOH 23  232 24  HOH HOH A . 
C 3 HOH 24  233 25  HOH HOH A . 
C 3 HOH 25  234 26  HOH HOH A . 
C 3 HOH 26  235 27  HOH HOH A . 
C 3 HOH 27  236 28  HOH HOH A . 
C 3 HOH 28  237 29  HOH HOH A . 
C 3 HOH 29  238 30  HOH HOH A . 
C 3 HOH 30  239 31  HOH HOH A . 
C 3 HOH 31  240 32  HOH HOH A . 
C 3 HOH 32  241 33  HOH HOH A . 
C 3 HOH 33  242 34  HOH HOH A . 
C 3 HOH 34  243 35  HOH HOH A . 
C 3 HOH 35  244 36  HOH HOH A . 
C 3 HOH 36  245 37  HOH HOH A . 
C 3 HOH 37  246 38  HOH HOH A . 
C 3 HOH 38  247 39  HOH HOH A . 
C 3 HOH 39  248 40  HOH HOH A . 
C 3 HOH 40  249 41  HOH HOH A . 
C 3 HOH 41  250 42  HOH HOH A . 
C 3 HOH 42  251 43  HOH HOH A . 
C 3 HOH 43  252 44  HOH HOH A . 
C 3 HOH 44  253 45  HOH HOH A . 
C 3 HOH 45  254 46  HOH HOH A . 
C 3 HOH 46  255 47  HOH HOH A . 
C 3 HOH 47  256 48  HOH HOH A . 
C 3 HOH 48  257 49  HOH HOH A . 
C 3 HOH 49  258 50  HOH HOH A . 
C 3 HOH 50  259 51  HOH HOH A . 
C 3 HOH 51  260 52  HOH HOH A . 
C 3 HOH 52  261 53  HOH HOH A . 
C 3 HOH 53  262 54  HOH HOH A . 
C 3 HOH 54  263 55  HOH HOH A . 
C 3 HOH 55  264 56  HOH HOH A . 
C 3 HOH 56  265 57  HOH HOH A . 
C 3 HOH 57  266 58  HOH HOH A . 
C 3 HOH 58  267 59  HOH HOH A . 
C 3 HOH 59  268 60  HOH HOH A . 
C 3 HOH 60  269 61  HOH HOH A . 
C 3 HOH 61  270 62  HOH HOH A . 
C 3 HOH 62  271 63  HOH HOH A . 
C 3 HOH 63  272 64  HOH HOH A . 
C 3 HOH 64  273 65  HOH HOH A . 
C 3 HOH 65  274 66  HOH HOH A . 
C 3 HOH 66  275 67  HOH HOH A . 
C 3 HOH 67  276 68  HOH HOH A . 
C 3 HOH 68  277 69  HOH HOH A . 
C 3 HOH 69  278 70  HOH HOH A . 
C 3 HOH 70  279 71  HOH HOH A . 
C 3 HOH 71  280 72  HOH HOH A . 
C 3 HOH 72  281 73  HOH HOH A . 
C 3 HOH 73  282 74  HOH HOH A . 
C 3 HOH 74  283 75  HOH HOH A . 
C 3 HOH 75  284 76  HOH HOH A . 
C 3 HOH 76  285 77  HOH HOH A . 
C 3 HOH 77  286 78  HOH HOH A . 
C 3 HOH 78  287 79  HOH HOH A . 
C 3 HOH 79  288 80  HOH HOH A . 
C 3 HOH 80  289 81  HOH HOH A . 
C 3 HOH 81  290 82  HOH HOH A . 
C 3 HOH 82  291 83  HOH HOH A . 
C 3 HOH 83  292 84  HOH HOH A . 
C 3 HOH 84  293 85  HOH HOH A . 
C 3 HOH 85  294 86  HOH HOH A . 
C 3 HOH 86  295 87  HOH HOH A . 
C 3 HOH 87  296 88  HOH HOH A . 
C 3 HOH 88  297 89  HOH HOH A . 
C 3 HOH 89  298 90  HOH HOH A . 
C 3 HOH 90  299 91  HOH HOH A . 
C 3 HOH 91  300 92  HOH HOH A . 
C 3 HOH 92  301 93  HOH HOH A . 
C 3 HOH 93  302 94  HOH HOH A . 
C 3 HOH 94  303 95  HOH HOH A . 
C 3 HOH 95  304 96  HOH HOH A . 
C 3 HOH 96  305 97  HOH HOH A . 
C 3 HOH 97  306 98  HOH HOH A . 
C 3 HOH 98  307 99  HOH HOH A . 
C 3 HOH 99  308 100 HOH HOH A . 
C 3 HOH 100 309 101 HOH HOH A . 
C 3 HOH 101 310 102 HOH HOH A . 
C 3 HOH 102 311 103 HOH HOH A . 
C 3 HOH 103 312 104 HOH HOH A . 
C 3 HOH 104 313 105 HOH HOH A . 
C 3 HOH 105 314 106 HOH HOH A . 
C 3 HOH 106 315 107 HOH HOH A . 
C 3 HOH 107 316 108 HOH HOH A . 
C 3 HOH 108 317 109 HOH HOH A . 
C 3 HOH 109 318 110 HOH HOH A . 
C 3 HOH 110 319 111 HOH HOH A . 
C 3 HOH 111 320 112 HOH HOH A . 
C 3 HOH 112 321 113 HOH HOH A . 
C 3 HOH 113 322 114 HOH HOH A . 
C 3 HOH 114 323 115 HOH HOH A . 
C 3 HOH 115 324 116 HOH HOH A . 
C 3 HOH 116 325 117 HOH HOH A . 
C 3 HOH 117 326 118 HOH HOH A . 
C 3 HOH 118 327 119 HOH HOH A . 
C 3 HOH 119 328 120 HOH HOH A . 
C 3 HOH 120 329 121 HOH HOH A . 
C 3 HOH 121 330 122 HOH HOH A . 
C 3 HOH 122 331 123 HOH HOH A . 
C 3 HOH 123 332 124 HOH HOH A . 
C 3 HOH 124 333 125 HOH HOH A . 
C 3 HOH 125 334 126 HOH HOH A . 
C 3 HOH 126 335 127 HOH HOH A . 
C 3 HOH 127 336 128 HOH HOH A . 
C 3 HOH 128 337 129 HOH HOH A . 
C 3 HOH 129 338 130 HOH HOH A . 
C 3 HOH 130 339 131 HOH HOH A . 
C 3 HOH 131 340 132 HOH HOH A . 
C 3 HOH 132 341 133 HOH HOH A . 
C 3 HOH 133 342 134 HOH HOH A . 
C 3 HOH 134 343 135 HOH HOH A . 
C 3 HOH 135 344 136 HOH HOH A . 
C 3 HOH 136 345 137 HOH HOH A . 
C 3 HOH 137 346 138 HOH HOH A . 
C 3 HOH 138 347 139 HOH HOH A . 
C 3 HOH 139 348 140 HOH HOH A . 
C 3 HOH 140 349 141 HOH HOH A . 
C 3 HOH 141 350 142 HOH HOH A . 
C 3 HOH 142 351 143 HOH HOH A . 
C 3 HOH 143 352 144 HOH HOH A . 
C 3 HOH 144 353 145 HOH HOH A . 
C 3 HOH 145 354 146 HOH HOH A . 
C 3 HOH 146 355 147 HOH HOH A . 
C 3 HOH 147 356 148 HOH HOH A . 
C 3 HOH 148 357 149 HOH HOH A . 
C 3 HOH 149 358 150 HOH HOH A . 
C 3 HOH 150 359 151 HOH HOH A . 
C 3 HOH 151 360 152 HOH HOH A . 
C 3 HOH 152 361 153 HOH HOH A . 
C 3 HOH 153 362 154 HOH HOH A . 
C 3 HOH 154 363 155 HOH HOH A . 
C 3 HOH 155 364 156 HOH HOH A . 
C 3 HOH 156 365 157 HOH HOH A . 
C 3 HOH 157 366 158 HOH HOH A . 
C 3 HOH 158 367 159 HOH HOH A . 
C 3 HOH 159 368 160 HOH HOH A . 
C 3 HOH 160 369 161 HOH HOH A . 
C 3 HOH 161 370 162 HOH HOH A . 
C 3 HOH 162 371 163 HOH HOH A . 
C 3 HOH 163 372 164 HOH HOH A . 
C 3 HOH 164 373 165 HOH HOH A . 
C 3 HOH 165 374 166 HOH HOH A . 
C 3 HOH 166 375 167 HOH HOH A . 
C 3 HOH 167 376 168 HOH HOH A . 
C 3 HOH 168 377 169 HOH HOH A . 
C 3 HOH 169 378 170 HOH HOH A . 
# 
loop_
_software.name 
_software.classification 
_software.version 
_software.citation_id 
_software.pdbx_ordinal 
X-PLOR    'model building' 3.1 ? 1 
X-PLOR    refinement       3.1 ? 2 
DENZO     'data reduction' .   ? 3 
SCALEPACK 'data scaling'   .   ? 4 
X-PLOR    phasing          3.1 ? 5 
# 
_cell.entry_id           1A5X 
_cell.length_a           66.443 
_cell.length_b           66.443 
_cell.length_c           81.282 
_cell.angle_alpha        90.00 
_cell.angle_beta         90.00 
_cell.angle_gamma        90.00 
_cell.Z_PDB              8 
_cell.pdbx_unique_axis   ? 
# 
_symmetry.entry_id                         1A5X 
_symmetry.space_group_name_H-M             'P 43 21 2' 
_symmetry.pdbx_full_space_group_name_H-M   ? 
_symmetry.cell_setting                     ? 
_symmetry.Int_Tables_number                96 
# 
_exptl.entry_id          1A5X 
_exptl.method            'X-RAY DIFFRACTION' 
_exptl.crystals_number   1 
# 
_exptl_crystal.id                    1 
_exptl_crystal.density_meas          ? 
_exptl_crystal.density_Matthews      2.52 
_exptl_crystal.density_percent_sol   38. 
_exptl_crystal.description           ? 
# 
_exptl_crystal_grow.crystal_id      1 
_exptl_crystal_grow.method          ? 
_exptl_crystal_grow.temp            ? 
_exptl_crystal_grow.temp_details    ? 
_exptl_crystal_grow.pH              7.5 
_exptl_crystal_grow.pdbx_pH_range   ? 
_exptl_crystal_grow.pdbx_details    '20% PEG 4000, 10% ISOPROPANOL, 0.1M HEPES, PH 7.5' 
# 
_diffrn.id                     1 
_diffrn.ambient_temp           295 
_diffrn.ambient_temp_details   ? 
_diffrn.crystal_id             1 
# 
_diffrn_detector.diffrn_id              1 
_diffrn_detector.detector               'IMAGE PLATE' 
_diffrn_detector.type                   MACSCIENCE 
_diffrn_detector.pdbx_collection_date   1997-08-17 
_diffrn_detector.details                MIRRORS 
# 
_diffrn_radiation.diffrn_id                        1 
_diffrn_radiation.wavelength_id                    1 
_diffrn_radiation.pdbx_monochromatic_or_laue_m_l   M 
_diffrn_radiation.monochromator                    'DOUBLE CRYSTAL SI(111)' 
_diffrn_radiation.pdbx_diffrn_protocol             ? 
_diffrn_radiation.pdbx_scattering_type             x-ray 
# 
_diffrn_radiation_wavelength.id           1 
_diffrn_radiation_wavelength.wavelength   1.5418 
_diffrn_radiation_wavelength.wt           1.0 
# 
_diffrn_source.diffrn_id                   1 
_diffrn_source.source                      'ROTATING ANODE' 
_diffrn_source.type                        'ENRAF-NONIUS FR591' 
_diffrn_source.pdbx_synchrotron_site       ? 
_diffrn_source.pdbx_synchrotron_beamline   ? 
_diffrn_source.pdbx_wavelength             1.5418 
_diffrn_source.pdbx_wavelength_list        ? 
# 
_reflns.entry_id                     1A5X 
_reflns.observed_criterion_sigma_I   -3.0 
_reflns.observed_criterion_sigma_F   ? 
_reflns.d_resolution_low             20.0 
_reflns.d_resolution_high            1.9 
_reflns.number_obs                   14942 
_reflns.number_all                   ? 
_reflns.percent_possible_obs         99.9 
_reflns.pdbx_Rmerge_I_obs            ? 
_reflns.pdbx_Rsym_value              0.0580000 
_reflns.pdbx_netI_over_sigmaI        16.6 
_reflns.B_iso_Wilson_estimate        ? 
_reflns.pdbx_redundancy              7.72 
_reflns.pdbx_diffrn_id               1 
_reflns.pdbx_ordinal                 1 
# 
_reflns_shell.d_res_high             1.9 
_reflns_shell.d_res_low              1.97 
_reflns_shell.percent_possible_all   99.6 
_reflns_shell.Rmerge_I_obs           ? 
_reflns_shell.pdbx_Rsym_value        0.3730000 
_reflns_shell.meanI_over_sigI_obs    ? 
_reflns_shell.pdbx_redundancy        ? 
_reflns_shell.pdbx_diffrn_id         ? 
_reflns_shell.pdbx_ordinal           1 
# 
_refine.entry_id                                 1A5X 
_refine.ls_number_reflns_obs                     13681 
_refine.ls_number_reflns_all                     ? 
_refine.pdbx_ls_sigma_I                          ? 
_refine.pdbx_ls_sigma_F                          2.0 
_refine.pdbx_data_cutoff_high_absF               100000. 
_refine.pdbx_data_cutoff_low_absF                0.1 
_refine.pdbx_data_cutoff_high_rms_absF           ? 
_refine.ls_d_res_low                             8.0 
_refine.ls_d_res_high                            1.9 
_refine.ls_percent_reflns_obs                    93.3 
_refine.ls_R_factor_obs                          0.1550000 
_refine.ls_R_factor_all                          ? 
_refine.ls_R_factor_R_work                       0.1550000 
_refine.ls_R_factor_R_free                       0.2120000 
_refine.ls_R_factor_R_free_error                 ? 
_refine.ls_R_factor_R_free_error_details         ? 
_refine.ls_percent_reflns_R_free                 10. 
_refine.ls_number_reflns_R_free                  1351 
_refine.ls_number_parameters                     ? 
_refine.ls_number_restraints                     ? 
_refine.occupancy_min                            ? 
_refine.occupancy_max                            ? 
_refine.B_iso_mean                               30.26 
_refine.aniso_B[1][1]                            ? 
_refine.aniso_B[2][2]                            ? 
_refine.aniso_B[3][3]                            ? 
_refine.aniso_B[1][2]                            ? 
_refine.aniso_B[1][3]                            ? 
_refine.aniso_B[2][3]                            ? 
_refine.solvent_model_details                    ? 
_refine.solvent_model_param_ksol                 ? 
_refine.solvent_model_param_bsol                 ? 
_refine.pdbx_ls_cross_valid_method               'FREE R' 
_refine.details                                  
;ATOMIC OCCUPANCIES OF DISORDERED ATOMS ARE SET TO 0.00 IN
THE COORDINATES.
;
_refine.pdbx_starting_model                      'PDB ENTRY 1ASV' 
_refine.pdbx_method_to_determine_struct          'MOLECULAR REPLACEMENT' 
_refine.pdbx_isotropic_thermal_model             ? 
_refine.pdbx_stereochemistry_target_values       ? 
_refine.pdbx_stereochem_target_val_spec_case     ? 
_refine.pdbx_R_Free_selection_details            RANDOM 
_refine.pdbx_overall_ESU_R                       ? 
_refine.pdbx_overall_ESU_R_Free                  ? 
_refine.overall_SU_ML                            ? 
_refine.overall_SU_B                             ? 
_refine.pdbx_refine_id                           'X-RAY DIFFRACTION' 
_refine.pdbx_diffrn_id                           1 
_refine.pdbx_TLS_residual_ADP_flag               ? 
_refine.correlation_coeff_Fo_to_Fc               ? 
_refine.correlation_coeff_Fo_to_Fc_free          ? 
_refine.pdbx_solvent_vdw_probe_radii             ? 
_refine.pdbx_solvent_ion_probe_radii             ? 
_refine.pdbx_solvent_shrinkage_radii             ? 
_refine.pdbx_overall_phase_error                 ? 
_refine.overall_SU_R_Cruickshank_DPI             ? 
_refine.pdbx_overall_SU_R_free_Cruickshank_DPI   ? 
_refine.pdbx_overall_SU_R_Blow_DPI               ? 
_refine.pdbx_overall_SU_R_free_Blow_DPI          ? 
# 
_refine_hist.pdbx_refine_id                   'X-RAY DIFFRACTION' 
_refine_hist.cycle_id                         LAST 
_refine_hist.pdbx_number_atoms_protein        1130 
_refine_hist.pdbx_number_atoms_nucleic_acid   0 
_refine_hist.pdbx_number_atoms_ligand         23 
_refine_hist.number_atoms_solvent             169 
_refine_hist.number_atoms_total               1322 
_refine_hist.d_res_high                       1.9 
_refine_hist.d_res_low                        8.0 
# 
loop_
_refine_ls_restr.type 
_refine_ls_restr.dev_ideal 
_refine_ls_restr.dev_ideal_target 
_refine_ls_restr.weight 
_refine_ls_restr.number 
_refine_ls_restr.pdbx_refine_id 
_refine_ls_restr.pdbx_restraint_function 
x_bond_d                0.012 ? ? ? 'X-RAY DIFFRACTION' ? 
x_bond_d_na             ?     ? ? ? 'X-RAY DIFFRACTION' ? 
x_bond_d_prot           ?     ? ? ? 'X-RAY DIFFRACTION' ? 
x_angle_d               ?     ? ? ? 'X-RAY DIFFRACTION' ? 
x_angle_d_na            ?     ? ? ? 'X-RAY DIFFRACTION' ? 
x_angle_d_prot          ?     ? ? ? 'X-RAY DIFFRACTION' ? 
x_angle_deg             1.67  ? ? ? 'X-RAY DIFFRACTION' ? 
x_angle_deg_na          ?     ? ? ? 'X-RAY DIFFRACTION' ? 
x_angle_deg_prot        ?     ? ? ? 'X-RAY DIFFRACTION' ? 
x_dihedral_angle_d      23.37 ? ? ? 'X-RAY DIFFRACTION' ? 
x_dihedral_angle_d_na   ?     ? ? ? 'X-RAY DIFFRACTION' ? 
x_dihedral_angle_d_prot ?     ? ? ? 'X-RAY DIFFRACTION' ? 
x_improper_angle_d      1.99  ? ? ? 'X-RAY DIFFRACTION' ? 
x_improper_angle_d_na   ?     ? ? ? 'X-RAY DIFFRACTION' ? 
x_improper_angle_d_prot ?     ? ? ? 'X-RAY DIFFRACTION' ? 
x_mcbond_it             ?     ? ? ? 'X-RAY DIFFRACTION' ? 
x_mcangle_it            ?     ? ? ? 'X-RAY DIFFRACTION' ? 
x_scbond_it             ?     ? ? ? 'X-RAY DIFFRACTION' ? 
x_scangle_it            ?     ? ? ? 'X-RAY DIFFRACTION' ? 
# 
_refine_ls_shell.pdbx_total_number_of_bins_used   8 
_refine_ls_shell.d_res_high                       1.9 
_refine_ls_shell.d_res_low                        1.99 
_refine_ls_shell.number_reflns_R_work             1326 
_refine_ls_shell.R_factor_R_work                  0.2112000 
_refine_ls_shell.percent_reflns_obs               83.3 
_refine_ls_shell.R_factor_R_free                  0.2252000 
_refine_ls_shell.R_factor_R_free_error            ? 
_refine_ls_shell.percent_reflns_R_free            10. 
_refine_ls_shell.number_reflns_R_free             163 
_refine_ls_shell.pdbx_refine_id                   'X-RAY DIFFRACTION' 
_refine_ls_shell.number_reflns_all                ? 
_refine_ls_shell.R_factor_all                     ? 
# 
loop_
_pdbx_xplor_file.serial_no 
_pdbx_xplor_file.param_file 
_pdbx_xplor_file.topol_file 
_pdbx_xplor_file.pdbx_refine_id 
1 PARHCSDX_FY.PRO        TOPHCSDX_FY.PRO       'X-RAY DIFFRACTION' 
2 PARAM_SIMPLE.INHIBITOR TOPH_SIMPLE.INHIBITOR 'X-RAY DIFFRACTION' 
3 PARAM19.SOLV           TOPH19.SOLV           'X-RAY DIFFRACTION' 
# 
_struct.entry_id                  1A5X 
_struct.title                     'ASV INTEGRASE CORE DOMAIN WITH HIV-1 INTEGRASE INHIBITOR Y3' 
_struct.pdbx_model_details        ? 
_struct.pdbx_CASP_flag            ? 
_struct.pdbx_model_type_details   ? 
# 
_struct_keywords.entry_id        1A5X 
_struct_keywords.pdbx_keywords   HYDROLASE 
_struct_keywords.text            'HYDROLASE, ENDONUCLEASE, HIV-1 INTEGRASE INHIBITOR' 
# 
loop_
_struct_asym.id 
_struct_asym.pdbx_blank_PDB_chainid_flag 
_struct_asym.pdbx_modified 
_struct_asym.entity_id 
_struct_asym.details 
A N N 1 ? 
B N N 2 ? 
C N N 3 ? 
# 
_struct_ref.id                         1 
_struct_ref.db_name                    UNP 
_struct_ref.db_code                    POL_RSVP 
_struct_ref.pdbx_db_accession          P03354 
_struct_ref.entity_id                  1 
_struct_ref.pdbx_align_begin           624 
_struct_ref.pdbx_db_isoform            ? 
_struct_ref.pdbx_seq_one_letter_code   ? 
# 
_struct_ref_seq.align_id                      1 
_struct_ref_seq.ref_id                        1 
_struct_ref_seq.pdbx_PDB_id_code              1A5X 
_struct_ref_seq.pdbx_strand_id                A 
_struct_ref_seq.seq_align_beg                 1 
_struct_ref_seq.pdbx_seq_align_beg_ins_code   ? 
_struct_ref_seq.seq_align_end                 156 
_struct_ref_seq.pdbx_seq_align_end_ins_code   ? 
_struct_ref_seq.pdbx_db_accession             P03354 
_struct_ref_seq.db_align_beg                  624 
_struct_ref_seq.pdbx_db_align_beg_ins_code    ? 
_struct_ref_seq.db_align_end                  779 
_struct_ref_seq.pdbx_db_align_end_ins_code    ? 
_struct_ref_seq.pdbx_auth_seq_align_beg       52 
_struct_ref_seq.pdbx_auth_seq_align_end       207 
# 
loop_
_struct_ref_seq_dif.align_id 
_struct_ref_seq_dif.pdbx_pdb_id_code 
_struct_ref_seq_dif.mon_id 
_struct_ref_seq_dif.pdbx_pdb_strand_id 
_struct_ref_seq_dif.seq_num 
_struct_ref_seq_dif.pdbx_pdb_ins_code 
_struct_ref_seq_dif.pdbx_seq_db_name 
_struct_ref_seq_dif.pdbx_seq_db_accession_code 
_struct_ref_seq_dif.db_mon_id 
_struct_ref_seq_dif.pdbx_seq_db_seq_num 
_struct_ref_seq_dif.details 
_struct_ref_seq_dif.pdbx_auth_seq_num 
_struct_ref_seq_dif.pdbx_ordinal 
1 1A5X ALA A 50  ? UNP P03354 VAL 673 variant 101 1 
1 1A5X LYS A 115 ? UNP P03354 ARG 738 variant 166 2 
# 
_pdbx_struct_assembly.id                   1 
_pdbx_struct_assembly.details              author_defined_assembly 
_pdbx_struct_assembly.method_details       ? 
_pdbx_struct_assembly.oligomeric_details   dimeric 
_pdbx_struct_assembly.oligomeric_count     2 
# 
_pdbx_struct_assembly_gen.assembly_id       1 
_pdbx_struct_assembly_gen.oper_expression   1,2 
_pdbx_struct_assembly_gen.asym_id_list      A,B,C 
# 
loop_
_pdbx_struct_oper_list.id 
_pdbx_struct_oper_list.type 
_pdbx_struct_oper_list.name 
_pdbx_struct_oper_list.symmetry_operation 
_pdbx_struct_oper_list.matrix[1][1] 
_pdbx_struct_oper_list.matrix[1][2] 
_pdbx_struct_oper_list.matrix[1][3] 
_pdbx_struct_oper_list.vector[1] 
_pdbx_struct_oper_list.matrix[2][1] 
_pdbx_struct_oper_list.matrix[2][2] 
_pdbx_struct_oper_list.matrix[2][3] 
_pdbx_struct_oper_list.vector[2] 
_pdbx_struct_oper_list.matrix[3][1] 
_pdbx_struct_oper_list.matrix[3][2] 
_pdbx_struct_oper_list.matrix[3][3] 
_pdbx_struct_oper_list.vector[3] 
1 'identity operation'         1_555 x,y,z            1.0000000000 0.0000000000  0.0000000000  0.0000000000  0.0000000000  1.0000000000  0.0000000000 0.0000000000  0.0000000000  0.0000000000 1.0000000000  0.0000000000  
2 'crystal symmetry operation' 8_666 -y+1,-x+1,-z+3/2 0.5997647421 -0.0068670631 -0.8001469225 15.5041116522 -0.0068670631 -0.9999705228 0.0034346672 -1.3303361593 -0.8001469225 0.0034346672 -0.5997942193 31.0093883814 
# 
_struct_biol.id        1 
_struct_biol.details   
;THE AUTHOR MAINTAINS THAT THE BIOLOGICAL UNIT IS NOT YET KNOWN.  
THE MINIMUM MULTIMER IS BELIEVED TO CONTAIN AT LEAST THE DIMER
GENERATED BT THE TRANSFORMATION IN REMARK 350, SHOWN IN
BOTH HIV-1 AND ASV INTEGRASE CORE DOMAIN STRUCTURES.
;
# 
loop_
_struct_conf.conf_type_id 
_struct_conf.id 
_struct_conf.pdbx_PDB_helix_id 
_struct_conf.beg_label_comp_id 
_struct_conf.beg_label_asym_id 
_struct_conf.beg_label_seq_id 
_struct_conf.pdbx_beg_PDB_ins_code 
_struct_conf.end_label_comp_id 
_struct_conf.end_label_asym_id 
_struct_conf.end_label_seq_id 
_struct_conf.pdbx_end_PDB_ins_code 
_struct_conf.beg_auth_comp_id 
_struct_conf.beg_auth_asym_id 
_struct_conf.beg_auth_seq_id 
_struct_conf.end_auth_comp_id 
_struct_conf.end_auth_asym_id 
_struct_conf.end_auth_seq_id 
_struct_conf.pdbx_PDB_helix_class 
_struct_conf.details 
_struct_conf.pdbx_PDB_helix_length 
HELX_P HELX_P1 1 PRO A 18  ? MET A 20  ? PRO A 69  MET A 71  5 ? 3  
HELX_P HELX_P2 2 SER A 47  ? LEU A 61  ? SER A 98  LEU A 112 1 ? 15 
HELX_P HELX_P3 3 SER A 73  ? THR A 76  ? SER A 124 THR A 127 1 ? 4  
HELX_P HELX_P4 4 LYS A 78  ? TRP A 87  ? LYS A 129 TRP A 138 1 ? 10 
HELX_P HELX_P5 5 ALA A 103 ? ASP A 123 ? ALA A 154 ASP A 174 1 ? 21 
HELX_P HELX_P6 6 THR A 131 ? ASN A 146 ? THR A 182 ASN A 197 1 ? 16 
# 
_struct_conf_type.id          HELX_P 
_struct_conf_type.criteria    ? 
_struct_conf_type.reference   ? 
# 
_struct_mon_prot_cis.pdbx_id                1 
_struct_mon_prot_cis.label_comp_id          ALA 
_struct_mon_prot_cis.label_seq_id           21 
_struct_mon_prot_cis.label_asym_id          A 
_struct_mon_prot_cis.label_alt_id           . 
_struct_mon_prot_cis.pdbx_PDB_ins_code      ? 
_struct_mon_prot_cis.auth_comp_id           ALA 
_struct_mon_prot_cis.auth_seq_id            72 
_struct_mon_prot_cis.auth_asym_id           A 
_struct_mon_prot_cis.pdbx_label_comp_id_2   PRO 
_struct_mon_prot_cis.pdbx_label_seq_id_2    22 
_struct_mon_prot_cis.pdbx_label_asym_id_2   A 
_struct_mon_prot_cis.pdbx_PDB_ins_code_2    ? 
_struct_mon_prot_cis.pdbx_auth_comp_id_2    PRO 
_struct_mon_prot_cis.pdbx_auth_seq_id_2     73 
_struct_mon_prot_cis.pdbx_auth_asym_id_2    A 
_struct_mon_prot_cis.pdbx_PDB_model_num     1 
_struct_mon_prot_cis.pdbx_omega_angle       10.90 
# 
_struct_sheet.id               A 
_struct_sheet.type             ? 
_struct_sheet.number_strands   5 
_struct_sheet.details          ? 
# 
loop_
_struct_sheet_order.sheet_id 
_struct_sheet_order.range_id_1 
_struct_sheet_order.range_id_2 
_struct_sheet_order.offset 
_struct_sheet_order.sense 
A 1 2 ? anti-parallel 
A 2 3 ? anti-parallel 
A 3 4 ? parallel      
A 4 5 ? parallel      
# 
loop_
_struct_sheet_range.sheet_id 
_struct_sheet_range.id 
_struct_sheet_range.beg_label_comp_id 
_struct_sheet_range.beg_label_asym_id 
_struct_sheet_range.beg_label_seq_id 
_struct_sheet_range.pdbx_beg_PDB_ins_code 
_struct_sheet_range.end_label_comp_id 
_struct_sheet_range.end_label_asym_id 
_struct_sheet_range.end_label_seq_id 
_struct_sheet_range.pdbx_end_PDB_ins_code 
_struct_sheet_range.beg_auth_comp_id 
_struct_sheet_range.beg_auth_asym_id 
_struct_sheet_range.beg_auth_seq_id 
_struct_sheet_range.end_auth_comp_id 
_struct_sheet_range.end_auth_asym_id 
_struct_sheet_range.end_auth_seq_id 
A 1 ILE A 37 ? HIS A 42 ? ILE A 88  HIS A 93  
A 2 TRP A 25 ? ASP A 31 ? TRP A 76  ASP A 82  
A 3 ILE A 9  ? LEU A 16 ? ILE A 60  LEU A 67  
A 4 ALA A 66 ? LYS A 68 ? ALA A 117 LYS A 119 
A 5 ALA A 90 ? THR A 92 ? ALA A 141 THR A 143 
# 
loop_
_pdbx_struct_sheet_hbond.sheet_id 
_pdbx_struct_sheet_hbond.range_id_1 
_pdbx_struct_sheet_hbond.range_id_2 
_pdbx_struct_sheet_hbond.range_1_label_atom_id 
_pdbx_struct_sheet_hbond.range_1_label_comp_id 
_pdbx_struct_sheet_hbond.range_1_label_asym_id 
_pdbx_struct_sheet_hbond.range_1_label_seq_id 
_pdbx_struct_sheet_hbond.range_1_PDB_ins_code 
_pdbx_struct_sheet_hbond.range_1_auth_atom_id 
_pdbx_struct_sheet_hbond.range_1_auth_comp_id 
_pdbx_struct_sheet_hbond.range_1_auth_asym_id 
_pdbx_struct_sheet_hbond.range_1_auth_seq_id 
_pdbx_struct_sheet_hbond.range_2_label_atom_id 
_pdbx_struct_sheet_hbond.range_2_label_comp_id 
_pdbx_struct_sheet_hbond.range_2_label_asym_id 
_pdbx_struct_sheet_hbond.range_2_label_seq_id 
_pdbx_struct_sheet_hbond.range_2_PDB_ins_code 
_pdbx_struct_sheet_hbond.range_2_auth_atom_id 
_pdbx_struct_sheet_hbond.range_2_auth_comp_id 
_pdbx_struct_sheet_hbond.range_2_auth_asym_id 
_pdbx_struct_sheet_hbond.range_2_auth_seq_id 
A 1 2 O VAL A 38 ? O VAL A 89  N THR A 29 ? N THR A 80  
A 2 3 O LEU A 26 ? O LEU A 77  N THR A 15 ? N THR A 66  
A 3 4 O TRP A 10 ? O TRP A 61  N ALA A 66 ? N ALA A 117 
A 4 5 O ILE A 67 ? O ILE A 118 N ALA A 90 ? N ALA A 141 
# 
loop_
_struct_site.id 
_struct_site.pdbx_evidence_code 
_struct_site.pdbx_auth_asym_id 
_struct_site.pdbx_auth_comp_id 
_struct_site.pdbx_auth_seq_id 
_struct_site.pdbx_auth_ins_code 
_struct_site.pdbx_num_residues 
_struct_site.details 
ACT Unknown  ? ?  ? ? 3  'ACTIVE SITE.'                    
AC1 Software A Y3 1 ? 11 'BINDING SITE FOR RESIDUE Y3 A 1' 
# 
loop_
_struct_site_gen.id 
_struct_site_gen.site_id 
_struct_site_gen.pdbx_num_res 
_struct_site_gen.label_comp_id 
_struct_site_gen.label_asym_id 
_struct_site_gen.label_seq_id 
_struct_site_gen.pdbx_auth_ins_code 
_struct_site_gen.auth_comp_id 
_struct_site_gen.auth_asym_id 
_struct_site_gen.auth_seq_id 
_struct_site_gen.label_atom_id 
_struct_site_gen.label_alt_id 
_struct_site_gen.symmetry 
_struct_site_gen.details 
1  ACT 3  ASP A 13  ? ASP A 64  . ? 1_555 ? 
2  ACT 3  ASP A 70  ? ASP A 121 . ? 1_555 ? 
3  ACT 3  GLU A 106 ? GLU A 157 . ? 1_555 ? 
4  AC1 11 GLN A 11  ? GLN A 62  . ? 1_555 ? 
5  AC1 11 LYS A 68  ? LYS A 119 . ? 8_666 ? 
6  AC1 11 LYS A 68  ? LYS A 119 . ? 1_555 ? 
7  AC1 11 ILE A 95  ? ILE A 146 . ? 8_666 ? 
8  AC1 11 GLN A 102 ? GLN A 153 . ? 8_666 ? 
9  AC1 11 ALA A 103 ? ALA A 154 . ? 1_555 ? 
10 AC1 11 MET A 104 ? MET A 155 . ? 1_555 ? 
11 AC1 11 HOH C .   ? HOH A 265 . ? 1_555 ? 
12 AC1 11 HOH C .   ? HOH A 299 . ? 8_666 ? 
13 AC1 11 HOH C .   ? HOH A 299 . ? 1_555 ? 
14 AC1 11 HOH C .   ? HOH A 333 . ? 8_666 ? 
# 
loop_
_pdbx_validate_torsion.id 
_pdbx_validate_torsion.PDB_model_num 
_pdbx_validate_torsion.auth_comp_id 
_pdbx_validate_torsion.auth_asym_id 
_pdbx_validate_torsion.auth_seq_id 
_pdbx_validate_torsion.PDB_ins_code 
_pdbx_validate_torsion.label_alt_id 
_pdbx_validate_torsion.phi 
_pdbx_validate_torsion.psi 
1 1 ASP A 121 ? ? -79.34  -161.46 
2 1 PRO A 147 ? ? -73.65  -166.53 
3 1 GLN A 153 ? ? -63.56  80.82   
4 1 LYS A 178 ? ? -119.13 -123.90 
# 
_pdbx_entry_details.entry_id                 1A5X 
_pdbx_entry_details.compound_details         ? 
_pdbx_entry_details.source_details           ? 
_pdbx_entry_details.nonpolymer_details       ? 
_pdbx_entry_details.sequence_details         
;THE APPARENT DISCREPANCY BETWEEN THE SEQUENCE PRESENTED
HERE AND THE "POL_RSVP" SEQUENCE IS A RESULT OF VIRAL
STRAIN VARIATION.  THE STRAIN USED FOR THIS WORK,
"ROUS SARCOMA VIRUS SCHMIDT-RUPPIN B", COMPARED TO
"POL-RSVP" SEQUENCE DIFFERS AT TWO POSITIONS WITH THE
CONSERVATIVE AMINO ACID RESIDUE DIFFERENCES NOTED
(VAL -> ALA 101 AND ARG -> LYS 166).
;
_pdbx_entry_details.has_ligand_of_interest   ? 
# 
loop_
_pdbx_unobs_or_zero_occ_residues.id 
_pdbx_unobs_or_zero_occ_residues.PDB_model_num 
_pdbx_unobs_or_zero_occ_residues.polymer_flag 
_pdbx_unobs_or_zero_occ_residues.occupancy_flag 
_pdbx_unobs_or_zero_occ_residues.auth_asym_id 
_pdbx_unobs_or_zero_occ_residues.auth_comp_id 
_pdbx_unobs_or_zero_occ_residues.auth_seq_id 
_pdbx_unobs_or_zero_occ_residues.PDB_ins_code 
_pdbx_unobs_or_zero_occ_residues.label_asym_id 
_pdbx_unobs_or_zero_occ_residues.label_comp_id 
_pdbx_unobs_or_zero_occ_residues.label_seq_id 
1  1 Y 1 A PRO 52  ? A PRO 1   
2  1 Y 1 A ARG 53  ? A ARG 2   
3  1 Y 0 A GLY 54  ? A GLY 3   
4  1 Y 0 A PRO 147 ? A PRO 96  
5  1 Y 0 A GLY 148 ? A GLY 97  
6  1 Y 0 A ASN 149 ? A ASN 98  
7  1 Y 0 A SER 150 ? A SER 99  
8  1 Y 0 A GLN 151 ? A GLN 100 
9  1 Y 0 A GLY 152 ? A GLY 101 
10 1 Y 1 A GLU 200 ? A GLU 149 
11 1 Y 1 A ARG 201 ? A ARG 150 
12 1 Y 1 A GLY 202 ? A GLY 151 
13 1 Y 1 A GLU 203 ? A GLU 152 
14 1 Y 1 A ASN 204 ? A ASN 153 
15 1 Y 1 A THR 205 ? A THR 154 
16 1 Y 1 A LYS 206 ? A LYS 155 
17 1 Y 1 A THR 207 ? A THR 156 
18 1 Y 1 A ASN 208 ? A ASN 157 
19 1 Y 1 A LEU 209 ? A LEU 158 
# 
loop_
_chem_comp_atom.comp_id 
_chem_comp_atom.atom_id 
_chem_comp_atom.type_symbol 
_chem_comp_atom.pdbx_aromatic_flag 
_chem_comp_atom.pdbx_stereo_config 
_chem_comp_atom.pdbx_ordinal 
ALA N    N N N 1   
ALA CA   C N S 2   
ALA C    C N N 3   
ALA O    O N N 4   
ALA CB   C N N 5   
ALA OXT  O N N 6   
ALA H    H N N 7   
ALA H2   H N N 8   
ALA HA   H N N 9   
ALA HB1  H N N 10  
ALA HB2  H N N 11  
ALA HB3  H N N 12  
ALA HXT  H N N 13  
ARG N    N N N 14  
ARG CA   C N S 15  
ARG C    C N N 16  
ARG O    O N N 17  
ARG CB   C N N 18  
ARG CG   C N N 19  
ARG CD   C N N 20  
ARG NE   N N N 21  
ARG CZ   C N N 22  
ARG NH1  N N N 23  
ARG NH2  N N N 24  
ARG OXT  O N N 25  
ARG H    H N N 26  
ARG H2   H N N 27  
ARG HA   H N N 28  
ARG HB2  H N N 29  
ARG HB3  H N N 30  
ARG HG2  H N N 31  
ARG HG3  H N N 32  
ARG HD2  H N N 33  
ARG HD3  H N N 34  
ARG HE   H N N 35  
ARG HH11 H N N 36  
ARG HH12 H N N 37  
ARG HH21 H N N 38  
ARG HH22 H N N 39  
ARG HXT  H N N 40  
ASN N    N N N 41  
ASN CA   C N S 42  
ASN C    C N N 43  
ASN O    O N N 44  
ASN CB   C N N 45  
ASN CG   C N N 46  
ASN OD1  O N N 47  
ASN ND2  N N N 48  
ASN OXT  O N N 49  
ASN H    H N N 50  
ASN H2   H N N 51  
ASN HA   H N N 52  
ASN HB2  H N N 53  
ASN HB3  H N N 54  
ASN HD21 H N N 55  
ASN HD22 H N N 56  
ASN HXT  H N N 57  
ASP N    N N N 58  
ASP CA   C N S 59  
ASP C    C N N 60  
ASP O    O N N 61  
ASP CB   C N N 62  
ASP CG   C N N 63  
ASP OD1  O N N 64  
ASP OD2  O N N 65  
ASP OXT  O N N 66  
ASP H    H N N 67  
ASP H2   H N N 68  
ASP HA   H N N 69  
ASP HB2  H N N 70  
ASP HB3  H N N 71  
ASP HD2  H N N 72  
ASP HXT  H N N 73  
CYS N    N N N 74  
CYS CA   C N R 75  
CYS C    C N N 76  
CYS O    O N N 77  
CYS CB   C N N 78  
CYS SG   S N N 79  
CYS OXT  O N N 80  
CYS H    H N N 81  
CYS H2   H N N 82  
CYS HA   H N N 83  
CYS HB2  H N N 84  
CYS HB3  H N N 85  
CYS HG   H N N 86  
CYS HXT  H N N 87  
GLN N    N N N 88  
GLN CA   C N S 89  
GLN C    C N N 90  
GLN O    O N N 91  
GLN CB   C N N 92  
GLN CG   C N N 93  
GLN CD   C N N 94  
GLN OE1  O N N 95  
GLN NE2  N N N 96  
GLN OXT  O N N 97  
GLN H    H N N 98  
GLN H2   H N N 99  
GLN HA   H N N 100 
GLN HB2  H N N 101 
GLN HB3  H N N 102 
GLN HG2  H N N 103 
GLN HG3  H N N 104 
GLN HE21 H N N 105 
GLN HE22 H N N 106 
GLN HXT  H N N 107 
GLU N    N N N 108 
GLU CA   C N S 109 
GLU C    C N N 110 
GLU O    O N N 111 
GLU CB   C N N 112 
GLU CG   C N N 113 
GLU CD   C N N 114 
GLU OE1  O N N 115 
GLU OE2  O N N 116 
GLU OXT  O N N 117 
GLU H    H N N 118 
GLU H2   H N N 119 
GLU HA   H N N 120 
GLU HB2  H N N 121 
GLU HB3  H N N 122 
GLU HG2  H N N 123 
GLU HG3  H N N 124 
GLU HE2  H N N 125 
GLU HXT  H N N 126 
GLY N    N N N 127 
GLY CA   C N N 128 
GLY C    C N N 129 
GLY O    O N N 130 
GLY OXT  O N N 131 
GLY H    H N N 132 
GLY H2   H N N 133 
GLY HA2  H N N 134 
GLY HA3  H N N 135 
GLY HXT  H N N 136 
HIS N    N N N 137 
HIS CA   C N S 138 
HIS C    C N N 139 
HIS O    O N N 140 
HIS CB   C N N 141 
HIS CG   C Y N 142 
HIS ND1  N Y N 143 
HIS CD2  C Y N 144 
HIS CE1  C Y N 145 
HIS NE2  N Y N 146 
HIS OXT  O N N 147 
HIS H    H N N 148 
HIS H2   H N N 149 
HIS HA   H N N 150 
HIS HB2  H N N 151 
HIS HB3  H N N 152 
HIS HD1  H N N 153 
HIS HD2  H N N 154 
HIS HE1  H N N 155 
HIS HE2  H N N 156 
HIS HXT  H N N 157 
HOH O    O N N 158 
HOH H1   H N N 159 
HOH H2   H N N 160 
ILE N    N N N 161 
ILE CA   C N S 162 
ILE C    C N N 163 
ILE O    O N N 164 
ILE CB   C N S 165 
ILE CG1  C N N 166 
ILE CG2  C N N 167 
ILE CD1  C N N 168 
ILE OXT  O N N 169 
ILE H    H N N 170 
ILE H2   H N N 171 
ILE HA   H N N 172 
ILE HB   H N N 173 
ILE HG12 H N N 174 
ILE HG13 H N N 175 
ILE HG21 H N N 176 
ILE HG22 H N N 177 
ILE HG23 H N N 178 
ILE HD11 H N N 179 
ILE HD12 H N N 180 
ILE HD13 H N N 181 
ILE HXT  H N N 182 
LEU N    N N N 183 
LEU CA   C N S 184 
LEU C    C N N 185 
LEU O    O N N 186 
LEU CB   C N N 187 
LEU CG   C N N 188 
LEU CD1  C N N 189 
LEU CD2  C N N 190 
LEU OXT  O N N 191 
LEU H    H N N 192 
LEU H2   H N N 193 
LEU HA   H N N 194 
LEU HB2  H N N 195 
LEU HB3  H N N 196 
LEU HG   H N N 197 
LEU HD11 H N N 198 
LEU HD12 H N N 199 
LEU HD13 H N N 200 
LEU HD21 H N N 201 
LEU HD22 H N N 202 
LEU HD23 H N N 203 
LEU HXT  H N N 204 
LYS N    N N N 205 
LYS CA   C N S 206 
LYS C    C N N 207 
LYS O    O N N 208 
LYS CB   C N N 209 
LYS CG   C N N 210 
LYS CD   C N N 211 
LYS CE   C N N 212 
LYS NZ   N N N 213 
LYS OXT  O N N 214 
LYS H    H N N 215 
LYS H2   H N N 216 
LYS HA   H N N 217 
LYS HB2  H N N 218 
LYS HB3  H N N 219 
LYS HG2  H N N 220 
LYS HG3  H N N 221 
LYS HD2  H N N 222 
LYS HD3  H N N 223 
LYS HE2  H N N 224 
LYS HE3  H N N 225 
LYS HZ1  H N N 226 
LYS HZ2  H N N 227 
LYS HZ3  H N N 228 
LYS HXT  H N N 229 
MET N    N N N 230 
MET CA   C N S 231 
MET C    C N N 232 
MET O    O N N 233 
MET CB   C N N 234 
MET CG   C N N 235 
MET SD   S N N 236 
MET CE   C N N 237 
MET OXT  O N N 238 
MET H    H N N 239 
MET H2   H N N 240 
MET HA   H N N 241 
MET HB2  H N N 242 
MET HB3  H N N 243 
MET HG2  H N N 244 
MET HG3  H N N 245 
MET HE1  H N N 246 
MET HE2  H N N 247 
MET HE3  H N N 248 
MET HXT  H N N 249 
PHE N    N N N 250 
PHE CA   C N S 251 
PHE C    C N N 252 
PHE O    O N N 253 
PHE CB   C N N 254 
PHE CG   C Y N 255 
PHE CD1  C Y N 256 
PHE CD2  C Y N 257 
PHE CE1  C Y N 258 
PHE CE2  C Y N 259 
PHE CZ   C Y N 260 
PHE OXT  O N N 261 
PHE H    H N N 262 
PHE H2   H N N 263 
PHE HA   H N N 264 
PHE HB2  H N N 265 
PHE HB3  H N N 266 
PHE HD1  H N N 267 
PHE HD2  H N N 268 
PHE HE1  H N N 269 
PHE HE2  H N N 270 
PHE HZ   H N N 271 
PHE HXT  H N N 272 
PRO N    N N N 273 
PRO CA   C N S 274 
PRO C    C N N 275 
PRO O    O N N 276 
PRO CB   C N N 277 
PRO CG   C N N 278 
PRO CD   C N N 279 
PRO OXT  O N N 280 
PRO H    H N N 281 
PRO HA   H N N 282 
PRO HB2  H N N 283 
PRO HB3  H N N 284 
PRO HG2  H N N 285 
PRO HG3  H N N 286 
PRO HD2  H N N 287 
PRO HD3  H N N 288 
PRO HXT  H N N 289 
SER N    N N N 290 
SER CA   C N S 291 
SER C    C N N 292 
SER O    O N N 293 
SER CB   C N N 294 
SER OG   O N N 295 
SER OXT  O N N 296 
SER H    H N N 297 
SER H2   H N N 298 
SER HA   H N N 299 
SER HB2  H N N 300 
SER HB3  H N N 301 
SER HG   H N N 302 
SER HXT  H N N 303 
THR N    N N N 304 
THR CA   C N S 305 
THR C    C N N 306 
THR O    O N N 307 
THR CB   C N R 308 
THR OG1  O N N 309 
THR CG2  C N N 310 
THR OXT  O N N 311 
THR H    H N N 312 
THR H2   H N N 313 
THR HA   H N N 314 
THR HB   H N N 315 
THR HG1  H N N 316 
THR HG21 H N N 317 
THR HG22 H N N 318 
THR HG23 H N N 319 
THR HXT  H N N 320 
TRP N    N N N 321 
TRP CA   C N S 322 
TRP C    C N N 323 
TRP O    O N N 324 
TRP CB   C N N 325 
TRP CG   C Y N 326 
TRP CD1  C Y N 327 
TRP CD2  C Y N 328 
TRP NE1  N Y N 329 
TRP CE2  C Y N 330 
TRP CE3  C Y N 331 
TRP CZ2  C Y N 332 
TRP CZ3  C Y N 333 
TRP CH2  C Y N 334 
TRP OXT  O N N 335 
TRP H    H N N 336 
TRP H2   H N N 337 
TRP HA   H N N 338 
TRP HB2  H N N 339 
TRP HB3  H N N 340 
TRP HD1  H N N 341 
TRP HE1  H N N 342 
TRP HE3  H N N 343 
TRP HZ2  H N N 344 
TRP HZ3  H N N 345 
TRP HH2  H N N 346 
TRP HXT  H N N 347 
TYR N    N N N 348 
TYR CA   C N S 349 
TYR C    C N N 350 
TYR O    O N N 351 
TYR CB   C N N 352 
TYR CG   C Y N 353 
TYR CD1  C Y N 354 
TYR CD2  C Y N 355 
TYR CE1  C Y N 356 
TYR CE2  C Y N 357 
TYR CZ   C Y N 358 
TYR OH   O N N 359 
TYR OXT  O N N 360 
TYR H    H N N 361 
TYR H2   H N N 362 
TYR HA   H N N 363 
TYR HB2  H N N 364 
TYR HB3  H N N 365 
TYR HD1  H N N 366 
TYR HD2  H N N 367 
TYR HE1  H N N 368 
TYR HE2  H N N 369 
TYR HH   H N N 370 
TYR HXT  H N N 371 
VAL N    N N N 372 
VAL CA   C N S 373 
VAL C    C N N 374 
VAL O    O N N 375 
VAL CB   C N N 376 
VAL CG1  C N N 377 
VAL CG2  C N N 378 
VAL OXT  O N N 379 
VAL H    H N N 380 
VAL H2   H N N 381 
VAL HA   H N N 382 
VAL HB   H N N 383 
VAL HG11 H N N 384 
VAL HG12 H N N 385 
VAL HG13 H N N 386 
VAL HG21 H N N 387 
VAL HG22 H N N 388 
VAL HG23 H N N 389 
VAL HXT  H N N 390 
Y3  C1   C Y N 391 
Y3  C2   C Y N 392 
Y3  C3   C Y N 393 
Y3  C4   C Y N 394 
Y3  C5   C Y N 395 
Y3  C6   C Y N 396 
Y3  C7   C Y N 397 
Y3  C8   C Y N 398 
Y3  C9   C Y N 399 
Y3  C10  C Y N 400 
Y3  S11  S N N 401 
Y3  O12  O N N 402 
Y3  O13  O N N 403 
Y3  O14  O N N 404 
Y3  N15  N N N 405 
Y3  C16  C N N 406 
Y3  O17  O N N 407 
Y3  C18  C N N 408 
Y3  S19  S N N 409 
Y3  O20  O N N 410 
Y3  O21  O N N 411 
Y3  O22  O N N 412 
Y3  O23  O N N 413 
Y3  H2   H N N 414 
Y3  H4   H N N 415 
Y3  H8   H N N 416 
Y3  H10  H N N 417 
Y3  HO4  H N N 418 
Y3  HN5  H N N 419 
Y3  H181 H N N 420 
Y3  H182 H N N 421 
Y3  H183 H N N 422 
Y3  HO2  H N N 423 
Y3  HO3  H N N 424 
# 
loop_
_chem_comp_bond.comp_id 
_chem_comp_bond.atom_id_1 
_chem_comp_bond.atom_id_2 
_chem_comp_bond.value_order 
_chem_comp_bond.pdbx_aromatic_flag 
_chem_comp_bond.pdbx_stereo_config 
_chem_comp_bond.pdbx_ordinal 
ALA N   CA   sing N N 1   
ALA N   H    sing N N 2   
ALA N   H2   sing N N 3   
ALA CA  C    sing N N 4   
ALA CA  CB   sing N N 5   
ALA CA  HA   sing N N 6   
ALA C   O    doub N N 7   
ALA C   OXT  sing N N 8   
ALA CB  HB1  sing N N 9   
ALA CB  HB2  sing N N 10  
ALA CB  HB3  sing N N 11  
ALA OXT HXT  sing N N 12  
ARG N   CA   sing N N 13  
ARG N   H    sing N N 14  
ARG N   H2   sing N N 15  
ARG CA  C    sing N N 16  
ARG CA  CB   sing N N 17  
ARG CA  HA   sing N N 18  
ARG C   O    doub N N 19  
ARG C   OXT  sing N N 20  
ARG CB  CG   sing N N 21  
ARG CB  HB2  sing N N 22  
ARG CB  HB3  sing N N 23  
ARG CG  CD   sing N N 24  
ARG CG  HG2  sing N N 25  
ARG CG  HG3  sing N N 26  
ARG CD  NE   sing N N 27  
ARG CD  HD2  sing N N 28  
ARG CD  HD3  sing N N 29  
ARG NE  CZ   sing N N 30  
ARG NE  HE   sing N N 31  
ARG CZ  NH1  sing N N 32  
ARG CZ  NH2  doub N N 33  
ARG NH1 HH11 sing N N 34  
ARG NH1 HH12 sing N N 35  
ARG NH2 HH21 sing N N 36  
ARG NH2 HH22 sing N N 37  
ARG OXT HXT  sing N N 38  
ASN N   CA   sing N N 39  
ASN N   H    sing N N 40  
ASN N   H2   sing N N 41  
ASN CA  C    sing N N 42  
ASN CA  CB   sing N N 43  
ASN CA  HA   sing N N 44  
ASN C   O    doub N N 45  
ASN C   OXT  sing N N 46  
ASN CB  CG   sing N N 47  
ASN CB  HB2  sing N N 48  
ASN CB  HB3  sing N N 49  
ASN CG  OD1  doub N N 50  
ASN CG  ND2  sing N N 51  
ASN ND2 HD21 sing N N 52  
ASN ND2 HD22 sing N N 53  
ASN OXT HXT  sing N N 54  
ASP N   CA   sing N N 55  
ASP N   H    sing N N 56  
ASP N   H2   sing N N 57  
ASP CA  C    sing N N 58  
ASP CA  CB   sing N N 59  
ASP CA  HA   sing N N 60  
ASP C   O    doub N N 61  
ASP C   OXT  sing N N 62  
ASP CB  CG   sing N N 63  
ASP CB  HB2  sing N N 64  
ASP CB  HB3  sing N N 65  
ASP CG  OD1  doub N N 66  
ASP CG  OD2  sing N N 67  
ASP OD2 HD2  sing N N 68  
ASP OXT HXT  sing N N 69  
CYS N   CA   sing N N 70  
CYS N   H    sing N N 71  
CYS N   H2   sing N N 72  
CYS CA  C    sing N N 73  
CYS CA  CB   sing N N 74  
CYS CA  HA   sing N N 75  
CYS C   O    doub N N 76  
CYS C   OXT  sing N N 77  
CYS CB  SG   sing N N 78  
CYS CB  HB2  sing N N 79  
CYS CB  HB3  sing N N 80  
CYS SG  HG   sing N N 81  
CYS OXT HXT  sing N N 82  
GLN N   CA   sing N N 83  
GLN N   H    sing N N 84  
GLN N   H2   sing N N 85  
GLN CA  C    sing N N 86  
GLN CA  CB   sing N N 87  
GLN CA  HA   sing N N 88  
GLN C   O    doub N N 89  
GLN C   OXT  sing N N 90  
GLN CB  CG   sing N N 91  
GLN CB  HB2  sing N N 92  
GLN CB  HB3  sing N N 93  
GLN CG  CD   sing N N 94  
GLN CG  HG2  sing N N 95  
GLN CG  HG3  sing N N 96  
GLN CD  OE1  doub N N 97  
GLN CD  NE2  sing N N 98  
GLN NE2 HE21 sing N N 99  
GLN NE2 HE22 sing N N 100 
GLN OXT HXT  sing N N 101 
GLU N   CA   sing N N 102 
GLU N   H    sing N N 103 
GLU N   H2   sing N N 104 
GLU CA  C    sing N N 105 
GLU CA  CB   sing N N 106 
GLU CA  HA   sing N N 107 
GLU C   O    doub N N 108 
GLU C   OXT  sing N N 109 
GLU CB  CG   sing N N 110 
GLU CB  HB2  sing N N 111 
GLU CB  HB3  sing N N 112 
GLU CG  CD   sing N N 113 
GLU CG  HG2  sing N N 114 
GLU CG  HG3  sing N N 115 
GLU CD  OE1  doub N N 116 
GLU CD  OE2  sing N N 117 
GLU OE2 HE2  sing N N 118 
GLU OXT HXT  sing N N 119 
GLY N   CA   sing N N 120 
GLY N   H    sing N N 121 
GLY N   H2   sing N N 122 
GLY CA  C    sing N N 123 
GLY CA  HA2  sing N N 124 
GLY CA  HA3  sing N N 125 
GLY C   O    doub N N 126 
GLY C   OXT  sing N N 127 
GLY OXT HXT  sing N N 128 
HIS N   CA   sing N N 129 
HIS N   H    sing N N 130 
HIS N   H2   sing N N 131 
HIS CA  C    sing N N 132 
HIS CA  CB   sing N N 133 
HIS CA  HA   sing N N 134 
HIS C   O    doub N N 135 
HIS C   OXT  sing N N 136 
HIS CB  CG   sing N N 137 
HIS CB  HB2  sing N N 138 
HIS CB  HB3  sing N N 139 
HIS CG  ND1  sing Y N 140 
HIS CG  CD2  doub Y N 141 
HIS ND1 CE1  doub Y N 142 
HIS ND1 HD1  sing N N 143 
HIS CD2 NE2  sing Y N 144 
HIS CD2 HD2  sing N N 145 
HIS CE1 NE2  sing Y N 146 
HIS CE1 HE1  sing N N 147 
HIS NE2 HE2  sing N N 148 
HIS OXT HXT  sing N N 149 
HOH O   H1   sing N N 150 
HOH O   H2   sing N N 151 
ILE N   CA   sing N N 152 
ILE N   H    sing N N 153 
ILE N   H2   sing N N 154 
ILE CA  C    sing N N 155 
ILE CA  CB   sing N N 156 
ILE CA  HA   sing N N 157 
ILE C   O    doub N N 158 
ILE C   OXT  sing N N 159 
ILE CB  CG1  sing N N 160 
ILE CB  CG2  sing N N 161 
ILE CB  HB   sing N N 162 
ILE CG1 CD1  sing N N 163 
ILE CG1 HG12 sing N N 164 
ILE CG1 HG13 sing N N 165 
ILE CG2 HG21 sing N N 166 
ILE CG2 HG22 sing N N 167 
ILE CG2 HG23 sing N N 168 
ILE CD1 HD11 sing N N 169 
ILE CD1 HD12 sing N N 170 
ILE CD1 HD13 sing N N 171 
ILE OXT HXT  sing N N 172 
LEU N   CA   sing N N 173 
LEU N   H    sing N N 174 
LEU N   H2   sing N N 175 
LEU CA  C    sing N N 176 
LEU CA  CB   sing N N 177 
LEU CA  HA   sing N N 178 
LEU C   O    doub N N 179 
LEU C   OXT  sing N N 180 
LEU CB  CG   sing N N 181 
LEU CB  HB2  sing N N 182 
LEU CB  HB3  sing N N 183 
LEU CG  CD1  sing N N 184 
LEU CG  CD2  sing N N 185 
LEU CG  HG   sing N N 186 
LEU CD1 HD11 sing N N 187 
LEU CD1 HD12 sing N N 188 
LEU CD1 HD13 sing N N 189 
LEU CD2 HD21 sing N N 190 
LEU CD2 HD22 sing N N 191 
LEU CD2 HD23 sing N N 192 
LEU OXT HXT  sing N N 193 
LYS N   CA   sing N N 194 
LYS N   H    sing N N 195 
LYS N   H2   sing N N 196 
LYS CA  C    sing N N 197 
LYS CA  CB   sing N N 198 
LYS CA  HA   sing N N 199 
LYS C   O    doub N N 200 
LYS C   OXT  sing N N 201 
LYS CB  CG   sing N N 202 
LYS CB  HB2  sing N N 203 
LYS CB  HB3  sing N N 204 
LYS CG  CD   sing N N 205 
LYS CG  HG2  sing N N 206 
LYS CG  HG3  sing N N 207 
LYS CD  CE   sing N N 208 
LYS CD  HD2  sing N N 209 
LYS CD  HD3  sing N N 210 
LYS CE  NZ   sing N N 211 
LYS CE  HE2  sing N N 212 
LYS CE  HE3  sing N N 213 
LYS NZ  HZ1  sing N N 214 
LYS NZ  HZ2  sing N N 215 
LYS NZ  HZ3  sing N N 216 
LYS OXT HXT  sing N N 217 
MET N   CA   sing N N 218 
MET N   H    sing N N 219 
MET N   H2   sing N N 220 
MET CA  C    sing N N 221 
MET CA  CB   sing N N 222 
MET CA  HA   sing N N 223 
MET C   O    doub N N 224 
MET C   OXT  sing N N 225 
MET CB  CG   sing N N 226 
MET CB  HB2  sing N N 227 
MET CB  HB3  sing N N 228 
MET CG  SD   sing N N 229 
MET CG  HG2  sing N N 230 
MET CG  HG3  sing N N 231 
MET SD  CE   sing N N 232 
MET CE  HE1  sing N N 233 
MET CE  HE2  sing N N 234 
MET CE  HE3  sing N N 235 
MET OXT HXT  sing N N 236 
PHE N   CA   sing N N 237 
PHE N   H    sing N N 238 
PHE N   H2   sing N N 239 
PHE CA  C    sing N N 240 
PHE CA  CB   sing N N 241 
PHE CA  HA   sing N N 242 
PHE C   O    doub N N 243 
PHE C   OXT  sing N N 244 
PHE CB  CG   sing N N 245 
PHE CB  HB2  sing N N 246 
PHE CB  HB3  sing N N 247 
PHE CG  CD1  doub Y N 248 
PHE CG  CD2  sing Y N 249 
PHE CD1 CE1  sing Y N 250 
PHE CD1 HD1  sing N N 251 
PHE CD2 CE2  doub Y N 252 
PHE CD2 HD2  sing N N 253 
PHE CE1 CZ   doub Y N 254 
PHE CE1 HE1  sing N N 255 
PHE CE2 CZ   sing Y N 256 
PHE CE2 HE2  sing N N 257 
PHE CZ  HZ   sing N N 258 
PHE OXT HXT  sing N N 259 
PRO N   CA   sing N N 260 
PRO N   CD   sing N N 261 
PRO N   H    sing N N 262 
PRO CA  C    sing N N 263 
PRO CA  CB   sing N N 264 
PRO CA  HA   sing N N 265 
PRO C   O    doub N N 266 
PRO C   OXT  sing N N 267 
PRO CB  CG   sing N N 268 
PRO CB  HB2  sing N N 269 
PRO CB  HB3  sing N N 270 
PRO CG  CD   sing N N 271 
PRO CG  HG2  sing N N 272 
PRO CG  HG3  sing N N 273 
PRO CD  HD2  sing N N 274 
PRO CD  HD3  sing N N 275 
PRO OXT HXT  sing N N 276 
SER N   CA   sing N N 277 
SER N   H    sing N N 278 
SER N   H2   sing N N 279 
SER CA  C    sing N N 280 
SER CA  CB   sing N N 281 
SER CA  HA   sing N N 282 
SER C   O    doub N N 283 
SER C   OXT  sing N N 284 
SER CB  OG   sing N N 285 
SER CB  HB2  sing N N 286 
SER CB  HB3  sing N N 287 
SER OG  HG   sing N N 288 
SER OXT HXT  sing N N 289 
THR N   CA   sing N N 290 
THR N   H    sing N N 291 
THR N   H2   sing N N 292 
THR CA  C    sing N N 293 
THR CA  CB   sing N N 294 
THR CA  HA   sing N N 295 
THR C   O    doub N N 296 
THR C   OXT  sing N N 297 
THR CB  OG1  sing N N 298 
THR CB  CG2  sing N N 299 
THR CB  HB   sing N N 300 
THR OG1 HG1  sing N N 301 
THR CG2 HG21 sing N N 302 
THR CG2 HG22 sing N N 303 
THR CG2 HG23 sing N N 304 
THR OXT HXT  sing N N 305 
TRP N   CA   sing N N 306 
TRP N   H    sing N N 307 
TRP N   H2   sing N N 308 
TRP CA  C    sing N N 309 
TRP CA  CB   sing N N 310 
TRP CA  HA   sing N N 311 
TRP C   O    doub N N 312 
TRP C   OXT  sing N N 313 
TRP CB  CG   sing N N 314 
TRP CB  HB2  sing N N 315 
TRP CB  HB3  sing N N 316 
TRP CG  CD1  doub Y N 317 
TRP CG  CD2  sing Y N 318 
TRP CD1 NE1  sing Y N 319 
TRP CD1 HD1  sing N N 320 
TRP CD2 CE2  doub Y N 321 
TRP CD2 CE3  sing Y N 322 
TRP NE1 CE2  sing Y N 323 
TRP NE1 HE1  sing N N 324 
TRP CE2 CZ2  sing Y N 325 
TRP CE3 CZ3  doub Y N 326 
TRP CE3 HE3  sing N N 327 
TRP CZ2 CH2  doub Y N 328 
TRP CZ2 HZ2  sing N N 329 
TRP CZ3 CH2  sing Y N 330 
TRP CZ3 HZ3  sing N N 331 
TRP CH2 HH2  sing N N 332 
TRP OXT HXT  sing N N 333 
TYR N   CA   sing N N 334 
TYR N   H    sing N N 335 
TYR N   H2   sing N N 336 
TYR CA  C    sing N N 337 
TYR CA  CB   sing N N 338 
TYR CA  HA   sing N N 339 
TYR C   O    doub N N 340 
TYR C   OXT  sing N N 341 
TYR CB  CG   sing N N 342 
TYR CB  HB2  sing N N 343 
TYR CB  HB3  sing N N 344 
TYR CG  CD1  doub Y N 345 
TYR CG  CD2  sing Y N 346 
TYR CD1 CE1  sing Y N 347 
TYR CD1 HD1  sing N N 348 
TYR CD2 CE2  doub Y N 349 
TYR CD2 HD2  sing N N 350 
TYR CE1 CZ   doub Y N 351 
TYR CE1 HE1  sing N N 352 
TYR CE2 CZ   sing Y N 353 
TYR CE2 HE2  sing N N 354 
TYR CZ  OH   sing N N 355 
TYR OH  HH   sing N N 356 
TYR OXT HXT  sing N N 357 
VAL N   CA   sing N N 358 
VAL N   H    sing N N 359 
VAL N   H2   sing N N 360 
VAL CA  C    sing N N 361 
VAL CA  CB   sing N N 362 
VAL CA  HA   sing N N 363 
VAL C   O    doub N N 364 
VAL C   OXT  sing N N 365 
VAL CB  CG1  sing N N 366 
VAL CB  CG2  sing N N 367 
VAL CB  HB   sing N N 368 
VAL CG1 HG11 sing N N 369 
VAL CG1 HG12 sing N N 370 
VAL CG1 HG13 sing N N 371 
VAL CG2 HG21 sing N N 372 
VAL CG2 HG22 sing N N 373 
VAL CG2 HG23 sing N N 374 
VAL OXT HXT  sing N N 375 
Y3  C1  C2   doub Y N 376 
Y3  C1  C6   sing Y N 377 
Y3  C1  O23  sing N N 378 
Y3  C2  C3   sing Y N 379 
Y3  C2  H2   sing N N 380 
Y3  C3  C4   doub Y N 381 
Y3  C3  S11  sing N N 382 
Y3  C4  C5   sing Y N 383 
Y3  C4  H4   sing N N 384 
Y3  C5  C6   doub Y N 385 
Y3  C5  C10  sing Y N 386 
Y3  C6  C7   sing Y N 387 
Y3  C7  C8   doub Y N 388 
Y3  C7  N15  sing N N 389 
Y3  C8  C9   sing Y N 390 
Y3  C8  H8   sing N N 391 
Y3  C9  C10  doub Y N 392 
Y3  C9  S19  sing N N 393 
Y3  C10 H10  sing N N 394 
Y3  S11 O12  doub N N 395 
Y3  S11 O13  doub N N 396 
Y3  S11 O14  sing N N 397 
Y3  O14 HO4  sing N N 398 
Y3  N15 C16  sing N N 399 
Y3  N15 HN5  sing N N 400 
Y3  C16 O17  doub N N 401 
Y3  C16 C18  sing N N 402 
Y3  C18 H181 sing N N 403 
Y3  C18 H182 sing N N 404 
Y3  C18 H183 sing N N 405 
Y3  S19 O20  doub N N 406 
Y3  S19 O21  doub N N 407 
Y3  S19 O22  sing N N 408 
Y3  O22 HO2  sing N N 409 
Y3  O23 HO3  sing N N 410 
# 
_pdbx_initial_refinement_model.id               1 
_pdbx_initial_refinement_model.entity_id_list   ? 
_pdbx_initial_refinement_model.type             'experimental model' 
_pdbx_initial_refinement_model.source_name      PDB 
_pdbx_initial_refinement_model.accession_code   1ASV 
_pdbx_initial_refinement_model.details          'PDB ENTRY 1ASV' 
# 
_atom_sites.entry_id                    1A5X 
_atom_sites.fract_transf_matrix[1][1]   0.00578340 
_atom_sites.fract_transf_matrix[1][2]   0.00649521 
_atom_sites.fract_transf_matrix[1][3]   -0.01228280 
_atom_sites.fract_transf_matrix[2][1]   -0.01325212 
_atom_sites.fract_transf_matrix[2][2]   0.00657692 
_atom_sites.fract_transf_matrix[2][3]   -0.00276189 
_atom_sites.fract_transf_matrix[3][1]   0.00341351 
_atom_sites.fract_transf_matrix[3][2]   0.00970901 
_atom_sites.fract_transf_matrix[3][3]   0.00674144 
_atom_sites.fract_transf_vector[1]      0.716119 
_atom_sites.fract_transf_vector[2]      0.583704 
_atom_sites.fract_transf_vector[3]      0.625482 
# 
loop_
_atom_type.symbol 
C 
N 
O 
S 
# 
loop_
_atom_site.group_PDB 
_atom_site.id 
_atom_site.type_symbol 
_atom_site.label_atom_id 
_atom_site.label_alt_id 
_atom_site.label_comp_id 
_atom_site.label_asym_id 
_atom_site.label_entity_id 
_atom_site.label_seq_id 
_atom_site.pdbx_PDB_ins_code 
_atom_site.Cartn_x 
_atom_site.Cartn_y 
_atom_site.Cartn_z 
_atom_site.occupancy 
_atom_site.B_iso_or_equiv 
_atom_site.pdbx_formal_charge 
_atom_site.auth_seq_id 
_atom_site.auth_comp_id 
_atom_site.auth_asym_id 
_atom_site.auth_atom_id 
_atom_site.pdbx_PDB_model_num 
ATOM   1    N N   . GLY A 1 3   ? -0.574  -11.768 24.585  0.00 86.80 ? 54  GLY A N   1 
ATOM   2    C CA  . GLY A 1 3   ? 0.460   -12.334 25.435  0.00 86.40 ? 54  GLY A CA  1 
ATOM   3    C C   . GLY A 1 3   ? 1.855   -12.259 24.828  0.00 85.90 ? 54  GLY A C   1 
ATOM   4    O O   . GLY A 1 3   ? 2.694   -11.458 25.259  0.00 86.90 ? 54  GLY A O   1 
ATOM   5    N N   . LEU A 1 4   ? 2.120   -13.114 23.843  1.00 83.50 ? 55  LEU A N   1 
ATOM   6    C CA  . LEU A 1 4   ? 3.429   -13.145 23.187  1.00 79.10 ? 55  LEU A CA  1 
ATOM   7    C C   . LEU A 1 4   ? 3.276   -13.391 21.669  1.00 75.30 ? 55  LEU A C   1 
ATOM   8    O O   . LEU A 1 4   ? 3.103   -14.532 21.216  1.00 76.90 ? 55  LEU A O   1 
ATOM   9    C CB  . LEU A 1 4   ? 4.314   -14.229 23.834  1.00 79.50 ? 55  LEU A CB  1 
ATOM   10   C CG  . LEU A 1 4   ? 3.979   -14.709 25.258  1.00 79.30 ? 55  LEU A CG  1 
ATOM   11   C CD1 . LEU A 1 4   ? 4.609   -16.078 25.500  1.00 79.00 ? 55  LEU A CD1 1 
ATOM   12   C CD2 . LEU A 1 4   ? 4.443   -13.694 26.292  1.00 78.10 ? 55  LEU A CD2 1 
ATOM   13   N N   . GLY A 1 5   ? 3.288   -12.302 20.903  1.00 68.90 ? 56  GLY A N   1 
ATOM   14   C CA  . GLY A 1 5   ? 3.126   -12.365 19.459  1.00 60.20 ? 56  GLY A CA  1 
ATOM   15   C C   . GLY A 1 5   ? 3.013   -10.931 18.987  1.00 55.00 ? 56  GLY A C   1 
ATOM   16   O O   . GLY A 1 5   ? 2.745   -10.074 19.825  1.00 53.70 ? 56  GLY A O   1 
ATOM   17   N N   . PRO A 1 6   ? 3.292   -10.611 17.706  1.00 50.90 ? 57  PRO A N   1 
ATOM   18   C CA  . PRO A 1 6   ? 3.466   -9.206  17.329  1.00 47.90 ? 57  PRO A CA  1 
ATOM   19   C C   . PRO A 1 6   ? 2.131   -8.476  17.158  1.00 45.40 ? 57  PRO A C   1 
ATOM   20   O O   . PRO A 1 6   ? 1.108   -9.091  16.836  1.00 44.30 ? 57  PRO A O   1 
ATOM   21   C CB  . PRO A 1 6   ? 4.275   -9.284  16.036  1.00 47.90 ? 57  PRO A CB  1 
ATOM   22   C CG  . PRO A 1 6   ? 3.863   -10.590 15.421  1.00 48.30 ? 57  PRO A CG  1 
ATOM   23   C CD  . PRO A 1 6   ? 3.342   -11.493 16.525  1.00 50.00 ? 57  PRO A CD  1 
ATOM   24   N N   . LEU A 1 7   ? 2.113   -7.196  17.527  1.00 43.20 ? 58  LEU A N   1 
ATOM   25   C CA  . LEU A 1 7   ? 0.883   -6.411  17.462  1.00 41.00 ? 58  LEU A CA  1 
ATOM   26   C C   . LEU A 1 7   ? 0.482   -6.125  16.018  1.00 36.90 ? 58  LEU A C   1 
ATOM   27   O O   . LEU A 1 7   ? 1.328   -6.154  15.118  1.00 32.00 ? 58  LEU A O   1 
ATOM   28   C CB  . LEU A 1 7   ? 1.029   -5.113  18.254  1.00 43.80 ? 58  LEU A CB  1 
ATOM   29   C CG  . LEU A 1 7   ? 0.298   -5.218  19.603  1.00 47.70 ? 58  LEU A CG  1 
ATOM   30   C CD1 . LEU A 1 7   ? 0.787   -4.166  20.572  1.00 48.10 ? 58  LEU A CD1 1 
ATOM   31   C CD2 . LEU A 1 7   ? -1.209  -5.082  19.378  1.00 49.10 ? 58  LEU A CD2 1 
ATOM   32   N N   . GLN A 1 8   ? -0.818  -5.948  15.787  1.00 33.60 ? 59  GLN A N   1 
ATOM   33   C CA  . GLN A 1 8   ? -1.318  -5.770  14.429  1.00 30.40 ? 59  GLN A CA  1 
ATOM   34   C C   . GLN A 1 8   ? -1.266  -4.333  13.964  1.00 22.70 ? 59  GLN A C   1 
ATOM   35   O O   . GLN A 1 8   ? -2.218  -3.566  14.125  1.00 19.90 ? 59  GLN A O   1 
ATOM   36   C CB  . GLN A 1 8   ? -2.728  -6.338  14.305  1.00 37.60 ? 59  GLN A CB  1 
ATOM   37   C CG  . GLN A 1 8   ? -2.770  -7.630  13.469  1.00 45.30 ? 59  GLN A CG  1 
ATOM   38   C CD  . GLN A 1 8   ? -2.929  -7.376  11.966  1.00 48.50 ? 59  GLN A CD  1 
ATOM   39   O OE1 . GLN A 1 8   ? -2.240  -6.534  11.386  1.00 49.80 ? 59  GLN A OE1 1 
ATOM   40   N NE2 . GLN A 1 8   ? -3.862  -8.094  11.343  1.00 50.30 ? 59  GLN A NE2 1 
ATOM   41   N N   . ILE A 1 9   ? -0.102  -3.957  13.468  1.00 17.30 ? 60  ILE A N   1 
ATOM   42   C CA  . ILE A 1 9   ? 0.161   -2.589  13.058  1.00 16.10 ? 60  ILE A CA  1 
ATOM   43   C C   . ILE A 1 9   ? 0.575   -2.551  11.576  1.00 16.60 ? 60  ILE A C   1 
ATOM   44   O O   . ILE A 1 9   ? 1.417   -3.335  11.151  1.00 17.10 ? 60  ILE A O   1 
ATOM   45   C CB  . ILE A 1 9   ? 1.263   -1.992  13.960  1.00 16.70 ? 60  ILE A CB  1 
ATOM   46   C CG1 . ILE A 1 9   ? 0.788   -2.061  15.421  1.00 17.10 ? 60  ILE A CG1 1 
ATOM   47   C CG2 . ILE A 1 9   ? 1.605   -0.575  13.530  1.00 14.10 ? 60  ILE A CG2 1 
ATOM   48   C CD1 . ILE A 1 9   ? 1.664   -1.343  16.376  1.00 21.50 ? 60  ILE A CD1 1 
ATOM   49   N N   . TRP A 1 10  ? -0.084  -1.709  10.782  1.00 12.10 ? 61  TRP A N   1 
ATOM   50   C CA  . TRP A 1 10  ? 0.203   -1.637  9.370   1.00 12.20 ? 61  TRP A CA  1 
ATOM   51   C C   . TRP A 1 10  ? 1.044   -0.413  9.115   1.00 11.50 ? 61  TRP A C   1 
ATOM   52   O O   . TRP A 1 10  ? 0.968   0.543   9.879   1.00 13.80 ? 61  TRP A O   1 
ATOM   53   C CB  . TRP A 1 10  ? -1.082  -1.479  8.562   1.00 9.60  ? 61  TRP A CB  1 
ATOM   54   C CG  . TRP A 1 10  ? -2.002  -2.649  8.586   1.00 10.10 ? 61  TRP A CG  1 
ATOM   55   C CD1 . TRP A 1 10  ? -1.756  -3.879  9.111   1.00 10.60 ? 61  TRP A CD1 1 
ATOM   56   C CD2 . TRP A 1 10  ? -3.317  -2.713  8.018   1.00 11.10 ? 61  TRP A CD2 1 
ATOM   57   N NE1 . TRP A 1 10  ? -2.825  -4.710  8.908   1.00 12.30 ? 61  TRP A NE1 1 
ATOM   58   C CE2 . TRP A 1 10  ? -3.801  -4.026  8.233   1.00 11.60 ? 61  TRP A CE2 1 
ATOM   59   C CE3 . TRP A 1 10  ? -4.133  -1.791  7.343   1.00 10.30 ? 61  TRP A CE3 1 
ATOM   60   C CZ2 . TRP A 1 10  ? -5.061  -4.451  7.790   1.00 11.30 ? 61  TRP A CZ2 1 
ATOM   61   C CZ3 . TRP A 1 10  ? -5.395  -2.214  6.895   1.00 10.80 ? 61  TRP A CZ3 1 
ATOM   62   C CH2 . TRP A 1 10  ? -5.839  -3.538  7.125   1.00 11.90 ? 61  TRP A CH2 1 
ATOM   63   N N   . GLN A 1 11  ? 1.752   -0.400  7.986   1.00 11.40 ? 62  GLN A N   1 
ATOM   64   C CA  . GLN A 1 11  ? 2.371   0.830   7.465   1.00 11.40 ? 62  GLN A CA  1 
ATOM   65   C C   . GLN A 1 11  ? 1.796   0.976   6.067   1.00 12.30 ? 62  GLN A C   1 
ATOM   66   O O   . GLN A 1 11  ? 1.828   0.018   5.303   1.00 13.20 ? 62  GLN A O   1 
ATOM   67   C CB  . GLN A 1 11  ? 3.890   0.698   7.340   1.00 13.50 ? 62  GLN A CB  1 
ATOM   68   C CG  . GLN A 1 11  ? 4.630   0.481   8.669   1.00 19.50 ? 62  GLN A CG  1 
ATOM   69   C CD  . GLN A 1 11  ? 6.145   0.242   8.494   1.00 25.30 ? 62  GLN A CD  1 
ATOM   70   O OE1 . GLN A 1 11  ? 6.685   0.303   7.386   1.00 25.90 ? 62  GLN A OE1 1 
ATOM   71   N NE2 . GLN A 1 11  ? 6.823   -0.038  9.596   1.00 28.10 ? 62  GLN A NE2 1 
ATOM   72   N N   . THR A 1 12  ? 1.348   2.182   5.722   1.00 13.20 ? 63  THR A N   1 
ATOM   73   C CA  . THR A 1 12  ? 0.727   2.457   4.429   1.00 13.20 ? 63  THR A CA  1 
ATOM   74   C C   . THR A 1 12  ? 1.403   3.681   3.805   1.00 15.30 ? 63  THR A C   1 
ATOM   75   O O   . THR A 1 12  ? 1.702   4.657   4.496   1.00 13.50 ? 63  THR A O   1 
ATOM   76   C CB  . THR A 1 12  ? -0.806  2.737   4.579   1.00 12.70 ? 63  THR A CB  1 
ATOM   77   O OG1 . THR A 1 12  ? -1.444  1.589   5.154   1.00 13.20 ? 63  THR A OG1 1 
ATOM   78   C CG2 . THR A 1 12  ? -1.452  3.078   3.223   1.00 11.40 ? 63  THR A CG2 1 
ATOM   79   N N   . ASP A 1 13  ? 1.552   3.644   2.481   1.00 15.70 ? 64  ASP A N   1 
ATOM   80   C CA  . ASP A 1 13  ? 2.179   4.714   1.710   1.00 17.10 ? 64  ASP A CA  1 
ATOM   81   C C   . ASP A 1 13  ? 1.678   4.650   0.263   1.00 15.20 ? 64  ASP A C   1 
ATOM   82   O O   . ASP A 1 13  ? 1.085   3.662   -0.132  1.00 12.50 ? 64  ASP A O   1 
ATOM   83   C CB  . ASP A 1 13  ? 3.686   4.484   1.723   1.00 22.60 ? 64  ASP A CB  1 
ATOM   84   C CG  . ASP A 1 13  ? 4.462   5.688   1.311   1.00 28.90 ? 64  ASP A CG  1 
ATOM   85   O OD1 . ASP A 1 13  ? 3.944   6.818   1.444   1.00 26.80 ? 64  ASP A OD1 1 
ATOM   86   O OD2 . ASP A 1 13  ? 5.626   5.487   0.891   1.00 34.70 ? 64  ASP A OD2 1 
ATOM   87   N N   . PHE A 1 14  ? 1.847   5.741   -0.475  1.00 13.50 ? 65  PHE A N   1 
ATOM   88   C CA  . PHE A 1 14  ? 1.540   5.792   -1.903  1.00 14.80 ? 65  PHE A CA  1 
ATOM   89   C C   . PHE A 1 14  ? 2.845   5.932   -2.663  1.00 15.80 ? 65  PHE A C   1 
ATOM   90   O O   . PHE A 1 14  ? 3.745   6.660   -2.220  1.00 16.70 ? 65  PHE A O   1 
ATOM   91   C CB  . PHE A 1 14  ? 0.681   7.002   -2.238  1.00 13.90 ? 65  PHE A CB  1 
ATOM   92   C CG  . PHE A 1 14  ? -0.778  6.786   -2.033  1.00 16.40 ? 65  PHE A CG  1 
ATOM   93   C CD1 . PHE A 1 14  ? -1.568  6.296   -3.058  1.00 18.20 ? 65  PHE A CD1 1 
ATOM   94   C CD2 . PHE A 1 14  ? -1.380  7.133   -0.830  1.00 17.50 ? 65  PHE A CD2 1 
ATOM   95   C CE1 . PHE A 1 14  ? -2.950  6.150   -2.895  1.00 19.90 ? 65  PHE A CE1 1 
ATOM   96   C CE2 . PHE A 1 14  ? -2.747  6.993   -0.660  1.00 17.80 ? 65  PHE A CE2 1 
ATOM   97   C CZ  . PHE A 1 14  ? -3.537  6.503   -1.691  1.00 18.90 ? 65  PHE A CZ  1 
ATOM   98   N N   . THR A 1 15  ? 2.945   5.244   -3.800  1.00 14.30 ? 66  THR A N   1 
ATOM   99   C CA  . THR A 1 15  ? 4.107   5.369   -4.668  1.00 13.60 ? 66  THR A CA  1 
ATOM   100  C C   . THR A 1 15  ? 3.641   5.495   -6.122  1.00 14.90 ? 66  THR A C   1 
ATOM   101  O O   . THR A 1 15  ? 2.571   4.979   -6.501  1.00 14.50 ? 66  THR A O   1 
ATOM   102  C CB  . THR A 1 15  ? 5.044   4.167   -4.486  1.00 14.50 ? 66  THR A CB  1 
ATOM   103  O OG1 . THR A 1 15  ? 6.323   4.483   -5.036  1.00 18.90 ? 66  THR A OG1 1 
ATOM   104  C CG2 . THR A 1 15  ? 4.525   2.930   -5.186  1.00 14.90 ? 66  THR A CG2 1 
ATOM   105  N N   . LEU A 1 16  ? 4.365   6.283   -6.906  1.00 12.90 ? 67  LEU A N   1 
ATOM   106  C CA  . LEU A 1 16  ? 3.991   6.524   -8.294  1.00 13.50 ? 67  LEU A CA  1 
ATOM   107  C C   . LEU A 1 16  ? 4.634   5.508   -9.215  1.00 13.60 ? 67  LEU A C   1 
ATOM   108  O O   . LEU A 1 16  ? 5.842   5.274   -9.144  1.00 17.30 ? 67  LEU A O   1 
ATOM   109  C CB  . LEU A 1 16  ? 4.417   7.938   -8.694  1.00 15.70 ? 67  LEU A CB  1 
ATOM   110  C CG  . LEU A 1 16  ? 4.046   8.542   -10.055 1.00 19.40 ? 67  LEU A CG  1 
ATOM   111  C CD1 . LEU A 1 16  ? 2.554   8.399   -10.345 1.00 17.00 ? 67  LEU A CD1 1 
ATOM   112  C CD2 . LEU A 1 16  ? 4.434   10.021  -10.031 1.00 18.80 ? 67  LEU A CD2 1 
ATOM   113  N N   . GLU A 1 17  ? 3.846   4.919   -10.102 1.00 12.60 ? 68  GLU A N   1 
ATOM   114  C CA  . GLU A 1 17  ? 4.381   3.934   -11.046 1.00 14.10 ? 68  GLU A CA  1 
ATOM   115  C C   . GLU A 1 17  ? 3.753   4.167   -12.441 1.00 15.10 ? 68  GLU A C   1 
ATOM   116  O O   . GLU A 1 17  ? 2.627   3.737   -12.732 1.00 14.90 ? 68  GLU A O   1 
ATOM   117  C CB  . GLU A 1 17  ? 4.124   2.487   -10.534 1.00 12.70 ? 68  GLU A CB  1 
ATOM   118  C CG  . GLU A 1 17  ? 4.414   1.347   -11.556 1.00 14.30 ? 68  GLU A CG  1 
ATOM   119  C CD  . GLU A 1 17  ? 5.817   1.417   -12.090 1.00 19.90 ? 68  GLU A CD  1 
ATOM   120  O OE1 . GLU A 1 17  ? 6.752   1.014   -11.373 1.00 21.00 ? 68  GLU A OE1 1 
ATOM   121  O OE2 . GLU A 1 17  ? 6.019   2.020   -13.165 1.00 19.10 ? 68  GLU A OE2 1 
ATOM   122  N N   . PRO A 1 18  ? 4.443   4.933   -13.293 1.00 15.80 ? 69  PRO A N   1 
ATOM   123  C CA  . PRO A 1 18  ? 3.900   5.331   -14.591 1.00 15.00 ? 69  PRO A CA  1 
ATOM   124  C C   . PRO A 1 18  ? 3.541   4.161   -15.507 1.00 16.40 ? 69  PRO A C   1 
ATOM   125  O O   . PRO A 1 18  ? 2.749   4.320   -16.419 1.00 16.20 ? 69  PRO A O   1 
ATOM   126  C CB  . PRO A 1 18  ? 5.013   6.177   -15.200 1.00 19.10 ? 69  PRO A CB  1 
ATOM   127  C CG  . PRO A 1 18  ? 5.877   6.580   -14.048 1.00 21.20 ? 69  PRO A CG  1 
ATOM   128  C CD  . PRO A 1 18  ? 5.834   5.385   -13.129 1.00 18.20 ? 69  PRO A CD  1 
ATOM   129  N N   . ARG A 1 19  ? 4.133   2.993   -15.297 1.00 15.10 ? 70  ARG A N   1 
ATOM   130  C CA  . ARG A 1 19  ? 3.790   1.826   -16.099 1.00 16.10 ? 70  ARG A CA  1 
ATOM   131  C C   . ARG A 1 19  ? 2.326   1.418   -15.925 1.00 15.30 ? 70  ARG A C   1 
ATOM   132  O O   . ARG A 1 19  ? 1.763   0.690   -16.751 1.00 13.70 ? 70  ARG A O   1 
ATOM   133  C CB  . ARG A 1 19  ? 4.673   0.635   -15.704 1.00 22.30 ? 70  ARG A CB  1 
ATOM   134  C CG  . ARG A 1 19  ? 6.031   0.623   -16.362 1.00 29.30 ? 70  ARG A CG  1 
ATOM   135  C CD  . ARG A 1 19  ? 6.828   -0.573  -15.896 1.00 37.20 ? 70  ARG A CD  1 
ATOM   136  N NE  . ARG A 1 19  ? 8.269   -0.293  -15.792 1.00 45.00 ? 70  ARG A NE  1 
ATOM   137  C CZ  . ARG A 1 19  ? 9.183   -0.598  -16.720 1.00 46.70 ? 70  ARG A CZ  1 
ATOM   138  N NH1 . ARG A 1 19  ? 8.828   -1.005  -17.938 1.00 44.80 ? 70  ARG A NH1 1 
ATOM   139  N NH2 . ARG A 1 19  ? 10.466  -0.364  -16.466 1.00 48.50 ? 70  ARG A NH2 1 
ATOM   140  N N   . MET A 1 20  ? 1.719   1.895   -14.847 1.00 12.60 ? 71  MET A N   1 
ATOM   141  C CA  . MET A 1 20  ? 0.359   1.539   -14.516 1.00 13.40 ? 71  MET A CA  1 
ATOM   142  C C   . MET A 1 20  ? -0.633  2.659   -14.840 1.00 13.60 ? 71  MET A C   1 
ATOM   143  O O   . MET A 1 20  ? -1.768  2.629   -14.372 1.00 13.60 ? 71  MET A O   1 
ATOM   144  C CB  . MET A 1 20  ? 0.292   1.180   -13.025 1.00 14.20 ? 71  MET A CB  1 
ATOM   145  C CG  . MET A 1 20  ? 0.971   -0.160  -12.671 1.00 19.00 ? 71  MET A CG  1 
ATOM   146  S SD  . MET A 1 20  ? -0.035  -1.599  -13.159 1.00 24.60 ? 71  MET A SD  1 
ATOM   147  C CE  . MET A 1 20  ? 0.869   -2.955  -12.456 1.00 29.50 ? 71  MET A CE  1 
ATOM   148  N N   . ALA A 1 21  ? -0.200  3.675   -15.590 1.00 14.20 ? 72  ALA A N   1 
ATOM   149  C CA  . ALA A 1 21  ? -1.072  4.806   -15.940 1.00 13.90 ? 72  ALA A CA  1 
ATOM   150  C C   . ALA A 1 21  ? -2.234  4.317   -16.819 1.00 14.20 ? 72  ALA A C   1 
ATOM   151  O O   . ALA A 1 21  ? -2.065  3.380   -17.592 1.00 14.80 ? 72  ALA A O   1 
ATOM   152  C CB  . ALA A 1 21  ? -0.272  5.870   -16.663 1.00 12.80 ? 72  ALA A CB  1 
ATOM   153  N N   . PRO A 1 22  ? -3.431  4.930   -16.702 1.00 14.10 ? 73  PRO A N   1 
ATOM   154  C CA  . PRO A 1 22  ? -3.736  6.174   -15.984 1.00 14.80 ? 73  PRO A CA  1 
ATOM   155  C C   . PRO A 1 22  ? -3.900  6.023   -14.466 1.00 15.80 ? 73  PRO A C   1 
ATOM   156  O O   . PRO A 1 22  ? -3.797  7.002   -13.744 1.00 20.10 ? 73  PRO A O   1 
ATOM   157  C CB  . PRO A 1 22  ? -5.032  6.662   -16.653 1.00 16.40 ? 73  PRO A CB  1 
ATOM   158  C CG  . PRO A 1 22  ? -5.686  5.427   -17.153 1.00 13.30 ? 73  PRO A CG  1 
ATOM   159  C CD  . PRO A 1 22  ? -4.564  4.519   -17.563 1.00 16.50 ? 73  PRO A CD  1 
ATOM   160  N N   . ARG A 1 23  ? -4.064  4.806   -13.962 1.00 13.70 ? 74  ARG A N   1 
ATOM   161  C CA  . ARG A 1 23  ? -4.156  4.631   -12.514 1.00 14.10 ? 74  ARG A CA  1 
ATOM   162  C C   . ARG A 1 23  ? -2.796  4.259   -11.947 1.00 13.40 ? 74  ARG A C   1 
ATOM   163  O O   . ARG A 1 23  ? -2.565  3.143   -11.490 1.00 13.90 ? 74  ARG A O   1 
ATOM   164  C CB  . ARG A 1 23  ? -5.225  3.592   -12.181 1.00 17.10 ? 74  ARG A CB  1 
ATOM   165  C CG  . ARG A 1 23  ? -6.621  4.143   -12.439 1.00 23.10 ? 74  ARG A CG  1 
ATOM   166  C CD  . ARG A 1 23  ? -7.609  3.089   -12.781 1.00 32.20 ? 74  ARG A CD  1 
ATOM   167  N NE  . ARG A 1 23  ? -7.996  2.313   -11.614 1.00 40.00 ? 74  ARG A NE  1 
ATOM   168  C CZ  . ARG A 1 23  ? -7.948  0.982   -11.549 1.00 45.40 ? 74  ARG A CZ  1 
ATOM   169  N NH1 . ARG A 1 23  ? -7.449  0.274   -12.558 1.00 49.10 ? 74  ARG A NH1 1 
ATOM   170  N NH2 . ARG A 1 23  ? -8.324  0.356   -10.443 1.00 48.30 ? 74  ARG A NH2 1 
ATOM   171  N N   . SER A 1 24  ? -1.885  5.219   -11.991 1.00 12.20 ? 75  SER A N   1 
ATOM   172  C CA  . SER A 1 24  ? -0.502  4.960   -11.615 1.00 13.90 ? 75  SER A CA  1 
ATOM   173  C C   . SER A 1 24  ? -0.125  5.197   -10.146 1.00 13.20 ? 75  SER A C   1 
ATOM   174  O O   . SER A 1 24  ? 1.027   4.989   -9.758  1.00 14.70 ? 75  SER A O   1 
ATOM   175  C CB  . SER A 1 24  ? 0.442   5.749   -12.539 1.00 14.80 ? 75  SER A CB  1 
ATOM   176  O OG  . SER A 1 24  ? -0.034  7.056   -12.664 1.00 18.40 ? 75  SER A OG  1 
ATOM   177  N N   . TRP A 1 25  ? -1.075  5.623   -9.327  1.00 10.90 ? 76  TRP A N   1 
ATOM   178  C CA  . TRP A 1 25  ? -0.795  5.746   -7.913  1.00 12.60 ? 76  TRP A CA  1 
ATOM   179  C C   . TRP A 1 25  ? -1.097  4.453   -7.180  1.00 12.90 ? 76  TRP A C   1 
ATOM   180  O O   . TRP A 1 25  ? -2.244  4.023   -7.104  1.00 17.50 ? 76  TRP A O   1 
ATOM   181  C CB  . TRP A 1 25  ? -1.618  6.870   -7.346  1.00 14.80 ? 76  TRP A CB  1 
ATOM   182  C CG  . TRP A 1 25  ? -0.986  8.126   -7.639  1.00 16.90 ? 76  TRP A CG  1 
ATOM   183  C CD1 . TRP A 1 25  ? -1.430  9.069   -8.486  1.00 18.10 ? 76  TRP A CD1 1 
ATOM   184  C CD2 . TRP A 1 25  ? 0.201   8.637   -7.024  1.00 19.10 ? 76  TRP A CD2 1 
ATOM   185  N NE1 . TRP A 1 25  ? -0.608  10.158  -8.429  1.00 22.00 ? 76  TRP A NE1 1 
ATOM   186  C CE2 . TRP A 1 25  ? 0.390   9.928   -7.523  1.00 19.80 ? 76  TRP A CE2 1 
ATOM   187  C CE3 . TRP A 1 25  ? 1.091   8.142   -6.055  1.00 20.30 ? 76  TRP A CE3 1 
ATOM   188  C CZ2 . TRP A 1 25  ? 1.434   10.759  -7.082  1.00 23.80 ? 76  TRP A CZ2 1 
ATOM   189  C CZ3 . TRP A 1 25  ? 2.134   8.962   -5.612  1.00 24.30 ? 76  TRP A CZ3 1 
ATOM   190  C CH2 . TRP A 1 25  ? 2.291   10.259  -6.126  1.00 23.00 ? 76  TRP A CH2 1 
ATOM   191  N N   . LEU A 1 26  ? -0.048  3.758   -6.783  1.00 12.90 ? 77  LEU A N   1 
ATOM   192  C CA  . LEU A 1 26  ? -0.195  2.514   -6.038  1.00 13.30 ? 77  LEU A CA  1 
ATOM   193  C C   . LEU A 1 26  ? -0.195  2.764   -4.529  1.00 12.60 ? 77  LEU A C   1 
ATOM   194  O O   . LEU A 1 26  ? 0.705   3.424   -4.004  1.00 14.30 ? 77  LEU A O   1 
ATOM   195  C CB  . LEU A 1 26  ? 0.923   1.528   -6.411  1.00 13.50 ? 77  LEU A CB  1 
ATOM   196  C CG  . LEU A 1 26  ? 1.159   1.253   -7.911  1.00 12.90 ? 77  LEU A CG  1 
ATOM   197  C CD1 . LEU A 1 26  ? 2.326   0.276   -8.066  1.00 14.50 ? 77  LEU A CD1 1 
ATOM   198  C CD2 . LEU A 1 26  ? -0.094  0.685   -8.546  1.00 13.70 ? 77  LEU A CD2 1 
ATOM   199  N N   . ALA A 1 27  ? -1.254  2.327   -3.850  1.00 10.40 ? 78  ALA A N   1 
ATOM   200  C CA  . ALA A 1 27  ? -1.299  2.402   -2.390  1.00 8.40  ? 78  ALA A CA  1 
ATOM   201  C C   . ALA A 1 27  ? -0.793  1.037   -1.922  1.00 9.80  ? 78  ALA A C   1 
ATOM   202  O O   . ALA A 1 27  ? -1.221  -0.001  -2.428  1.00 9.70  ? 78  ALA A O   1 
ATOM   203  C CB  . ALA A 1 27  ? -2.729  2.655   -1.923  1.00 9.00  ? 78  ALA A CB  1 
ATOM   204  N N   . VAL A 1 28  ? 0.158   1.032   -0.996  1.00 10.10 ? 79  VAL A N   1 
ATOM   205  C CA  . VAL A 1 28  ? 0.795   -0.211  -0.551  1.00 11.90 ? 79  VAL A CA  1 
ATOM   206  C C   . VAL A 1 28  ? 0.723   -0.274  0.972   1.00 13.30 ? 79  VAL A C   1 
ATOM   207  O O   . VAL A 1 28  ? 1.022   0.717   1.651   1.00 12.10 ? 79  VAL A O   1 
ATOM   208  C CB  . VAL A 1 28  ? 2.299   -0.253  -0.946  1.00 13.90 ? 79  VAL A CB  1 
ATOM   209  C CG1 . VAL A 1 28  ? 2.930   -1.589  -0.489  1.00 14.20 ? 79  VAL A CG1 1 
ATOM   210  C CG2 . VAL A 1 28  ? 2.475   0.007   -2.496  1.00 16.90 ? 79  VAL A CG2 1 
ATOM   211  N N   . THR A 1 29  ? 0.302   -1.416  1.498   1.00 12.60 ? 80  THR A N   1 
ATOM   212  C CA  . THR A 1 29  ? 0.183   -1.600  2.938   1.00 13.30 ? 80  THR A CA  1 
ATOM   213  C C   . THR A 1 29  ? 0.971   -2.833  3.299   1.00 13.90 ? 80  THR A C   1 
ATOM   214  O O   . THR A 1 29  ? 0.853   -3.851  2.633   1.00 14.80 ? 80  THR A O   1 
ATOM   215  C CB  . THR A 1 29  ? -1.299  -1.801  3.371   1.00 14.80 ? 80  THR A CB  1 
ATOM   216  O OG1 . THR A 1 29  ? -1.942  -0.520  3.468   1.00 11.20 ? 80  THR A OG1 1 
ATOM   217  C CG2 . THR A 1 29  ? -1.375  -2.508  4.737   1.00 12.10 ? 80  THR A CG2 1 
ATOM   218  N N   . VAL A 1 30  ? 1.894   -2.681  4.236   1.00 13.00 ? 81  VAL A N   1 
ATOM   219  C CA  . VAL A 1 30  ? 2.595   -3.823  4.789   1.00 15.00 ? 81  VAL A CA  1 
ATOM   220  C C   . VAL A 1 30  ? 2.080   -4.073  6.209   1.00 15.20 ? 81  VAL A C   1 
ATOM   221  O O   . VAL A 1 30  ? 1.911   -3.128  7.003   1.00 15.20 ? 81  VAL A O   1 
ATOM   222  C CB  . VAL A 1 30  ? 4.122   -3.587  4.835   1.00 16.90 ? 81  VAL A CB  1 
ATOM   223  C CG1 . VAL A 1 30  ? 4.831   -4.806  5.446   1.00 20.50 ? 81  VAL A CG1 1 
ATOM   224  C CG2 . VAL A 1 30  ? 4.624   -3.393  3.449   1.00 20.50 ? 81  VAL A CG2 1 
ATOM   225  N N   . ASP A 1 31  ? 1.725   -5.323  6.481   1.00 14.90 ? 82  ASP A N   1 
ATOM   226  C CA  . ASP A 1 31  ? 1.338   -5.745  7.823   1.00 17.80 ? 82  ASP A CA  1 
ATOM   227  C C   . ASP A 1 31  ? 2.618   -6.149  8.511   1.00 19.60 ? 82  ASP A C   1 
ATOM   228  O O   . ASP A 1 31  ? 3.211   -7.160  8.146   1.00 18.30 ? 82  ASP A O   1 
ATOM   229  C CB  . ASP A 1 31  ? 0.402   -6.950  7.757   1.00 20.20 ? 82  ASP A CB  1 
ATOM   230  C CG  . ASP A 1 31  ? -0.002  -7.457  9.134   1.00 23.70 ? 82  ASP A CG  1 
ATOM   231  O OD1 . ASP A 1 31  ? 0.511   -6.997  10.153  1.00 23.50 ? 82  ASP A OD1 1 
ATOM   232  O OD2 . ASP A 1 31  ? -0.856  -8.347  9.200   1.00 33.80 ? 82  ASP A OD2 1 
ATOM   233  N N   . THR A 1 32  ? 3.044   -5.355  9.491   1.00 20.10 ? 83  THR A N   1 
ATOM   234  C CA  . THR A 1 32  ? 4.317   -5.616  10.160  1.00 23.60 ? 83  THR A CA  1 
ATOM   235  C C   . THR A 1 32  ? 4.255   -6.901  10.967  1.00 23.80 ? 83  THR A C   1 
ATOM   236  O O   . THR A 1 32  ? 5.271   -7.505  11.221  1.00 25.60 ? 83  THR A O   1 
ATOM   237  C CB  . THR A 1 32  ? 4.767   -4.456  11.093  1.00 23.20 ? 83  THR A CB  1 
ATOM   238  O OG1 . THR A 1 32  ? 3.859   -4.325  12.196  1.00 25.30 ? 83  THR A OG1 1 
ATOM   239  C CG2 . THR A 1 32  ? 4.829   -3.141  10.334  1.00 22.10 ? 83  THR A CG2 1 
ATOM   240  N N   . ALA A 1 33  ? 3.063   -7.364  11.310  1.00 25.90 ? 84  ALA A N   1 
ATOM   241  C CA  . ALA A 1 33  ? 2.969   -8.604  12.062  1.00 30.80 ? 84  ALA A CA  1 
ATOM   242  C C   . ALA A 1 33  ? 3.261   -9.816  11.176  1.00 33.90 ? 84  ALA A C   1 
ATOM   243  O O   . ALA A 1 33  ? 3.841   -10.796 11.653  1.00 37.50 ? 84  ALA A O   1 
ATOM   244  C CB  . ALA A 1 33  ? 1.583   -8.755  12.712  1.00 30.80 ? 84  ALA A CB  1 
ATOM   245  N N   . SER A 1 34  ? 2.842   -9.779  9.908   1.00 34.00 ? 85  SER A N   1 
ATOM   246  C CA  . SER A 1 34  ? 2.989   -10.951 9.022   1.00 31.60 ? 85  SER A CA  1 
ATOM   247  C C   . SER A 1 34  ? 3.875   -10.713 7.799   1.00 31.90 ? 85  SER A C   1 
ATOM   248  O O   . SER A 1 34  ? 4.212   -11.652 7.061   1.00 33.20 ? 85  SER A O   1 
ATOM   249  C CB  . SER A 1 34  ? 1.619   -11.410 8.548   1.00 30.90 ? 85  SER A CB  1 
ATOM   250  O OG  . SER A 1 34  ? 1.090   -10.470 7.632   1.00 34.10 ? 85  SER A OG  1 
ATOM   251  N N   . SER A 1 35  ? 4.280   -9.463  7.623   1.00 29.40 ? 86  SER A N   1 
ATOM   252  C CA  . SER A 1 35  ? 4.980   -9.030  6.438   1.00 29.30 ? 86  SER A CA  1 
ATOM   253  C C   . SER A 1 35  ? 4.148   -9.181  5.167   1.00 25.20 ? 86  SER A C   1 
ATOM   254  O O   . SER A 1 35  ? 4.677   -9.040  4.085   1.00 28.00 ? 86  SER A O   1 
ATOM   255  C CB  . SER A 1 35  ? 6.292   -9.787  6.293   1.00 34.60 ? 86  SER A CB  1 
ATOM   256  O OG  . SER A 1 35  ? 7.386   -8.888  6.456   1.00 44.20 ? 86  SER A OG  1 
ATOM   257  N N   . ALA A 1 36  ? 2.846   -9.420  5.289   1.00 21.80 ? 87  ALA A N   1 
ATOM   258  C CA  . ALA A 1 36  ? 1.989   -9.473  4.098   1.00 18.00 ? 87  ALA A CA  1 
ATOM   259  C C   . ALA A 1 36  ? 1.918   -8.084  3.450   1.00 18.00 ? 87  ALA A C   1 
ATOM   260  O O   . ALA A 1 36  ? 1.967   -7.054  4.142   1.00 15.70 ? 87  ALA A O   1 
ATOM   261  C CB  . ALA A 1 36  ? 0.589   -9.950  4.463   1.00 18.40 ? 87  ALA A CB  1 
ATOM   262  N N   . ILE A 1 37  ? 1.811   -8.070  2.128   1.00 15.30 ? 88  ILE A N   1 
ATOM   263  C CA  . ILE A 1 37  ? 1.713   -6.858  1.343   1.00 16.40 ? 88  ILE A CA  1 
ATOM   264  C C   . ILE A 1 37  ? 0.374   -6.801  0.599   1.00 14.80 ? 88  ILE A C   1 
ATOM   265  O O   . ILE A 1 37  ? -0.041  -7.789  0.015   1.00 16.30 ? 88  ILE A O   1 
ATOM   266  C CB  . ILE A 1 37  ? 2.838   -6.827  0.316   1.00 20.90 ? 88  ILE A CB  1 
ATOM   267  C CG1 . ILE A 1 37  ? 4.178   -6.730  1.060   1.00 24.60 ? 88  ILE A CG1 1 
ATOM   268  C CG2 . ILE A 1 37  ? 2.662   -5.651  -0.646  1.00 23.50 ? 88  ILE A CG2 1 
ATOM   269  C CD1 . ILE A 1 37  ? 5.398   -7.215  0.249   1.00 26.90 ? 88  ILE A CD1 1 
ATOM   270  N N   . VAL A 1 38  ? -0.354  -5.700  0.749   1.00 13.50 ? 89  VAL A N   1 
ATOM   271  C CA  . VAL A 1 38  ? -1.563  -5.432  -0.045  1.00 14.70 ? 89  VAL A CA  1 
ATOM   272  C C   . VAL A 1 38  ? -1.352  -4.178  -0.909  1.00 13.90 ? 89  VAL A C   1 
ATOM   273  O O   . VAL A 1 38  ? -0.909  -3.125  -0.394  1.00 13.20 ? 89  VAL A O   1 
ATOM   274  C CB  . VAL A 1 38  ? -2.834  -5.181  0.834   1.00 14.40 ? 89  VAL A CB  1 
ATOM   275  C CG1 . VAL A 1 38  ? -4.048  -4.849  -0.083  1.00 14.20 ? 89  VAL A CG1 1 
ATOM   276  C CG2 . VAL A 1 38  ? -3.142  -6.413  1.689   1.00 18.20 ? 89  VAL A CG2 1 
ATOM   277  N N   . VAL A 1 39  ? -1.727  -4.260  -2.190  1.00 10.50 ? 90  VAL A N   1 
ATOM   278  C CA  . VAL A 1 39  ? -1.566  -3.120  -3.093  1.00 11.00 ? 90  VAL A CA  1 
ATOM   279  C C   . VAL A 1 39  ? -2.800  -2.921  -3.956  1.00 12.30 ? 90  VAL A C   1 
ATOM   280  O O   . VAL A 1 39  ? -3.456  -3.885  -4.306  1.00 11.90 ? 90  VAL A O   1 
ATOM   281  C CB  . VAL A 1 39  ? -0.292  -3.269  -3.993  1.00 12.40 ? 90  VAL A CB  1 
ATOM   282  C CG1 . VAL A 1 39  ? -0.293  -4.575  -4.730  1.00 14.60 ? 90  VAL A CG1 1 
ATOM   283  C CG2 . VAL A 1 39  ? -0.189  -2.096  -4.967  1.00 12.30 ? 90  VAL A CG2 1 
ATOM   284  N N   . THR A 1 40  ? -3.215  -1.670  -4.133  1.00 11.10 ? 91  THR A N   1 
ATOM   285  C CA  . THR A 1 40  ? -4.343  -1.342  -5.013  1.00 12.60 ? 91  THR A CA  1 
ATOM   286  C C   . THR A 1 40  ? -3.876  -0.156  -5.857  1.00 13.50 ? 91  THR A C   1 
ATOM   287  O O   . THR A 1 40  ? -2.938  0.528   -5.457  1.00 14.00 ? 91  THR A O   1 
ATOM   288  C CB  . THR A 1 40  ? -5.607  -0.909  -4.213  1.00 11.90 ? 91  THR A CB  1 
ATOM   289  O OG1 . THR A 1 40  ? -5.256  0.120   -3.291  1.00 11.50 ? 91  THR A OG1 1 
ATOM   290  C CG2 . THR A 1 40  ? -6.194  -2.078  -3.425  1.00 9.90  ? 91  THR A CG2 1 
ATOM   291  N N   . GLN A 1 41  ? -4.510  0.086   -7.005  1.00 12.70 ? 92  GLN A N   1 
ATOM   292  C CA  . GLN A 1 41  ? -4.133  1.225   -7.841  1.00 12.90 ? 92  GLN A CA  1 
ATOM   293  C C   . GLN A 1 41  ? -5.213  2.276   -7.972  1.00 12.00 ? 92  GLN A C   1 
ATOM   294  O O   . GLN A 1 41  ? -6.406  1.996   -7.893  1.00 13.10 ? 92  GLN A O   1 
ATOM   295  C CB  . GLN A 1 41  ? -3.672  0.755   -9.216  1.00 19.00 ? 92  GLN A CB  1 
ATOM   296  C CG  . GLN A 1 41  ? -4.746  0.329   -10.131 1.00 19.30 ? 92  GLN A CG  1 
ATOM   297  C CD  . GLN A 1 41  ? -4.185  -0.248  -11.432 1.00 21.90 ? 92  GLN A CD  1 
ATOM   298  O OE1 . GLN A 1 41  ? -4.477  -1.395  -11.761 1.00 21.10 ? 92  GLN A OE1 1 
ATOM   299  N NE2 . GLN A 1 41  ? -3.389  0.547   -12.178 1.00 15.10 ? 92  GLN A NE2 1 
ATOM   300  N N   . HIS A 1 42  ? -4.772  3.512   -8.085  1.00 12.30 ? 93  HIS A N   1 
ATOM   301  C CA  . HIS A 1 42  ? -5.660  4.646   -8.014  1.00 14.00 ? 93  HIS A CA  1 
ATOM   302  C C   . HIS A 1 42  ? -5.245  5.689   -9.069  1.00 15.70 ? 93  HIS A C   1 
ATOM   303  O O   . HIS A 1 42  ? -4.061  5.788   -9.413  1.00 13.00 ? 93  HIS A O   1 
ATOM   304  C CB  . HIS A 1 42  ? -5.558  5.278   -6.616  1.00 10.40 ? 93  HIS A CB  1 
ATOM   305  C CG  . HIS A 1 42  ? -5.870  4.331   -5.511  1.00 11.10 ? 93  HIS A CG  1 
ATOM   306  N ND1 . HIS A 1 42  ? -7.160  4.003   -5.172  1.00 13.10 ? 93  HIS A ND1 1 
ATOM   307  C CD2 . HIS A 1 42  ? -5.056  3.466   -4.848  1.00 10.40 ? 93  HIS A CD2 1 
ATOM   308  C CE1 . HIS A 1 42  ? -7.081  2.938   -4.356  1.00 13.40 ? 93  HIS A CE1 1 
ATOM   309  N NE2 . HIS A 1 42  ? -5.820  2.612   -4.169  1.00 12.40 ? 93  HIS A NE2 1 
ATOM   310  N N   . GLY A 1 43  ? -6.210  6.524   -9.473  1.00 16.10 ? 94  GLY A N   1 
ATOM   311  C CA  . GLY A 1 43  ? -5.951  7.618   -10.391 1.00 17.70 ? 94  GLY A CA  1 
ATOM   312  C C   . GLY A 1 43  ? -5.368  8.844   -9.707  1.00 20.30 ? 94  GLY A C   1 
ATOM   313  O O   . GLY A 1 43  ? -4.632  9.594   -10.331 1.00 21.30 ? 94  GLY A O   1 
ATOM   314  N N   . ARG A 1 44  ? -5.669  9.043   -8.428  1.00 20.40 ? 95  ARG A N   1 
ATOM   315  C CA  . ARG A 1 44  ? -5.210  10.230  -7.713  1.00 23.30 ? 95  ARG A CA  1 
ATOM   316  C C   . ARG A 1 44  ? -4.922  9.856   -6.274  1.00 22.80 ? 95  ARG A C   1 
ATOM   317  O O   . ARG A 1 44  ? -5.499  8.905   -5.775  1.00 21.60 ? 95  ARG A O   1 
ATOM   318  C CB  . ARG A 1 44  ? -6.300  11.309  -7.695  1.00 30.10 ? 95  ARG A CB  1 
ATOM   319  C CG  . ARG A 1 44  ? -6.831  11.775  -9.037  1.00 39.70 ? 95  ARG A CG  1 
ATOM   320  C CD  . ARG A 1 44  ? -5.807  12.616  -9.814  1.00 46.40 ? 95  ARG A CD  1 
ATOM   321  N NE  . ARG A 1 44  ? -5.364  13.847  -9.138  1.00 52.80 ? 95  ARG A NE  1 
ATOM   322  C CZ  . ARG A 1 44  ? -5.557  15.081  -9.613  1.00 53.40 ? 95  ARG A CZ  1 
ATOM   323  N NH1 . ARG A 1 44  ? -6.391  15.272  -10.630 1.00 53.70 ? 95  ARG A NH1 1 
ATOM   324  N NH2 . ARG A 1 44  ? -5.042  16.134  -8.983  1.00 51.90 ? 95  ARG A NH2 1 
ATOM   325  N N   . VAL A 1 45  ? -4.097  10.635  -5.579  1.00 21.80 ? 96  VAL A N   1 
ATOM   326  C CA  . VAL A 1 45  ? -3.875  10.394  -4.158  1.00 25.40 ? 96  VAL A CA  1 
ATOM   327  C C   . VAL A 1 45  ? -4.767  11.322  -3.360  1.00 25.80 ? 96  VAL A C   1 
ATOM   328  O O   . VAL A 1 45  ? -4.447  12.482  -3.154  1.00 29.90 ? 96  VAL A O   1 
ATOM   329  C CB  . VAL A 1 45  ? -2.442  10.644  -3.731  1.00 26.50 ? 96  VAL A CB  1 
ATOM   330  C CG1 . VAL A 1 45  ? -2.285  10.359  -2.242  1.00 26.70 ? 96  VAL A CG1 1 
ATOM   331  C CG2 . VAL A 1 45  ? -1.530  9.761   -4.515  1.00 27.70 ? 96  VAL A CG2 1 
ATOM   332  N N   . THR A 1 46  ? -5.955  10.844  -3.046  1.00 24.80 ? 97  THR A N   1 
ATOM   333  C CA  . THR A 1 46  ? -6.929  11.611  -2.274  1.00 22.80 ? 97  THR A CA  1 
ATOM   334  C C   . THR A 1 46  ? -7.265  10.860  -0.978  1.00 23.20 ? 97  THR A C   1 
ATOM   335  O O   . THR A 1 46  ? -6.865  9.694   -0.797  1.00 21.30 ? 97  THR A O   1 
ATOM   336  C CB  . THR A 1 46  ? -8.198  11.782  -3.088  1.00 21.80 ? 97  THR A CB  1 
ATOM   337  O OG1 . THR A 1 46  ? -8.807  10.496  -3.274  1.00 23.10 ? 97  THR A OG1 1 
ATOM   338  C CG2 . THR A 1 46  ? -7.866  12.373  -4.444  1.00 24.00 ? 97  THR A CG2 1 
ATOM   339  N N   . SER A 1 47  ? -8.039  11.509  -0.105  1.00 22.80 ? 98  SER A N   1 
ATOM   340  C CA  . SER A 1 47  ? -8.477  10.907  1.151   1.00 20.50 ? 98  SER A CA  1 
ATOM   341  C C   . SER A 1 47  ? -9.326  9.698   0.857   1.00 17.60 ? 98  SER A C   1 
ATOM   342  O O   . SER A 1 47  ? -9.118  8.637   1.417   1.00 15.50 ? 98  SER A O   1 
ATOM   343  C CB  . SER A 1 47  ? -9.285  11.915  1.978   1.00 20.80 ? 98  SER A CB  1 
ATOM   344  O OG  . SER A 1 47  ? -8.422  12.918  2.493   1.00 23.10 ? 98  SER A OG  1 
ATOM   345  N N   . VAL A 1 48  ? -10.158 9.826   -0.165  1.00 17.30 ? 99  VAL A N   1 
ATOM   346  C CA  . VAL A 1 48  ? -11.031 8.751   -0.547  1.00 19.00 ? 99  VAL A CA  1 
ATOM   347  C C   . VAL A 1 48  ? -10.246 7.573   -1.135  1.00 18.40 ? 99  VAL A C   1 
ATOM   348  O O   . VAL A 1 48  ? -10.613 6.420   -0.884  1.00 17.20 ? 99  VAL A O   1 
ATOM   349  C CB  . VAL A 1 48  ? -12.082 9.255   -1.530  1.00 22.40 ? 99  VAL A CB  1 
ATOM   350  C CG1 . VAL A 1 48  ? -12.906 8.110   -2.042  1.00 25.20 ? 99  VAL A CG1 1 
ATOM   351  C CG2 . VAL A 1 48  ? -13.006 10.245  -0.820  1.00 26.30 ? 99  VAL A CG2 1 
ATOM   352  N N   . ALA A 1 49  ? -9.189  7.835   -1.914  1.00 16.30 ? 100 ALA A N   1 
ATOM   353  C CA  . ALA A 1 49  ? -8.372  6.723   -2.436  1.00 15.80 ? 100 ALA A CA  1 
ATOM   354  C C   . ALA A 1 49  ? -7.772  5.894   -1.294  1.00 15.10 ? 100 ALA A C   1 
ATOM   355  O O   . ALA A 1 49  ? -7.738  4.666   -1.378  1.00 14.00 ? 100 ALA A O   1 
ATOM   356  C CB  . ALA A 1 49  ? -7.258  7.232   -3.335  1.00 14.40 ? 100 ALA A CB  1 
ATOM   357  N N   . ALA A 1 50  ? -7.216  6.579   -0.291  1.00 14.20 ? 101 ALA A N   1 
ATOM   358  C CA  . ALA A 1 50  ? -6.639  5.950   0.902   1.00 13.60 ? 101 ALA A CA  1 
ATOM   359  C C   . ALA A 1 50  ? -7.691  5.090   1.662   1.00 14.50 ? 101 ALA A C   1 
ATOM   360  O O   . ALA A 1 50  ? -7.441  3.919   2.019   1.00 13.60 ? 101 ALA A O   1 
ATOM   361  C CB  . ALA A 1 50  ? -6.044  7.050   1.828   1.00 13.90 ? 101 ALA A CB  1 
ATOM   362  N N   . GLN A 1 51  ? -8.899  5.631   1.808   1.00 12.20 ? 102 GLN A N   1 
ATOM   363  C CA  . GLN A 1 51  ? -9.998  4.905   2.417   1.00 12.20 ? 102 GLN A CA  1 
ATOM   364  C C   . GLN A 1 51  ? -10.404 3.662   1.620   1.00 12.30 ? 102 GLN A C   1 
ATOM   365  O O   . GLN A 1 51  ? -10.651 2.621   2.196   1.00 12.10 ? 102 GLN A O   1 
ATOM   366  C CB  . GLN A 1 51  ? -11.178 5.848   2.588   1.00 11.50 ? 102 GLN A CB  1 
ATOM   367  C CG  . GLN A 1 51  ? -10.897 6.939   3.608   1.00 11.20 ? 102 GLN A CG  1 
ATOM   368  C CD  . GLN A 1 51  ? -11.824 8.131   3.472   1.00 15.90 ? 102 GLN A CD  1 
ATOM   369  O OE1 . GLN A 1 51  ? -11.447 9.273   3.740   1.00 20.60 ? 102 GLN A OE1 1 
ATOM   370  N NE2 . GLN A 1 51  ? -13.025 7.882   3.045   1.00 11.60 ? 102 GLN A NE2 1 
ATOM   371  N N   . HIS A 1 52  ? -10.511 3.769   0.298   1.00 12.60 ? 103 HIS A N   1 
ATOM   372  C CA  . HIS A 1 52  ? -10.805 2.600   -0.543  1.00 13.20 ? 103 HIS A CA  1 
ATOM   373  C C   . HIS A 1 52  ? -9.727  1.509   -0.423  1.00 11.20 ? 103 HIS A C   1 
ATOM   374  O O   . HIS A 1 52  ? -10.041 0.317   -0.340  1.00 12.70 ? 103 HIS A O   1 
ATOM   375  C CB  . HIS A 1 52  ? -10.937 3.028   -1.989  1.00 12.70 ? 103 HIS A CB  1 
ATOM   376  C CG  . HIS A 1 52  ? -12.203 3.767   -2.275  1.00 18.20 ? 103 HIS A CG  1 
ATOM   377  N ND1 . HIS A 1 52  ? -13.192 3.946   -1.341  1.00 19.30 ? 103 HIS A ND1 1 
ATOM   378  C CD2 . HIS A 1 52  ? -12.649 4.334   -3.426  1.00 18.90 ? 103 HIS A CD2 1 
ATOM   379  C CE1 . HIS A 1 52  ? -14.181 4.599   -1.950  1.00 19.30 ? 103 HIS A CE1 1 
ATOM   380  N NE2 . HIS A 1 52  ? -13.857 4.827   -3.200  1.00 19.20 ? 103 HIS A NE2 1 
ATOM   381  N N   . HIS A 1 53  ? -8.467  1.926   -0.408  1.00 10.10 ? 104 HIS A N   1 
ATOM   382  C CA  . HIS A 1 53  ? -7.350  1.004   -0.233  1.00 9.90  ? 104 HIS A CA  1 
ATOM   383  C C   . HIS A 1 53  ? -7.485  0.270   1.104   1.00 8.40  ? 104 HIS A C   1 
ATOM   384  O O   . HIS A 1 53  ? -7.440  -0.960  1.148   1.00 9.10  ? 104 HIS A O   1 
ATOM   385  C CB  . HIS A 1 53  ? -6.009  1.771   -0.278  1.00 8.20  ? 104 HIS A CB  1 
ATOM   386  C CG  . HIS A 1 53  ? -4.828  0.958   0.171   1.00 9.30  ? 104 HIS A CG  1 
ATOM   387  N ND1 . HIS A 1 53  ? -4.275  -0.052  -0.588  1.00 10.00 ? 104 HIS A ND1 1 
ATOM   388  C CD2 . HIS A 1 53  ? -4.167  0.960   1.359   1.00 9.40  ? 104 HIS A CD2 1 
ATOM   389  C CE1 . HIS A 1 53  ? -3.319  -0.614  0.162   1.00 10.80 ? 104 HIS A CE1 1 
ATOM   390  N NE2 . HIS A 1 53  ? -3.258  -0.011  1.332   1.00 11.70 ? 104 HIS A NE2 1 
ATOM   391  N N   . TRP A 1 54  ? -7.692  1.012   2.189   1.00 9.90  ? 105 TRP A N   1 
ATOM   392  C CA  . TRP A 1 54  ? -7.797  0.351   3.491   1.00 9.80  ? 105 TRP A CA  1 
ATOM   393  C C   . TRP A 1 54  ? -9.018  -0.553  3.619   1.00 11.30 ? 105 TRP A C   1 
ATOM   394  O O   . TRP A 1 54  ? -8.920  -1.592  4.246   1.00 11.30 ? 105 TRP A O   1 
ATOM   395  C CB  . TRP A 1 54  ? -7.782  1.350   4.653   1.00 11.60 ? 105 TRP A CB  1 
ATOM   396  C CG  . TRP A 1 54  ? -6.424  1.948   4.933   1.00 12.10 ? 105 TRP A CG  1 
ATOM   397  C CD1 . TRP A 1 54  ? -5.180  1.336   4.827   1.00 11.30 ? 105 TRP A CD1 1 
ATOM   398  C CD2 . TRP A 1 54  ? -6.176  3.290   5.356   1.00 13.40 ? 105 TRP A CD2 1 
ATOM   399  N NE1 . TRP A 1 54  ? -4.185  2.235   5.171   1.00 12.60 ? 105 TRP A NE1 1 
ATOM   400  C CE2 . TRP A 1 54  ? -4.769  3.443   5.482   1.00 13.00 ? 105 TRP A CE2 1 
ATOM   401  C CE3 . TRP A 1 54  ? -7.006  4.384   5.630   1.00 14.10 ? 105 TRP A CE3 1 
ATOM   402  C CZ2 . TRP A 1 54  ? -4.181  4.666   5.858   1.00 12.20 ? 105 TRP A CZ2 1 
ATOM   403  C CZ3 . TRP A 1 54  ? -6.421  5.586   6.010   1.00 15.20 ? 105 TRP A CZ3 1 
ATOM   404  C CH2 . TRP A 1 54  ? -5.017  5.719   6.116   1.00 13.30 ? 105 TRP A CH2 1 
ATOM   405  N N   . ALA A 1 55  ? -10.122 -0.219  2.949   1.00 10.90 ? 106 ALA A N   1 
ATOM   406  C CA  . ALA A 1 55  ? -11.306 -1.073  2.973   1.00 11.20 ? 106 ALA A CA  1 
ATOM   407  C C   . ALA A 1 55  ? -10.958 -2.413  2.368   1.00 11.80 ? 106 ALA A C   1 
ATOM   408  O O   . ALA A 1 55  ? -11.319 -3.471  2.901   1.00 13.10 ? 106 ALA A O   1 
ATOM   409  C CB  . ALA A 1 55  ? -12.448 -0.438  2.205   1.00 12.30 ? 106 ALA A CB  1 
ATOM   410  N N   . THR A 1 56  ? -10.195 -2.370  1.284   1.00 11.70 ? 107 THR A N   1 
ATOM   411  C CA  . THR A 1 56  ? -9.701  -3.591  0.629   1.00 12.00 ? 107 THR A CA  1 
ATOM   412  C C   . THR A 1 56  ? -8.726  -4.364  1.551   1.00 11.70 ? 107 THR A C   1 
ATOM   413  O O   . THR A 1 56  ? -8.835  -5.590  1.710   1.00 13.10 ? 107 THR A O   1 
ATOM   414  C CB  . THR A 1 56  ? -8.992  -3.199  -0.702  1.00 14.30 ? 107 THR A CB  1 
ATOM   415  O OG1 . THR A 1 56  ? -9.961  -2.593  -1.567  1.00 18.30 ? 107 THR A OG1 1 
ATOM   416  C CG2 . THR A 1 56  ? -8.353  -4.393  -1.380  1.00 13.20 ? 107 THR A CG2 1 
ATOM   417  N N   . ALA A 1 57  ? -7.774  -3.648  2.149   1.00 10.10 ? 108 ALA A N   1 
ATOM   418  C CA  . ALA A 1 57  ? -6.769  -4.274  3.023   1.00 11.20 ? 108 ALA A CA  1 
ATOM   419  C C   . ALA A 1 57  ? -7.423  -4.926  4.235   1.00 12.30 ? 108 ALA A C   1 
ATOM   420  O O   . ALA A 1 57  ? -7.043  -6.036  4.610   1.00 11.60 ? 108 ALA A O   1 
ATOM   421  C CB  . ALA A 1 57  ? -5.733  -3.244  3.464   1.00 9.70  ? 108 ALA A CB  1 
ATOM   422  N N   . ILE A 1 58  ? -8.484  -4.297  4.753   1.00 11.20 ? 109 ILE A N   1 
ATOM   423  C CA  . ILE A 1 58  ? -9.231  -4.865  5.865   1.00 10.90 ? 109 ILE A CA  1 
ATOM   424  C C   . ILE A 1 58  ? -9.939  -6.162  5.457   1.00 14.40 ? 109 ILE A C   1 
ATOM   425  O O   . ILE A 1 58  ? -9.938  -7.131  6.238   1.00 16.50 ? 109 ILE A O   1 
ATOM   426  C CB  . ILE A 1 58  ? -10.284 -3.880  6.460   1.00 12.70 ? 109 ILE A CB  1 
ATOM   427  C CG1 . ILE A 1 58  ? -9.576  -2.769  7.278   1.00 13.20 ? 109 ILE A CG1 1 
ATOM   428  C CG2 . ILE A 1 58  ? -11.224 -4.639  7.406   1.00 12.90 ? 109 ILE A CG2 1 
ATOM   429  C CD1 . ILE A 1 58  ? -10.435 -1.532  7.610   1.00 11.80 ? 109 ILE A CD1 1 
ATOM   430  N N   . ALA A 1 59  ? -10.505 -6.216  4.252   1.00 11.30 ? 110 ALA A N   1 
ATOM   431  C CA  . ALA A 1 59  ? -11.153 -7.444  3.798   1.00 13.20 ? 110 ALA A CA  1 
ATOM   432  C C   . ALA A 1 59  ? -10.129 -8.569  3.654   1.00 17.30 ? 110 ALA A C   1 
ATOM   433  O O   . ALA A 1 59  ? -10.460 -9.739  3.818   1.00 19.20 ? 110 ALA A O   1 
ATOM   434  C CB  . ALA A 1 59  ? -11.887 -7.224  2.449   1.00 12.30 ? 110 ALA A CB  1 
ATOM   435  N N   . VAL A 1 60  ? -8.892  -8.223  3.309   1.00 18.60 ? 111 VAL A N   1 
ATOM   436  C CA  . VAL A 1 60  ? -7.859  -9.234  3.062   1.00 20.30 ? 111 VAL A CA  1 
ATOM   437  C C   . VAL A 1 60  ? -7.059  -9.651  4.304   1.00 22.20 ? 111 VAL A C   1 
ATOM   438  O O   . VAL A 1 60  ? -6.699  -10.824 4.445   1.00 22.80 ? 111 VAL A O   1 
ATOM   439  C CB  . VAL A 1 60  ? -6.877  -8.743  1.976   1.00 22.90 ? 111 VAL A CB  1 
ATOM   440  C CG1 . VAL A 1 60  ? -5.689  -9.717  1.830   1.00 25.40 ? 111 VAL A CG1 1 
ATOM   441  C CG2 . VAL A 1 60  ? -7.629  -8.583  0.649   1.00 22.50 ? 111 VAL A CG2 1 
ATOM   442  N N   . LEU A 1 61  ? -6.775  -8.696  5.189   1.00 19.10 ? 112 LEU A N   1 
ATOM   443  C CA  . LEU A 1 61  ? -5.913  -8.936  6.348   1.00 18.50 ? 112 LEU A CA  1 
ATOM   444  C C   . LEU A 1 61  ? -6.617  -8.928  7.692   1.00 19.50 ? 112 LEU A C   1 
ATOM   445  O O   . LEU A 1 61  ? -5.982  -9.179  8.720   1.00 21.10 ? 112 LEU A O   1 
ATOM   446  C CB  . LEU A 1 61  ? -4.834  -7.864  6.401   1.00 17.40 ? 112 LEU A CB  1 
ATOM   447  C CG  . LEU A 1 61  ? -3.918  -7.800  5.201   1.00 18.60 ? 112 LEU A CG  1 
ATOM   448  C CD1 . LEU A 1 61  ? -2.939  -6.630  5.381   1.00 19.40 ? 112 LEU A CD1 1 
ATOM   449  C CD2 . LEU A 1 61  ? -3.200  -9.154  5.065   1.00 19.50 ? 112 LEU A CD2 1 
ATOM   450  N N   . GLY A 1 62  ? -7.818  -8.370  7.723   1.00 16.90 ? 113 GLY A N   1 
ATOM   451  C CA  . GLY A 1 62  ? -8.506  -8.211  8.989   1.00 16.50 ? 113 GLY A CA  1 
ATOM   452  C C   . GLY A 1 62  ? -8.356  -6.778  9.447   1.00 18.30 ? 113 GLY A C   1 
ATOM   453  O O   . GLY A 1 62  ? -7.644  -5.993  8.812   1.00 19.40 ? 113 GLY A O   1 
ATOM   454  N N   . ARG A 1 63  ? -8.926  -6.450  10.599  1.00 19.70 ? 114 ARG A N   1 
ATOM   455  C CA  . ARG A 1 63  ? -8.839  -5.089  11.135  1.00 20.50 ? 114 ARG A CA  1 
ATOM   456  C C   . ARG A 1 63  ? -7.577  -4.919  11.991  1.00 19.90 ? 114 ARG A C   1 
ATOM   457  O O   . ARG A 1 63  ? -7.389  -5.635  12.972  1.00 22.40 ? 114 ARG A O   1 
ATOM   458  C CB  . ARG A 1 63  ? -10.067 -4.790  11.983  1.00 23.00 ? 114 ARG A CB  1 
ATOM   459  C CG  . ARG A 1 63  ? -10.459 -3.339  11.935  1.00 32.40 ? 114 ARG A CG  1 
ATOM   460  C CD  . ARG A 1 63  ? -11.855 -3.156  12.474  1.00 43.20 ? 114 ARG A CD  1 
ATOM   461  N NE  . ARG A 1 63  ? -11.977 -3.793  13.772  1.00 49.60 ? 114 ARG A NE  1 
ATOM   462  C CZ  . ARG A 1 63  ? -11.510 -3.267  14.898  1.00 55.80 ? 114 ARG A CZ  1 
ATOM   463  N NH1 . ARG A 1 63  ? -11.038 -2.023  14.900  1.00 59.00 ? 114 ARG A NH1 1 
ATOM   464  N NH2 . ARG A 1 63  ? -11.607 -3.944  16.039  1.00 59.30 ? 114 ARG A NH2 1 
ATOM   465  N N   . PRO A 1 64  ? -6.692  -3.982  11.627  1.00 16.30 ? 115 PRO A N   1 
ATOM   466  C CA  . PRO A 1 64  ? -5.476  -3.778  12.432  1.00 17.00 ? 115 PRO A CA  1 
ATOM   467  C C   . PRO A 1 64  ? -5.777  -2.958  13.706  1.00 18.20 ? 115 PRO A C   1 
ATOM   468  O O   . PRO A 1 64  ? -6.804  -2.261  13.766  1.00 18.70 ? 115 PRO A O   1 
ATOM   469  C CB  . PRO A 1 64  ? -4.590  -2.980  11.492  1.00 13.60 ? 115 PRO A CB  1 
ATOM   470  C CG  . PRO A 1 64  ? -5.610  -2.065  10.797  1.00 11.90 ? 115 PRO A CG  1 
ATOM   471  C CD  . PRO A 1 64  ? -6.827  -2.963  10.574  1.00 13.70 ? 115 PRO A CD  1 
ATOM   472  N N   . LYS A 1 65  ? -4.839  -2.929  14.653  1.00 17.70 ? 116 LYS A N   1 
ATOM   473  C CA  . LYS A 1 65  ? -4.981  -2.060  15.829  1.00 18.70 ? 116 LYS A CA  1 
ATOM   474  C C   . LYS A 1 65  ? -4.568  -0.633  15.514  1.00 19.00 ? 116 LYS A C   1 
ATOM   475  O O   . LYS A 1 65  ? -5.155  0.306   16.039  1.00 19.50 ? 116 LYS A O   1 
ATOM   476  C CB  . LYS A 1 65  ? -4.135  -2.550  17.000  1.00 22.40 ? 116 LYS A CB  1 
ATOM   477  C CG  . LYS A 1 65  ? -4.448  -3.968  17.439  1.00 31.10 ? 116 LYS A CG  1 
ATOM   478  C CD  . LYS A 1 65  ? -5.856  -4.070  17.999  1.00 40.00 ? 116 LYS A CD  1 
ATOM   479  C CE  . LYS A 1 65  ? -6.037  -5.360  18.816  1.00 45.80 ? 116 LYS A CE  1 
ATOM   480  N NZ  . LYS A 1 65  ? -5.627  -6.612  18.078  1.00 48.90 ? 116 LYS A NZ  1 
ATOM   481  N N   . ALA A 1 66  ? -3.570  -0.454  14.653  1.00 15.10 ? 117 ALA A N   1 
ATOM   482  C CA  . ALA A 1 66  ? -3.146  0.892   14.311  1.00 14.40 ? 117 ALA A CA  1 
ATOM   483  C C   . ALA A 1 66  ? -2.536  0.904   12.929  1.00 13.80 ? 117 ALA A C   1 
ATOM   484  O O   . ALA A 1 66  ? -2.121  -0.137  12.431  1.00 15.30 ? 117 ALA A O   1 
ATOM   485  C CB  . ALA A 1 66  ? -2.146  1.361   15.322  1.00 14.20 ? 117 ALA A CB  1 
ATOM   486  N N   . ILE A 1 67  ? -2.520  2.066   12.289  1.00 14.30 ? 118 ILE A N   1 
ATOM   487  C CA  . ILE A 1 67  ? -1.885  2.218   10.983  1.00 12.80 ? 118 ILE A CA  1 
ATOM   488  C C   . ILE A 1 67  ? -0.915  3.404   11.064  1.00 16.80 ? 118 ILE A C   1 
ATOM   489  O O   . ILE A 1 67  ? -1.250  4.446   11.648  1.00 16.30 ? 118 ILE A O   1 
ATOM   490  C CB  . ILE A 1 67  ? -2.932  2.472   9.864   1.00 12.50 ? 118 ILE A CB  1 
ATOM   491  C CG1 . ILE A 1 67  ? -3.856  1.249   9.720   1.00 12.90 ? 118 ILE A CG1 1 
ATOM   492  C CG2 . ILE A 1 67  ? -2.227  2.808   8.524   1.00 11.30 ? 118 ILE A CG2 1 
ATOM   493  C CD1 . ILE A 1 67  ? -5.166  1.542   8.919   1.00 12.70 ? 118 ILE A CD1 1 
ATOM   494  N N   . LYS A 1 68  ? 0.318   3.199   10.586  1.00 16.90 ? 119 LYS A N   1 
ATOM   495  C CA  . LYS A 1 68  ? 1.343   4.245   10.555  1.00 17.50 ? 119 LYS A CA  1 
ATOM   496  C C   . LYS A 1 68  ? 1.446   4.784   9.149   1.00 17.80 ? 119 LYS A C   1 
ATOM   497  O O   . LYS A 1 68  ? 1.559   4.015   8.206   1.00 16.50 ? 119 LYS A O   1 
ATOM   498  C CB  . LYS A 1 68  ? 2.714   3.678   10.925  1.00 19.60 ? 119 LYS A CB  1 
ATOM   499  C CG  . LYS A 1 68  ? 2.862   3.322   12.351  1.00 31.60 ? 119 LYS A CG  1 
ATOM   500  C CD  . LYS A 1 68  ? 4.193   2.640   12.587  1.00 37.60 ? 119 LYS A CD  1 
ATOM   501  C CE  . LYS A 1 68  ? 5.338   3.587   12.286  1.00 42.50 ? 119 LYS A CE  1 
ATOM   502  N NZ  . LYS A 1 68  ? 6.620   3.124   12.901  1.00 41.20 ? 119 LYS A NZ  1 
ATOM   503  N N   . THR A 1 69  ? 1.428   6.101   9.003   1.00 18.70 ? 120 THR A N   1 
ATOM   504  C CA  . THR A 1 69  ? 1.649   6.746   7.700   1.00 19.40 ? 120 THR A CA  1 
ATOM   505  C C   . THR A 1 69  ? 2.546   7.960   7.926   1.00 21.40 ? 120 THR A C   1 
ATOM   506  O O   . THR A 1 69  ? 2.920   8.267   9.066   1.00 22.00 ? 120 THR A O   1 
ATOM   507  C CB  . THR A 1 69  ? 0.323   7.254   7.052   1.00 16.80 ? 120 THR A CB  1 
ATOM   508  O OG1 . THR A 1 69  ? -0.196  8.354   7.810   1.00 18.30 ? 120 THR A OG1 1 
ATOM   509  C CG2 . THR A 1 69  ? -0.716  6.148   6.996   1.00 16.30 ? 120 THR A CG2 1 
ATOM   510  N N   . ASP A 1 70  ? 2.946   8.613   6.850   1.00 23.70 ? 121 ASP A N   1 
ATOM   511  C CA  . ASP A 1 70  ? 3.556   9.919   7.011   1.00 27.50 ? 121 ASP A CA  1 
ATOM   512  C C   . ASP A 1 70  ? 2.442   10.947  7.225   1.00 29.00 ? 121 ASP A C   1 
ATOM   513  O O   . ASP A 1 70  ? 1.268   10.591  7.385   1.00 27.50 ? 121 ASP A O   1 
ATOM   514  C CB  . ASP A 1 70  ? 4.415   10.299  5.796   1.00 29.50 ? 121 ASP A CB  1 
ATOM   515  C CG  . ASP A 1 70  ? 3.722   10.044  4.465   1.00 32.10 ? 121 ASP A CG  1 
ATOM   516  O OD1 . ASP A 1 70  ? 2.596   10.551  4.259   1.00 29.50 ? 121 ASP A OD1 1 
ATOM   517  O OD2 . ASP A 1 70  ? 4.362   9.408   3.587   1.00 33.30 ? 121 ASP A OD2 1 
ATOM   518  N N   . ASN A 1 71  ? 2.766   12.213  7.014   1.00 31.00 ? 122 ASN A N   1 
ATOM   519  C CA  . ASN A 1 71  ? 1.777   13.244  7.238   1.00 35.40 ? 122 ASN A CA  1 
ATOM   520  C C   . ASN A 1 71  ? 1.227   13.823  5.946   1.00 36.00 ? 122 ASN A C   1 
ATOM   521  O O   . ASN A 1 71  ? 0.839   14.993  5.888   1.00 37.10 ? 122 ASN A O   1 
ATOM   522  C CB  . ASN A 1 71  ? 2.364   14.322  8.147   1.00 42.40 ? 122 ASN A CB  1 
ATOM   523  C CG  . ASN A 1 71  ? 2.215   13.976  9.640   1.00 49.40 ? 122 ASN A CG  1 
ATOM   524  O OD1 . ASN A 1 71  ? 1.098   13.948  10.177  1.00 55.50 ? 122 ASN A OD1 1 
ATOM   525  N ND2 . ASN A 1 71  ? 3.334   13.704  10.308  1.00 52.60 ? 122 ASN A ND2 1 
ATOM   526  N N   . GLY A 1 72  ? 1.153   12.972  4.921   1.00 37.70 ? 123 GLY A N   1 
ATOM   527  C CA  . GLY A 1 72  ? 0.523   13.329  3.656   1.00 36.80 ? 123 GLY A CA  1 
ATOM   528  C C   . GLY A 1 72  ? -0.931  13.720  3.908   1.00 38.20 ? 123 GLY A C   1 
ATOM   529  O O   . GLY A 1 72  ? -1.609  13.155  4.773   1.00 36.40 ? 123 GLY A O   1 
ATOM   530  N N   . SER A 1 73  ? -1.423  14.687  3.147   1.00 38.20 ? 124 SER A N   1 
ATOM   531  C CA  . SER A 1 73  ? -2.750  15.229  3.400   1.00 40.20 ? 124 SER A CA  1 
ATOM   532  C C   . SER A 1 73  ? -3.876  14.201  3.274   1.00 37.30 ? 124 SER A C   1 
ATOM   533  O O   . SER A 1 73  ? -4.888  14.307  3.969   1.00 37.70 ? 124 SER A O   1 
ATOM   534  C CB  . SER A 1 73  ? -3.025  16.419  2.475   1.00 44.10 ? 124 SER A CB  1 
ATOM   535  O OG  . SER A 1 73  ? -3.122  15.993  1.123   1.00 50.90 ? 124 SER A OG  1 
ATOM   536  N N   . CYS A 1 74  ? -3.745  13.248  2.357   1.00 32.50 ? 125 CYS A N   1 
ATOM   537  C CA  . CYS A 1 74  ? -4.763  12.214  2.267   1.00 30.70 ? 125 CYS A CA  1 
ATOM   538  C C   . CYS A 1 74  ? -4.832  11.411  3.589   1.00 30.40 ? 125 CYS A C   1 
ATOM   539  O O   . CYS A 1 74  ? -5.827  10.709  3.852   1.00 28.30 ? 125 CYS A O   1 
ATOM   540  C CB  . CYS A 1 74  ? -4.488  11.268  1.086   1.00 29.40 ? 125 CYS A CB  1 
ATOM   541  S SG  . CYS A 1 74  ? -2.956  10.363  1.181   1.00 30.20 ? 125 CYS A SG  1 
ATOM   542  N N   . PHE A 1 75  ? -3.786  11.511  4.416   1.00 26.70 ? 126 PHE A N   1 
ATOM   543  C CA  . PHE A 1 75  ? -3.735  10.717  5.641   1.00 26.10 ? 126 PHE A CA  1 
ATOM   544  C C   . PHE A 1 75  ? -4.128  11.545  6.875   1.00 26.70 ? 126 PHE A C   1 
ATOM   545  O O   . PHE A 1 75  ? -4.534  11.000  7.901   1.00 26.00 ? 126 PHE A O   1 
ATOM   546  C CB  . PHE A 1 75  ? -2.325  10.106  5.846   1.00 23.80 ? 126 PHE A CB  1 
ATOM   547  C CG  . PHE A 1 75  ? -1.917  9.090   4.792   1.00 21.40 ? 126 PHE A CG  1 
ATOM   548  C CD1 . PHE A 1 75  ? -2.775  8.049   4.417   1.00 19.70 ? 126 PHE A CD1 1 
ATOM   549  C CD2 . PHE A 1 75  ? -0.654  9.157   4.207   1.00 18.70 ? 126 PHE A CD2 1 
ATOM   550  C CE1 . PHE A 1 75  ? -2.379  7.092   3.468   1.00 19.50 ? 126 PHE A CE1 1 
ATOM   551  C CE2 . PHE A 1 75  ? -0.246  8.211   3.279   1.00 19.10 ? 126 PHE A CE2 1 
ATOM   552  C CZ  . PHE A 1 75  ? -1.110  7.172   2.902   1.00 20.70 ? 126 PHE A CZ  1 
ATOM   553  N N   . THR A 1 76  ? -4.046  12.860  6.772   1.00 26.10 ? 127 THR A N   1 
ATOM   554  C CA  . THR A 1 76  ? -4.325  13.666  7.943   1.00 28.60 ? 127 THR A CA  1 
ATOM   555  C C   . THR A 1 76  ? -5.587  14.503  7.809   1.00 28.90 ? 127 THR A C   1 
ATOM   556  O O   . THR A 1 76  ? -5.898  15.328  8.686   1.00 27.80 ? 127 THR A O   1 
ATOM   557  C CB  . THR A 1 76  ? -3.132  14.570  8.257   1.00 29.60 ? 127 THR A CB  1 
ATOM   558  O OG1 . THR A 1 76  ? -2.858  15.405  7.118   1.00 33.50 ? 127 THR A OG1 1 
ATOM   559  C CG2 . THR A 1 76  ? -1.897  13.711  8.583   1.00 31.30 ? 127 THR A CG2 1 
ATOM   560  N N   . SER A 1 77  ? -6.309  14.311  6.705   1.00 25.70 ? 128 SER A N   1 
ATOM   561  C CA  . SER A 1 77  ? -7.543  15.046  6.494   1.00 23.60 ? 128 SER A CA  1 
ATOM   562  C C   . SER A 1 77  ? -8.620  14.665  7.535   1.00 23.70 ? 128 SER A C   1 
ATOM   563  O O   . SER A 1 77  ? -8.555  13.613  8.185   1.00 21.90 ? 128 SER A O   1 
ATOM   564  C CB  . SER A 1 77  ? -8.069  14.804  5.077   1.00 24.00 ? 128 SER A CB  1 
ATOM   565  O OG  . SER A 1 77  ? -8.563  13.488  4.956   1.00 20.80 ? 128 SER A OG  1 
ATOM   566  N N   . LYS A 1 78  ? -9.603  15.549  7.690   1.00 24.10 ? 129 LYS A N   1 
ATOM   567  C CA  . LYS A 1 78  ? -10.717 15.330  8.603   1.00 26.30 ? 129 LYS A CA  1 
ATOM   568  C C   . LYS A 1 78  ? -11.470 14.074  8.158   1.00 23.20 ? 129 LYS A C   1 
ATOM   569  O O   . LYS A 1 78  ? -11.832 13.231  8.968   1.00 22.50 ? 129 LYS A O   1 
ATOM   570  C CB  . LYS A 1 78  ? -11.647 16.553  8.575   1.00 31.20 ? 129 LYS A CB  1 
ATOM   571  C CG  . LYS A 1 78  ? -12.697 16.580  9.680   1.00 41.30 ? 129 LYS A CG  1 
ATOM   572  C CD  . LYS A 1 78  ? -14.084 16.957  9.115   1.00 48.40 ? 129 LYS A CD  1 
ATOM   573  C CE  . LYS A 1 78  ? -15.252 16.271  9.874   1.00 52.00 ? 129 LYS A CE  1 
ATOM   574  N NZ  . LYS A 1 78  ? -15.586 14.854  9.443   1.00 55.50 ? 129 LYS A NZ  1 
ATOM   575  N N   . SER A 1 79  ? -11.659 13.951  6.852   1.00 22.20 ? 130 SER A N   1 
ATOM   576  C CA  . SER A 1 79  ? -12.317 12.802  6.253   1.00 21.60 ? 130 SER A CA  1 
ATOM   577  C C   . SER A 1 79  ? -11.662 11.480  6.676   1.00 18.70 ? 130 SER A C   1 
ATOM   578  O O   . SER A 1 79  ? -12.352 10.535  7.060   1.00 17.60 ? 130 SER A O   1 
ATOM   579  C CB  . SER A 1 79  ? -12.250 12.941  4.725   1.00 23.80 ? 130 SER A CB  1 
ATOM   580  O OG  . SER A 1 79  ? -12.717 11.766  4.081   1.00 27.80 ? 130 SER A OG  1 
ATOM   581  N N   . THR A 1 80  ? -10.344 11.394  6.533   1.00 17.10 ? 131 THR A N   1 
ATOM   582  C CA  . THR A 1 80  ? -9.627  10.159  6.816   1.00 18.30 ? 131 THR A CA  1 
ATOM   583  C C   . THR A 1 80  ? -9.569  9.899   8.310   1.00 19.00 ? 131 THR A C   1 
ATOM   584  O O   . THR A 1 80  ? -9.729  8.767   8.771   1.00 15.20 ? 131 THR A O   1 
ATOM   585  C CB  . THR A 1 80  ? -8.226  10.213  6.220   1.00 18.60 ? 131 THR A CB  1 
ATOM   586  O OG1 . THR A 1 80  ? -8.347  10.233  4.799   1.00 18.90 ? 131 THR A OG1 1 
ATOM   587  C CG2 . THR A 1 80  ? -7.407  8.998   6.616   1.00 18.20 ? 131 THR A CG2 1 
ATOM   588  N N   . ARG A 1 81  ? -9.420  10.975  9.065   1.00 19.20 ? 132 ARG A N   1 
ATOM   589  C CA  . ARG A 1 81  ? -9.445  10.914  10.519  1.00 22.90 ? 132 ARG A CA  1 
ATOM   590  C C   . ARG A 1 81  ? -10.784 10.282  10.999  1.00 19.40 ? 132 ARG A C   1 
ATOM   591  O O   . ARG A 1 81  ? -10.810 9.374   11.821  1.00 18.00 ? 132 ARG A O   1 
ATOM   592  C CB  . ARG A 1 81  ? -9.282  12.340  11.056  1.00 28.00 ? 132 ARG A CB  1 
ATOM   593  C CG  . ARG A 1 81  ? -8.955  12.441  12.523  1.00 43.80 ? 132 ARG A CG  1 
ATOM   594  C CD  . ARG A 1 81  ? -8.547  13.873  12.887  1.00 55.00 ? 132 ARG A CD  1 
ATOM   595  N NE  . ARG A 1 81  ? -7.572  14.454  11.949  1.00 64.30 ? 132 ARG A NE  1 
ATOM   596  C CZ  . ARG A 1 81  ? -6.252  14.518  12.158  1.00 69.10 ? 132 ARG A CZ  1 
ATOM   597  N NH1 . ARG A 1 81  ? -5.706  14.002  13.263  1.00 70.50 ? 132 ARG A NH1 1 
ATOM   598  N NH2 . ARG A 1 81  ? -5.469  15.098  11.252  1.00 71.20 ? 132 ARG A NH2 1 
ATOM   599  N N   . GLU A 1 82  ? -11.880 10.704  10.384  1.00 19.10 ? 133 GLU A N   1 
ATOM   600  C CA  . GLU A 1 82  ? -13.212 10.221  10.706  1.00 17.50 ? 133 GLU A CA  1 
ATOM   601  C C   . GLU A 1 82  ? -13.481 8.779   10.210  1.00 18.50 ? 133 GLU A C   1 
ATOM   602  O O   . GLU A 1 82  ? -14.070 7.946   10.937  1.00 16.40 ? 133 GLU A O   1 
ATOM   603  C CB  . GLU A 1 82  ? -14.208 11.226  10.130  1.00 19.90 ? 133 GLU A CB  1 
ATOM   604  C CG  . GLU A 1 82  ? -15.645 10.883  10.310  1.00 26.80 ? 133 GLU A CG  1 
ATOM   605  C CD  . GLU A 1 82  ? -16.067 10.644  11.767  1.00 32.20 ? 133 GLU A CD  1 
ATOM   606  O OE1 . GLU A 1 82  ? -15.460 11.198  12.730  1.00 31.60 ? 133 GLU A OE1 1 
ATOM   607  O OE2 . GLU A 1 82  ? -17.071 9.927   11.928  1.00 35.70 ? 133 GLU A OE2 1 
ATOM   608  N N   . TRP A 1 83  ? -12.957 8.438   9.033   1.00 16.00 ? 134 TRP A N   1 
ATOM   609  C CA  . TRP A 1 83  ? -13.108 7.076   8.520   1.00 13.80 ? 134 TRP A CA  1 
ATOM   610  C C   . TRP A 1 83  ? -12.393 6.077   9.456   1.00 14.80 ? 134 TRP A C   1 
ATOM   611  O O   . TRP A 1 83  ? -12.967 5.037   9.828   1.00 13.80 ? 134 TRP A O   1 
ATOM   612  C CB  . TRP A 1 83  ? -12.530 7.003   7.105   1.00 10.80 ? 134 TRP A CB  1 
ATOM   613  C CG  . TRP A 1 83  ? -12.844 5.710   6.396   1.00 12.50 ? 134 TRP A CG  1 
ATOM   614  C CD1 . TRP A 1 83  ? -13.869 5.486   5.518   1.00 14.90 ? 134 TRP A CD1 1 
ATOM   615  C CD2 . TRP A 1 83  ? -12.041 4.508   6.389   1.00 14.20 ? 134 TRP A CD2 1 
ATOM   616  N NE1 . TRP A 1 83  ? -13.749 4.219   4.957   1.00 13.50 ? 134 TRP A NE1 1 
ATOM   617  C CE2 . TRP A 1 83  ? -12.635 3.607   5.472   1.00 12.40 ? 134 TRP A CE2 1 
ATOM   618  C CE3 . TRP A 1 83  ? -10.876 4.105   7.073   1.00 13.30 ? 134 TRP A CE3 1 
ATOM   619  C CZ2 . TRP A 1 83  ? -12.111 2.335   5.223   1.00 13.40 ? 134 TRP A CZ2 1 
ATOM   620  C CZ3 . TRP A 1 83  ? -10.371 2.829   6.835   1.00 15.60 ? 134 TRP A CZ3 1 
ATOM   621  C CH2 . TRP A 1 83  ? -10.994 1.963   5.912   1.00 12.90 ? 134 TRP A CH2 1 
ATOM   622  N N   . LEU A 1 84  ? -11.192 6.439   9.935   1.00 15.40 ? 135 LEU A N   1 
ATOM   623  C CA  . LEU A 1 84  ? -10.432 5.569   10.851  1.00 13.90 ? 135 LEU A CA  1 
ATOM   624  C C   . LEU A 1 84  ? -11.124 5.467   12.221  1.00 15.10 ? 135 LEU A C   1 
ATOM   625  O O   . LEU A 1 84  ? -11.209 4.372   12.799  1.00 13.60 ? 135 LEU A O   1 
ATOM   626  C CB  . LEU A 1 84  ? -8.994  6.075   11.024  1.00 14.60 ? 135 LEU A CB  1 
ATOM   627  C CG  . LEU A 1 84  ? -8.105  5.888   9.794   1.00 15.40 ? 135 LEU A CG  1 
ATOM   628  C CD1 . LEU A 1 84  ? -6.798  6.667   9.959   1.00 15.70 ? 135 LEU A CD1 1 
ATOM   629  C CD2 . LEU A 1 84  ? -7.863  4.406   9.588   1.00 14.70 ? 135 LEU A CD2 1 
ATOM   630  N N   . ALA A 1 85  ? -11.723 6.577   12.668  1.00 15.70 ? 136 ALA A N   1 
ATOM   631  C CA  . ALA A 1 85  ? -12.462 6.613   13.932  1.00 14.60 ? 136 ALA A CA  1 
ATOM   632  C C   . ALA A 1 85  ? -13.694 5.713   13.825  1.00 15.50 ? 136 ALA A C   1 
ATOM   633  O O   . ALA A 1 85  ? -14.013 4.946   14.731  1.00 16.70 ? 136 ALA A O   1 
ATOM   634  C CB  . ALA A 1 85  ? -12.886 8.043   14.237  1.00 15.40 ? 136 ALA A CB  1 
ATOM   635  N N   . ARG A 1 86  ? -14.365 5.777   12.691  1.00 15.30 ? 137 ARG A N   1 
ATOM   636  C CA  . ARG A 1 86  ? -15.517 4.931   12.446  1.00 17.40 ? 137 ARG A CA  1 
ATOM   637  C C   . ARG A 1 86  ? -15.174 3.431   12.565  1.00 19.40 ? 137 ARG A C   1 
ATOM   638  O O   . ARG A 1 86  ? -15.992 2.637   13.027  1.00 18.50 ? 137 ARG A O   1 
ATOM   639  C CB  . ARG A 1 86  ? -16.036 5.255   11.060  1.00 21.60 ? 137 ARG A CB  1 
ATOM   640  C CG  . ARG A 1 86  ? -17.034 4.305   10.494  1.00 26.50 ? 137 ARG A CG  1 
ATOM   641  C CD  . ARG A 1 86  ? -17.774 5.058   9.432   1.00 33.00 ? 137 ARG A CD  1 
ATOM   642  N NE  . ARG A 1 86  ? -17.261 4.817   8.095   1.00 40.00 ? 137 ARG A NE  1 
ATOM   643  C CZ  . ARG A 1 86  ? -17.158 5.738   7.137   1.00 41.00 ? 137 ARG A CZ  1 
ATOM   644  N NH1 . ARG A 1 86  ? -17.096 7.038   7.430   1.00 40.30 ? 137 ARG A NH1 1 
ATOM   645  N NH2 . ARG A 1 86  ? -16.843 5.334   5.916   1.00 43.70 ? 137 ARG A NH2 1 
ATOM   646  N N   . TRP A 1 87  ? -13.968 3.051   12.121  1.00 19.50 ? 138 TRP A N   1 
ATOM   647  C CA  . TRP A 1 87  ? -13.483 1.672   12.225  1.00 16.90 ? 138 TRP A CA  1 
ATOM   648  C C   . TRP A 1 87  ? -12.811 1.310   13.576  1.00 17.70 ? 138 TRP A C   1 
ATOM   649  O O   . TRP A 1 87  ? -12.567 0.145   13.856  1.00 19.50 ? 138 TRP A O   1 
ATOM   650  C CB  . TRP A 1 87  ? -12.515 1.393   11.075  1.00 14.90 ? 138 TRP A CB  1 
ATOM   651  C CG  . TRP A 1 87  ? -13.205 0.952   9.809   1.00 13.20 ? 138 TRP A CG  1 
ATOM   652  C CD1 . TRP A 1 87  ? -13.534 1.722   8.737   1.00 13.60 ? 138 TRP A CD1 1 
ATOM   653  C CD2 . TRP A 1 87  ? -13.603 -0.383  9.485   1.00 13.30 ? 138 TRP A CD2 1 
ATOM   654  N NE1 . TRP A 1 87  ? -14.107 0.947   7.754   1.00 12.80 ? 138 TRP A NE1 1 
ATOM   655  C CE2 . TRP A 1 87  ? -14.150 -0.352  8.187   1.00 15.50 ? 138 TRP A CE2 1 
ATOM   656  C CE3 . TRP A 1 87  ? -13.533 -1.610  10.166  1.00 14.70 ? 138 TRP A CE3 1 
ATOM   657  C CZ2 . TRP A 1 87  ? -14.626 -1.501  7.548   1.00 13.10 ? 138 TRP A CZ2 1 
ATOM   658  C CZ3 . TRP A 1 87  ? -14.004 -2.744  9.538   1.00 16.20 ? 138 TRP A CZ3 1 
ATOM   659  C CH2 . TRP A 1 87  ? -14.543 -2.683  8.238   1.00 15.70 ? 138 TRP A CH2 1 
ATOM   660  N N   . GLY A 1 88  ? -12.534 2.299   14.412  1.00 14.90 ? 139 GLY A N   1 
ATOM   661  C CA  . GLY A 1 88  ? -11.868 2.035   15.666  1.00 15.80 ? 139 GLY A CA  1 
ATOM   662  C C   . GLY A 1 88  ? -10.400 1.691   15.482  1.00 16.80 ? 139 GLY A C   1 
ATOM   663  O O   . GLY A 1 88  ? -9.854  0.909   16.239  1.00 18.00 ? 139 GLY A O   1 
ATOM   664  N N   . ILE A 1 89  ? -9.760  2.275   14.481  1.00 16.00 ? 140 ILE A N   1 
ATOM   665  C CA  . ILE A 1 89  ? -8.356  2.008   14.211  1.00 14.40 ? 140 ILE A CA  1 
ATOM   666  C C   . ILE A 1 89  ? -7.524  3.229   14.590  1.00 14.10 ? 140 ILE A C   1 
ATOM   667  O O   . ILE A 1 89  ? -7.827  4.344   14.147  1.00 17.00 ? 140 ILE A O   1 
ATOM   668  C CB  . ILE A 1 89  ? -8.138  1.709   12.714  1.00 12.80 ? 140 ILE A CB  1 
ATOM   669  C CG1 . ILE A 1 89  ? -8.907  0.464   12.307  1.00 13.80 ? 140 ILE A CG1 1 
ATOM   670  C CG2 . ILE A 1 89  ? -6.666  1.472   12.440  1.00 11.90 ? 140 ILE A CG2 1 
ATOM   671  C CD1 . ILE A 1 89  ? -8.971  0.290   10.808  1.00 12.20 ? 140 ILE A CD1 1 
ATOM   672  N N   . ALA A 1 90  ? -6.472  3.022   15.388  1.00 14.40 ? 141 ALA A N   1 
ATOM   673  C CA  . ALA A 1 90  ? -5.602  4.122   15.807  1.00 16.20 ? 141 ALA A CA  1 
ATOM   674  C C   . ALA A 1 90  ? -4.734  4.543   14.638  1.00 18.10 ? 141 ALA A C   1 
ATOM   675  O O   . ALA A 1 90  ? -4.346  3.704   13.809  1.00 19.10 ? 141 ALA A O   1 
ATOM   676  C CB  . ALA A 1 90  ? -4.714  3.700   16.990  1.00 16.10 ? 141 ALA A CB  1 
ATOM   677  N N   . HIS A 1 91  ? -4.385  5.819   14.597  1.00 18.50 ? 142 HIS A N   1 
ATOM   678  C CA  . HIS A 1 91  ? -3.570  6.326   13.512  1.00 20.80 ? 142 HIS A CA  1 
ATOM   679  C C   . HIS A 1 91  ? -2.368  6.986   14.132  1.00 24.30 ? 142 HIS A C   1 
ATOM   680  O O   . HIS A 1 91  ? -2.480  7.857   15.002  1.00 21.90 ? 142 HIS A O   1 
ATOM   681  C CB  . HIS A 1 91  ? -4.355  7.328   12.668  1.00 21.00 ? 142 HIS A CB  1 
ATOM   682  C CG  . HIS A 1 91  ? -3.594  7.879   11.502  1.00 22.60 ? 142 HIS A CG  1 
ATOM   683  N ND1 . HIS A 1 91  ? -3.907  9.081   10.912  1.00 26.20 ? 142 HIS A ND1 1 
ATOM   684  C CD2 . HIS A 1 91  ? -2.551  7.357   10.795  1.00 23.50 ? 142 HIS A CD2 1 
ATOM   685  C CE1 . HIS A 1 91  ? -3.052  9.236   9.881   1.00 24.70 ? 142 HIS A CE1 1 
ATOM   686  N NE2 . HIS A 1 91  ? -2.241  8.201   9.813   1.00 25.70 ? 142 HIS A NE2 1 
ATOM   687  N N   . THR A 1 92  ? -1.205  6.593   13.658  1.00 24.70 ? 143 THR A N   1 
ATOM   688  C CA  . THR A 1 92  ? 0.000   7.078   14.256  1.00 30.20 ? 143 THR A CA  1 
ATOM   689  C C   . THR A 1 92  ? 1.010   7.407   13.182  1.00 32.50 ? 143 THR A C   1 
ATOM   690  O O   . THR A 1 92  ? 0.729   7.307   11.990  1.00 27.50 ? 143 THR A O   1 
ATOM   691  C CB  . THR A 1 92  ? 0.525   6.029   15.247  1.00 31.40 ? 143 THR A CB  1 
ATOM   692  O OG1 . THR A 1 92  ? 1.883   6.301   15.545  1.00 40.50 ? 143 THR A OG1 1 
ATOM   693  C CG2 . THR A 1 92  ? 0.446   4.645   14.684  1.00 32.90 ? 143 THR A CG2 1 
ATOM   694  N N   . THR A 1 93  ? 2.211   7.756   13.607  1.00 38.80 ? 144 THR A N   1 
ATOM   695  C CA  . THR A 1 93  ? 3.237   8.197   12.680  1.00 44.50 ? 144 THR A CA  1 
ATOM   696  C C   . THR A 1 93  ? 4.635   7.771   13.128  1.00 46.40 ? 144 THR A C   1 
ATOM   697  O O   . THR A 1 93  ? 4.789   6.880   13.971  1.00 46.40 ? 144 THR A O   1 
ATOM   698  C CB  . THR A 1 93  ? 3.162   9.722   12.539  1.00 45.40 ? 144 THR A CB  1 
ATOM   699  O OG1 . THR A 1 93  ? 1.784   10.115  12.603  1.00 50.20 ? 144 THR A OG1 1 
ATOM   700  C CG2 . THR A 1 93  ? 3.746   10.178  11.212  1.00 44.90 ? 144 THR A CG2 1 
ATOM   701  N N   . GLY A 1 94  ? 5.632   8.237   12.385  1.00 50.10 ? 145 GLY A N   1 
ATOM   702  C CA  . GLY A 1 94  ? 7.016   7.968   12.730  1.00 54.40 ? 145 GLY A CA  1 
ATOM   703  C C   . GLY A 1 94  ? 7.404   8.430   14.129  1.00 55.80 ? 145 GLY A C   1 
ATOM   704  O O   . GLY A 1 94  ? 6.738   9.280   14.744  1.00 55.10 ? 145 GLY A O   1 
ATOM   705  N N   . ILE A 1 95  ? 8.465   7.817   14.640  1.00 57.90 ? 146 ILE A N   1 
ATOM   706  C CA  . ILE A 1 95  ? 8.974   8.112   15.967  1.00 60.30 ? 146 ILE A CA  1 
ATOM   707  C C   . ILE A 1 95  ? 10.086  9.156   15.836  1.00 61.60 ? 146 ILE A C   1 
ATOM   708  O O   . ILE A 1 95  ? 10.690  9.282   14.761  1.00 63.10 ? 146 ILE A O   1 
ATOM   709  C CB  . ILE A 1 95  ? 9.490   6.812   16.674  1.00 59.60 ? 146 ILE A CB  1 
ATOM   710  C CG1 . ILE A 1 95  ? 10.450  6.030   15.765  1.00 59.50 ? 146 ILE A CG1 1 
ATOM   711  C CG2 . ILE A 1 95  ? 8.302   5.930   17.054  1.00 59.70 ? 146 ILE A CG2 1 
ATOM   712  C CD1 . ILE A 1 95  ? 11.159  4.875   16.445  1.00 57.50 ? 146 ILE A CD1 1 
ATOM   713  N N   . PRO A 1 96  ? 10.202  10.060  16.820  0.00 61.80 ? 147 PRO A N   1 
ATOM   714  C CA  . PRO A 1 96  ? 11.219  11.116  16.775  0.00 61.90 ? 147 PRO A CA  1 
ATOM   715  C C   . PRO A 1 96  ? 12.624  10.585  17.051  0.00 61.90 ? 147 PRO A C   1 
ATOM   716  O O   . PRO A 1 96  ? 12.861  9.378   17.008  0.00 61.90 ? 147 PRO A O   1 
ATOM   717  C CB  . PRO A 1 96  ? 10.756  12.101  17.848  0.00 61.90 ? 147 PRO A CB  1 
ATOM   718  C CG  . PRO A 1 96  ? 9.985   11.262  18.803  0.00 61.80 ? 147 PRO A CG  1 
ATOM   719  C CD  . PRO A 1 96  ? 9.266   10.260  17.942  0.00 61.80 ? 147 PRO A CD  1 
ATOM   720  N N   . GLY A 1 97  ? 13.558  11.496  17.304  0.00 62.00 ? 148 GLY A N   1 
ATOM   721  C CA  . GLY A 1 97  ? 14.926  11.096  17.573  0.00 62.00 ? 148 GLY A CA  1 
ATOM   722  C C   . GLY A 1 97  ? 15.683  10.735  16.310  0.00 62.00 ? 148 GLY A C   1 
ATOM   723  O O   . GLY A 1 97  ? 16.386  9.726   16.268  0.00 62.10 ? 148 GLY A O   1 
ATOM   724  N N   . ASN A 1 98  ? 15.499  11.540  15.267  0.00 62.00 ? 149 ASN A N   1 
ATOM   725  C CA  . ASN A 1 98  ? 16.186  11.355  13.988  0.00 62.00 ? 149 ASN A CA  1 
ATOM   726  C C   . ASN A 1 98  ? 15.865  10.025  13.308  0.00 61.90 ? 149 ASN A C   1 
ATOM   727  O O   . ASN A 1 98  ? 16.630  9.546   12.469  0.00 61.90 ? 149 ASN A O   1 
ATOM   728  C CB  . ASN A 1 98  ? 17.705  11.490  14.173  0.00 62.10 ? 149 ASN A CB  1 
ATOM   729  C CG  . ASN A 1 98  ? 18.114  12.855  14.703  0.00 62.20 ? 149 ASN A CG  1 
ATOM   730  O OD1 . ASN A 1 98  ? 17.326  13.551  15.345  0.00 62.20 ? 149 ASN A OD1 1 
ATOM   731  N ND2 . ASN A 1 98  ? 19.362  13.231  14.463  0.00 62.20 ? 149 ASN A ND2 1 
ATOM   732  N N   . SER A 1 99  ? 14.700  9.464   13.623  0.00 61.80 ? 150 SER A N   1 
ATOM   733  C CA  . SER A 1 99  ? 14.263  8.212   13.017  0.00 61.60 ? 150 SER A CA  1 
ATOM   734  C C   . SER A 1 99  ? 13.875  8.470   11.564  0.00 61.40 ? 150 SER A C   1 
ATOM   735  O O   . SER A 1 99  ? 12.844  9.089   11.282  0.00 61.40 ? 150 SER A O   1 
ATOM   736  C CB  . SER A 1 99  ? 13.077  7.640   13.789  0.00 61.60 ? 150 SER A CB  1 
ATOM   737  O OG  . SER A 1 99  ? 13.429  7.364   15.136  0.00 61.70 ? 150 SER A OG  1 
ATOM   738  N N   . GLN A 1 100 ? 14.723  8.020   10.647  0.00 61.20 ? 151 GLN A N   1 
ATOM   739  C CA  . GLN A 1 100 ? 14.540  8.302   9.231   0.00 60.90 ? 151 GLN A CA  1 
ATOM   740  C C   . GLN A 1 100 ? 13.705  7.298   8.440   0.00 60.60 ? 151 GLN A C   1 
ATOM   741  O O   . GLN A 1 100 ? 14.243  6.371   7.832   0.00 60.60 ? 151 GLN A O   1 
ATOM   742  C CB  . GLN A 1 100 ? 15.903  8.484   8.554   0.00 61.00 ? 151 GLN A CB  1 
ATOM   743  C CG  . GLN A 1 100 ? 16.539  9.846   8.796   0.00 61.10 ? 151 GLN A CG  1 
ATOM   744  C CD  . GLN A 1 100 ? 15.652  10.992  8.344   0.00 61.10 ? 151 GLN A CD  1 
ATOM   745  O OE1 . GLN A 1 100 ? 15.189  11.790  9.157   0.00 61.20 ? 151 GLN A OE1 1 
ATOM   746  N NE2 . GLN A 1 100 ? 15.389  11.060  7.046   0.00 61.20 ? 151 GLN A NE2 1 
ATOM   747  N N   . GLY A 1 101 ? 12.388  7.463   8.494   0.00 60.30 ? 152 GLY A N   1 
ATOM   748  C CA  . GLY A 1 101 ? 11.506  6.725   7.607   0.00 59.90 ? 152 GLY A CA  1 
ATOM   749  C C   . GLY A 1 101 ? 11.027  5.341   7.997   0.00 59.40 ? 152 GLY A C   1 
ATOM   750  O O   . GLY A 1 101 ? 11.802  4.483   8.422   0.00 59.60 ? 152 GLY A O   1 
ATOM   751  N N   . GLN A 1 102 ? 9.722   5.140   7.845   1.00 59.50 ? 153 GLN A N   1 
ATOM   752  C CA  . GLN A 1 102 ? 9.061   3.828   8.002   1.00 57.20 ? 153 GLN A CA  1 
ATOM   753  C C   . GLN A 1 102 ? 9.597   2.865   6.922   1.00 51.70 ? 153 GLN A C   1 
ATOM   754  O O   . GLN A 1 102 ? 8.966   2.669   5.879   1.00 53.20 ? 153 GLN A O   1 
ATOM   755  C CB  . GLN A 1 102 ? 7.533   4.005   7.849   1.00 60.20 ? 153 GLN A CB  1 
ATOM   756  C CG  . GLN A 1 102 ? 7.135   4.949   6.687   1.00 63.80 ? 153 GLN A CG  1 
ATOM   757  C CD  . GLN A 1 102 ? 5.657   5.317   6.664   1.00 66.00 ? 153 GLN A CD  1 
ATOM   758  O OE1 . GLN A 1 102 ? 5.005   5.380   7.707   1.00 65.80 ? 153 GLN A OE1 1 
ATOM   759  N NE2 . GLN A 1 102 ? 5.153   5.668   5.480   1.00 65.80 ? 153 GLN A NE2 1 
ATOM   760  N N   . ALA A 1 103 ? 10.767  2.288   7.165   1.00 43.80 ? 154 ALA A N   1 
ATOM   761  C CA  . ALA A 1 103 ? 11.475  1.552   6.137   1.00 37.80 ? 154 ALA A CA  1 
ATOM   762  C C   . ALA A 1 103 ? 10.694  0.439   5.476   1.00 33.40 ? 154 ALA A C   1 
ATOM   763  O O   . ALA A 1 103 ? 10.702  0.354   4.266   1.00 32.20 ? 154 ALA A O   1 
ATOM   764  C CB  . ALA A 1 103 ? 12.792  1.004   6.676   1.00 37.70 ? 154 ALA A CB  1 
ATOM   765  N N   . MET A 1 104 ? 10.019  -0.407  6.252   1.00 30.50 ? 155 MET A N   1 
ATOM   766  C CA  . MET A 1 104 ? 9.339   -1.583  5.684   1.00 28.80 ? 155 MET A CA  1 
ATOM   767  C C   . MET A 1 104 ? 8.426   -1.312  4.479   1.00 23.80 ? 155 MET A C   1 
ATOM   768  O O   . MET A 1 104 ? 8.653   -1.849  3.404   1.00 22.30 ? 155 MET A O   1 
ATOM   769  C CB  . MET A 1 104 ? 8.584   -2.353  6.777   1.00 31.60 ? 155 MET A CB  1 
ATOM   770  C CG  . MET A 1 104 ? 9.497   -3.308  7.544   1.00 37.50 ? 155 MET A CG  1 
ATOM   771  S SD  . MET A 1 104 ? 8.659   -4.243  8.806   1.00 43.50 ? 155 MET A SD  1 
ATOM   772  C CE  . MET A 1 104 ? 7.624   -5.234  7.786   1.00 41.60 ? 155 MET A CE  1 
ATOM   773  N N   . VAL A 1 105 ? 7.471   -0.405  4.614   1.00 21.10 ? 156 VAL A N   1 
ATOM   774  C CA  . VAL A 1 105 ? 6.630   -0.073  3.481   1.00 19.30 ? 156 VAL A CA  1 
ATOM   775  C C   . VAL A 1 105 ? 7.479   0.567   2.375   1.00 22.50 ? 156 VAL A C   1 
ATOM   776  O O   . VAL A 1 105 ? 7.148   0.468   1.202   1.00 21.60 ? 156 VAL A O   1 
ATOM   777  C CB  . VAL A 1 105 ? 5.485   0.865   3.890   1.00 19.70 ? 156 VAL A CB  1 
ATOM   778  C CG1 . VAL A 1 105 ? 6.012   2.279   4.138   1.00 19.60 ? 156 VAL A CG1 1 
ATOM   779  C CG2 . VAL A 1 105 ? 4.408   0.863   2.801   1.00 18.50 ? 156 VAL A CG2 1 
ATOM   780  N N   . GLU A 1 106 ? 8.609   1.175   2.727   1.00 24.40 ? 157 GLU A N   1 
ATOM   781  C CA  . GLU A 1 106 ? 9.479   1.718   1.688   1.00 26.90 ? 157 GLU A CA  1 
ATOM   782  C C   . GLU A 1 106 ? 10.264  0.640   0.934   1.00 25.30 ? 157 GLU A C   1 
ATOM   783  O O   . GLU A 1 106 ? 10.506  0.750   -0.270  1.00 23.70 ? 157 GLU A O   1 
ATOM   784  C CB  . GLU A 1 106 ? 10.438  2.738   2.267   1.00 32.90 ? 157 GLU A CB  1 
ATOM   785  C CG  . GLU A 1 106 ? 9.966   4.162   2.085   1.00 47.10 ? 157 GLU A CG  1 
ATOM   786  C CD  . GLU A 1 106 ? 9.718   4.877   3.407   1.00 55.00 ? 157 GLU A CD  1 
ATOM   787  O OE1 . GLU A 1 106 ? 10.685  5.007   4.216   1.00 58.00 ? 157 GLU A OE1 1 
ATOM   788  O OE2 . GLU A 1 106 ? 8.551   5.298   3.635   1.00 60.10 ? 157 GLU A OE2 1 
ATOM   789  N N   . ARG A 1 107 ? 10.664  -0.413  1.619   1.00 24.70 ? 158 ARG A N   1 
ATOM   790  C CA  . ARG A 1 107 ? 11.342  -1.479  0.930   1.00 25.80 ? 158 ARG A CA  1 
ATOM   791  C C   . ARG A 1 107 ? 10.321  -2.185  0.028   1.00 23.30 ? 158 ARG A C   1 
ATOM   792  O O   . ARG A 1 107 ? 10.621  -2.564  -1.106  1.00 21.20 ? 158 ARG A O   1 
ATOM   793  C CB  . ARG A 1 107 ? 11.962  -2.450  1.931   1.00 30.90 ? 158 ARG A CB  1 
ATOM   794  C CG  . ARG A 1 107 ? 12.911  -3.410  1.256   1.00 45.20 ? 158 ARG A CG  1 
ATOM   795  C CD  . ARG A 1 107 ? 13.096  -4.697  2.041   1.00 54.50 ? 158 ARG A CD  1 
ATOM   796  N NE  . ARG A 1 107 ? 14.018  -5.610  1.357   1.00 63.20 ? 158 ARG A NE  1 
ATOM   797  C CZ  . ARG A 1 107 ? 13.962  -6.941  1.428   1.00 67.10 ? 158 ARG A CZ  1 
ATOM   798  N NH1 . ARG A 1 107 ? 13.035  -7.543  2.172   1.00 68.90 ? 158 ARG A NH1 1 
ATOM   799  N NH2 . ARG A 1 107 ? 14.836  -7.677  0.747   1.00 69.80 ? 158 ARG A NH2 1 
ATOM   800  N N   . ALA A 1 108 ? 9.113   -2.369  0.553   1.00 19.90 ? 159 ALA A N   1 
ATOM   801  C CA  . ALA A 1 108 ? 8.017   -2.963  -0.212  1.00 18.90 ? 159 ALA A CA  1 
ATOM   802  C C   . ALA A 1 108 ? 7.760   -2.216  -1.520  1.00 16.50 ? 159 ALA A C   1 
ATOM   803  O O   . ALA A 1 108 ? 7.508   -2.857  -2.544  1.00 17.50 ? 159 ALA A O   1 
ATOM   804  C CB  . ALA A 1 108 ? 6.729   -2.984  0.638   1.00 17.40 ? 159 ALA A CB  1 
ATOM   805  N N   . ASN A 1 109 ? 7.692   -0.879  -1.462  1.00 16.70 ? 160 ASN A N   1 
ATOM   806  C CA  . ASN A 1 109 ? 7.472   -0.065  -2.665  1.00 18.80 ? 160 ASN A CA  1 
ATOM   807  C C   . ASN A 1 109 ? 8.472   -0.466  -3.746  1.00 19.70 ? 160 ASN A C   1 
ATOM   808  O O   . ASN A 1 109 ? 8.119   -0.681  -4.900  1.00 18.10 ? 160 ASN A O   1 
ATOM   809  C CB  . ASN A 1 109 ? 7.686   1.427   -2.393  1.00 20.00 ? 160 ASN A CB  1 
ATOM   810  C CG  . ASN A 1 109 ? 6.598   2.042   -1.573  1.00 24.10 ? 160 ASN A CG  1 
ATOM   811  O OD1 . ASN A 1 109 ? 5.493   1.517   -1.471  1.00 26.00 ? 160 ASN A OD1 1 
ATOM   812  N ND2 . ASN A 1 109 ? 6.896   3.187   -0.990  1.00 27.40 ? 160 ASN A ND2 1 
ATOM   813  N N   . ARG A 1 110 ? 9.733   -0.557  -3.344  1.00 22.10 ? 161 ARG A N   1 
ATOM   814  C CA  . ARG A 1 110 ? 10.830  -0.859  -4.236  1.00 23.00 ? 161 ARG A CA  1 
ATOM   815  C C   . ARG A 1 110 ? 10.691  -2.279  -4.795  1.00 19.50 ? 161 ARG A C   1 
ATOM   816  O O   . ARG A 1 110 ? 10.800  -2.478  -6.002  1.00 18.30 ? 161 ARG A O   1 
ATOM   817  C CB  . ARG A 1 110 ? 12.161  -0.673  -3.478  1.00 29.70 ? 161 ARG A CB  1 
ATOM   818  C CG  . ARG A 1 110 ? 13.430  -0.917  -4.317  1.00 43.50 ? 161 ARG A CG  1 
ATOM   819  C CD  . ARG A 1 110 ? 14.725  -1.039  -3.461  1.00 53.00 ? 161 ARG A CD  1 
ATOM   820  N NE  . ARG A 1 110 ? 14.643  -2.035  -2.374  1.00 61.50 ? 161 ARG A NE  1 
ATOM   821  C CZ  . ARG A 1 110 ? 14.984  -3.323  -2.480  1.00 63.90 ? 161 ARG A CZ  1 
ATOM   822  N NH1 . ARG A 1 110 ? 15.410  -3.814  -3.642  1.00 65.50 ? 161 ARG A NH1 1 
ATOM   823  N NH2 . ARG A 1 110 ? 14.866  -4.133  -1.428  1.00 64.50 ? 161 ARG A NH2 1 
ATOM   824  N N   . LEU A 1 111 ? 10.428  -3.256  -3.936  1.00 16.50 ? 162 LEU A N   1 
ATOM   825  C CA  . LEU A 1 111 ? 10.287  -4.648  -4.376  1.00 18.80 ? 162 LEU A CA  1 
ATOM   826  C C   . LEU A 1 111 ? 9.130   -4.795  -5.344  1.00 17.40 ? 162 LEU A C   1 
ATOM   827  O O   . LEU A 1 111 ? 9.187   -5.550  -6.319  1.00 16.60 ? 162 LEU A O   1 
ATOM   828  C CB  . LEU A 1 111 ? 10.032  -5.558  -3.178  1.00 21.80 ? 162 LEU A CB  1 
ATOM   829  C CG  . LEU A 1 111 ? 11.234  -5.702  -2.257  1.00 26.60 ? 162 LEU A CG  1 
ATOM   830  C CD1 . LEU A 1 111 ? 10.828  -6.551  -1.069  1.00 28.00 ? 162 LEU A CD1 1 
ATOM   831  C CD2 . LEU A 1 111 ? 12.418  -6.312  -3.042  1.00 27.20 ? 162 LEU A CD2 1 
ATOM   832  N N   . LEU A 1 112 ? 8.088   -4.022  -5.079  1.00 18.80 ? 163 LEU A N   1 
ATOM   833  C CA  . LEU A 1 112 ? 6.884   -4.072  -5.879  1.00 17.70 ? 163 LEU A CA  1 
ATOM   834  C C   . LEU A 1 112 ? 7.146   -3.524  -7.277  1.00 17.70 ? 163 LEU A C   1 
ATOM   835  O O   . LEU A 1 112 ? 6.788   -4.144  -8.275  1.00 14.60 ? 163 LEU A O   1 
ATOM   836  C CB  . LEU A 1 112 ? 5.787   -3.287  -5.175  1.00 21.00 ? 163 LEU A CB  1 
ATOM   837  C CG  . LEU A 1 112 ? 4.405   -3.297  -5.810  1.00 24.70 ? 163 LEU A CG  1 
ATOM   838  C CD1 . LEU A 1 112 ? 3.812   -4.698  -5.733  1.00 25.20 ? 163 LEU A CD1 1 
ATOM   839  C CD2 . LEU A 1 112 ? 3.545   -2.282  -5.078  1.00 26.10 ? 163 LEU A CD2 1 
ATOM   840  N N   . LYS A 1 113 ? 7.782   -2.365  -7.358  1.00 18.60 ? 164 LYS A N   1 
ATOM   841  C CA  . LYS A 1 113 ? 8.036   -1.763  -8.655  1.00 21.40 ? 164 LYS A CA  1 
ATOM   842  C C   . LYS A 1 113 ? 8.995   -2.604  -9.503  1.00 21.50 ? 164 LYS A C   1 
ATOM   843  O O   . LYS A 1 113 ? 8.763   -2.785  -10.701 1.00 21.10 ? 164 LYS A O   1 
ATOM   844  C CB  . LYS A 1 113 ? 8.526   -0.320  -8.484  1.00 23.40 ? 164 LYS A CB  1 
ATOM   845  C CG  . LYS A 1 113 ? 7.335   0.658   -8.381  1.00 28.90 ? 164 LYS A CG  1 
ATOM   846  C CD  . LYS A 1 113 ? 7.422   1.591   -7.208  1.00 36.00 ? 164 LYS A CD  1 
ATOM   847  C CE  . LYS A 1 113 ? 8.471   2.661   -7.437  1.00 39.10 ? 164 LYS A CE  1 
ATOM   848  N NZ  . LYS A 1 113 ? 8.034   3.646   -8.479  1.00 46.40 ? 164 LYS A NZ  1 
ATOM   849  N N   . ASP A 1 114 ? 9.935   -3.277  -8.855  1.00 20.40 ? 165 ASP A N   1 
ATOM   850  C CA  . ASP A 1 114 ? 10.835  -4.180  -9.569  1.00 22.40 ? 165 ASP A CA  1 
ATOM   851  C C   . ASP A 1 114 ? 10.082  -5.363  -10.140 1.00 19.70 ? 165 ASP A C   1 
ATOM   852  O O   . ASP A 1 114 ? 10.379  -5.837  -11.246 1.00 17.30 ? 165 ASP A O   1 
ATOM   853  C CB  . ASP A 1 114 ? 11.898  -4.713  -8.626  1.00 29.00 ? 165 ASP A CB  1 
ATOM   854  C CG  . ASP A 1 114 ? 12.996  -3.733  -8.391  1.00 38.60 ? 165 ASP A CG  1 
ATOM   855  O OD1 . ASP A 1 114 ? 13.231  -2.873  -9.277  1.00 44.00 ? 165 ASP A OD1 1 
ATOM   856  O OD2 . ASP A 1 114 ? 13.626  -3.825  -7.312  1.00 46.00 ? 165 ASP A OD2 1 
ATOM   857  N N   . LYS A 1 115 ? 9.232   -5.940  -9.290  1.00 17.70 ? 166 LYS A N   1 
ATOM   858  C CA  . LYS A 1 115 ? 8.440   -7.095  -9.671  1.00 16.00 ? 166 LYS A CA  1 
ATOM   859  C C   . LYS A 1 115 ? 7.507   -6.772  -10.851 1.00 17.00 ? 166 LYS A C   1 
ATOM   860  O O   . LYS A 1 115 ? 7.344   -7.600  -11.761 1.00 15.00 ? 166 LYS A O   1 
ATOM   861  C CB  . LYS A 1 115 ? 7.635   -7.571  -8.467  1.00 19.70 ? 166 LYS A CB  1 
ATOM   862  C CG  . LYS A 1 115 ? 6.723   -8.725  -8.753  1.00 28.40 ? 166 LYS A CG  1 
ATOM   863  C CD  . LYS A 1 115 ? 7.505   -9.940  -9.213  1.00 35.30 ? 166 LYS A CD  1 
ATOM   864  C CE  . LYS A 1 115 ? 8.480   -10.422 -8.157  1.00 37.30 ? 166 LYS A CE  1 
ATOM   865  N NZ  . LYS A 1 115 ? 9.279   -11.566 -8.737  1.00 45.70 ? 166 LYS A NZ  1 
ATOM   866  N N   . ILE A 1 116 ? 6.892   -5.581  -10.831 1.00 14.60 ? 167 ILE A N   1 
ATOM   867  C CA  . ILE A 1 116 ? 6.028   -5.149  -11.922 1.00 13.00 ? 167 ILE A CA  1 
ATOM   868  C C   . ILE A 1 116 ? 6.830   -5.022  -13.211 1.00 15.10 ? 167 ILE A C   1 
ATOM   869  O O   . ILE A 1 116 ? 6.389   -5.461  -14.281 1.00 13.80 ? 167 ILE A O   1 
ATOM   870  C CB  . ILE A 1 116 ? 5.330   -3.798  -11.603 1.00 15.80 ? 167 ILE A CB  1 
ATOM   871  C CG1 . ILE A 1 116 ? 4.129   -4.028  -10.661 1.00 15.70 ? 167 ILE A CG1 1 
ATOM   872  C CG2 . ILE A 1 116 ? 4.809   -3.120  -12.898 1.00 16.40 ? 167 ILE A CG2 1 
ATOM   873  C CD1 . ILE A 1 116 ? 3.579   -2.710  -10.051 1.00 18.40 ? 167 ILE A CD1 1 
ATOM   874  N N   . ARG A 1 117 ? 8.003   -4.410  -13.111 1.00 14.40 ? 168 ARG A N   1 
ATOM   875  C CA  . ARG A 1 117 ? 8.876   -4.285  -14.275 1.00 18.80 ? 168 ARG A CA  1 
ATOM   876  C C   . ARG A 1 117 ? 9.280   -5.655  -14.899 1.00 18.50 ? 168 ARG A C   1 
ATOM   877  O O   . ARG A 1 117 ? 9.203   -5.824  -16.118 1.00 19.20 ? 168 ARG A O   1 
ATOM   878  C CB  . ARG A 1 117 ? 10.133  -3.488  -13.911 1.00 21.90 ? 168 ARG A CB  1 
ATOM   879  C CG  . ARG A 1 117 ? 11.059  -3.239  -15.106 1.00 29.90 ? 168 ARG A CG  1 
ATOM   880  C CD  . ARG A 1 117 ? 12.396  -2.668  -14.657 1.00 37.10 ? 168 ARG A CD  1 
ATOM   881  N NE  . ARG A 1 117 ? 13.003  -3.469  -13.586 1.00 44.90 ? 168 ARG A NE  1 
ATOM   882  C CZ  . ARG A 1 117 ? 13.753  -4.563  -13.775 1.00 49.00 ? 168 ARG A CZ  1 
ATOM   883  N NH1 . ARG A 1 117 ? 13.958  -5.060  -15.002 1.00 50.40 ? 168 ARG A NH1 1 
ATOM   884  N NH2 . ARG A 1 117 ? 14.274  -5.191  -12.725 1.00 49.80 ? 168 ARG A NH2 1 
ATOM   885  N N   . VAL A 1 118 ? 9.770   -6.582  -14.070 1.00 16.80 ? 169 VAL A N   1 
ATOM   886  C CA  . VAL A 1 118 ? 10.184  -7.922  -14.499 1.00 17.90 ? 169 VAL A CA  1 
ATOM   887  C C   . VAL A 1 118 ? 9.049   -8.648  -15.203 1.00 18.60 ? 169 VAL A C   1 
ATOM   888  O O   . VAL A 1 118 ? 9.206   -9.161  -16.316 1.00 16.10 ? 169 VAL A O   1 
ATOM   889  C CB  . VAL A 1 118 ? 10.620  -8.751  -13.277 1.00 20.80 ? 169 VAL A CB  1 
ATOM   890  C CG1 . VAL A 1 118 ? 10.783  -10.196 -13.634 1.00 25.40 ? 169 VAL A CG1 1 
ATOM   891  C CG2 . VAL A 1 118 ? 11.915  -8.218  -12.753 1.00 23.10 ? 169 VAL A CG2 1 
ATOM   892  N N   . LEU A 1 119 ? 7.876   -8.628  -14.582 1.00 17.50 ? 170 LEU A N   1 
ATOM   893  C CA  . LEU A 1 119 ? 6.707   -9.286  -15.165 1.00 19.30 ? 170 LEU A CA  1 
ATOM   894  C C   . LEU A 1 119 ? 6.243   -8.609  -16.456 1.00 18.30 ? 170 LEU A C   1 
ATOM   895  O O   . LEU A 1 119 ? 5.910   -9.288  -17.422 1.00 17.00 ? 170 LEU A O   1 
ATOM   896  C CB  . LEU A 1 119 ? 5.548   -9.337  -14.147 1.00 18.10 ? 170 LEU A CB  1 
ATOM   897  C CG  . LEU A 1 119 ? 5.749   -10.040 -12.807 1.00 19.60 ? 170 LEU A CG  1 
ATOM   898  C CD1 . LEU A 1 119 ? 4.504   -9.826  -11.955 1.00 19.70 ? 170 LEU A CD1 1 
ATOM   899  C CD2 . LEU A 1 119 ? 6.028   -11.523 -13.025 1.00 20.60 ? 170 LEU A CD2 1 
ATOM   900  N N   . ALA A 1 120 ? 6.217   -7.278  -16.473 1.00 18.20 ? 171 ALA A N   1 
ATOM   901  C CA  . ALA A 1 120 ? 5.790   -6.554  -17.660 1.00 19.10 ? 171 ALA A CA  1 
ATOM   902  C C   . ALA A 1 120 ? 6.725   -6.884  -18.822 1.00 20.10 ? 171 ALA A C   1 
ATOM   903  O O   . ALA A 1 120 ? 6.277   -7.224  -19.910 1.00 21.90 ? 171 ALA A O   1 
ATOM   904  C CB  . ALA A 1 120 ? 5.792   -5.038  -17.406 1.00 17.70 ? 171 ALA A CB  1 
ATOM   905  N N   . GLU A 1 121 ? 8.022   -6.771  -18.593 1.00 20.60 ? 172 GLU A N   1 
ATOM   906  C CA  . GLU A 1 121 ? 8.985   -6.975  -19.661 1.00 24.20 ? 172 GLU A CA  1 
ATOM   907  C C   . GLU A 1 121 ? 8.971   -8.416  -20.112 1.00 24.30 ? 172 GLU A C   1 
ATOM   908  O O   . GLU A 1 121 ? 9.039   -8.681  -21.305 1.00 26.10 ? 172 GLU A O   1 
ATOM   909  C CB  . GLU A 1 121 ? 10.379  -6.516  -19.226 1.00 25.70 ? 172 GLU A CB  1 
ATOM   910  C CG  . GLU A 1 121 ? 10.416  -4.977  -19.024 1.00 32.70 ? 172 GLU A CG  1 
ATOM   911  C CD  . GLU A 1 121 ? 11.778  -4.426  -18.588 1.00 36.80 ? 172 GLU A CD  1 
ATOM   912  O OE1 . GLU A 1 121 ? 12.697  -5.213  -18.271 1.00 39.20 ? 172 GLU A OE1 1 
ATOM   913  O OE2 . GLU A 1 121 ? 11.932  -3.186  -18.555 1.00 37.80 ? 172 GLU A OE2 1 
ATOM   914  N N   . GLY A 1 122 ? 8.628   -9.312  -19.194 1.00 24.20 ? 173 GLY A N   1 
ATOM   915  C CA  . GLY A 1 122 ? 8.489   -10.710 -19.551 1.00 25.00 ? 173 GLY A CA  1 
ATOM   916  C C   . GLY A 1 122 ? 7.346   -10.895 -20.530 1.00 25.00 ? 173 GLY A C   1 
ATOM   917  O O   . GLY A 1 122 ? 7.446   -11.697 -21.461 1.00 26.20 ? 173 GLY A O   1 
ATOM   918  N N   . ASP A 1 123 ? 6.285   -10.111 -20.359 1.00 24.50 ? 174 ASP A N   1 
ATOM   919  C CA  . ASP A 1 123 ? 5.118   -10.156 -21.241 1.00 23.20 ? 174 ASP A CA  1 
ATOM   920  C C   . ASP A 1 123 ? 5.313   -9.294  -22.483 1.00 24.10 ? 174 ASP A C   1 
ATOM   921  O O   . ASP A 1 123 ? 4.456   -9.252  -23.360 1.00 27.80 ? 174 ASP A O   1 
ATOM   922  C CB  . ASP A 1 123 ? 3.860   -9.705  -20.494 1.00 23.90 ? 174 ASP A CB  1 
ATOM   923  C CG  . ASP A 1 123 ? 3.234   -10.820 -19.680 1.00 25.20 ? 174 ASP A CG  1 
ATOM   924  O OD1 . ASP A 1 123 ? 3.618   -11.993 -19.833 1.00 27.80 ? 174 ASP A OD1 1 
ATOM   925  O OD2 . ASP A 1 123 ? 2.366   -10.529 -18.850 1.00 27.20 ? 174 ASP A OD2 1 
ATOM   926  N N   . GLY A 1 124 ? 6.440   -8.616  -22.575 1.00 21.90 ? 175 GLY A N   1 
ATOM   927  C CA  . GLY A 1 124 ? 6.705   -7.865  -23.780 1.00 25.80 ? 175 GLY A CA  1 
ATOM   928  C C   . GLY A 1 124 ? 6.271   -6.411  -23.745 1.00 26.80 ? 175 GLY A C   1 
ATOM   929  O O   . GLY A 1 124 ? 6.256   -5.756  -24.788 1.00 27.50 ? 175 GLY A O   1 
ATOM   930  N N   . PHE A 1 125 ? 5.945   -5.905  -22.555 1.00 24.80 ? 176 PHE A N   1 
ATOM   931  C CA  . PHE A 1 125 ? 5.569   -4.509  -22.367 1.00 23.80 ? 176 PHE A CA  1 
ATOM   932  C C   . PHE A 1 125 ? 6.784   -3.770  -21.801 1.00 27.40 ? 176 PHE A C   1 
ATOM   933  O O   . PHE A 1 125 ? 7.128   -3.920  -20.620 1.00 28.90 ? 176 PHE A O   1 
ATOM   934  C CB  . PHE A 1 125 ? 4.407   -4.425  -21.386 1.00 22.30 ? 176 PHE A CB  1 
ATOM   935  C CG  . PHE A 1 125 ? 3.242   -5.315  -21.746 1.00 24.30 ? 176 PHE A CG  1 
ATOM   936  C CD1 . PHE A 1 125 ? 2.669   -5.260  -23.018 1.00 24.20 ? 176 PHE A CD1 1 
ATOM   937  C CD2 . PHE A 1 125 ? 2.673   -6.159  -20.802 1.00 24.40 ? 176 PHE A CD2 1 
ATOM   938  C CE1 . PHE A 1 125 ? 1.554   -6.019  -23.339 1.00 22.80 ? 176 PHE A CE1 1 
ATOM   939  C CE2 . PHE A 1 125 ? 1.547   -6.921  -21.121 1.00 25.40 ? 176 PHE A CE2 1 
ATOM   940  C CZ  . PHE A 1 125 ? 0.993   -6.844  -22.394 1.00 23.90 ? 176 PHE A CZ  1 
ATOM   941  N N   . MET A 1 126 ? 7.500   -3.040  -22.648 1.00 29.80 ? 177 MET A N   1 
ATOM   942  C CA  . MET A 1 126 ? 8.720   -2.355  -22.197 1.00 33.20 ? 177 MET A CA  1 
ATOM   943  C C   . MET A 1 126 ? 8.372   -0.979  -21.658 1.00 32.60 ? 177 MET A C   1 
ATOM   944  O O   . MET A 1 126 ? 9.203   -0.333  -21.023 1.00 35.20 ? 177 MET A O   1 
ATOM   945  C CB  . MET A 1 126 ? 9.730   -2.200  -23.343 1.00 39.60 ? 177 MET A CB  1 
ATOM   946  C CG  . MET A 1 126 ? 10.130  -3.499  -24.053 1.00 48.90 ? 177 MET A CG  1 
ATOM   947  S SD  . MET A 1 126 ? 11.024  -4.698  -22.999 1.00 62.60 ? 177 MET A SD  1 
ATOM   948  C CE  . MET A 1 126 ? 10.265  -6.333  -23.525 1.00 57.40 ? 177 MET A CE  1 
ATOM   949  N N   . LYS A 1 127 ? 7.175   -0.502  -21.977 1.00 29.00 ? 178 LYS A N   1 
ATOM   950  C CA  . LYS A 1 127 ? 6.737   0.794   -21.503 1.00 29.20 ? 178 LYS A CA  1 
ATOM   951  C C   . LYS A 1 127 ? 5.481   0.670   -20.637 1.00 26.90 ? 178 LYS A C   1 
ATOM   952  O O   . LYS A 1 127 ? 5.486   -0.060  -19.647 1.00 28.80 ? 178 LYS A O   1 
ATOM   953  C CB  . LYS A 1 127 ? 6.508   1.699   -22.697 1.00 34.00 ? 178 LYS A CB  1 
ATOM   954  C CG  . LYS A 1 127 ? 7.779   1.953   -23.486 1.00 41.90 ? 178 LYS A CG  1 
ATOM   955  C CD  . LYS A 1 127 ? 8.785   2.762   -22.648 1.00 48.60 ? 178 LYS A CD  1 
ATOM   956  C CE  . LYS A 1 127 ? 9.498   3.830   -23.524 1.00 52.60 ? 178 LYS A CE  1 
ATOM   957  N NZ  . LYS A 1 127 ? 10.372  4.779   -22.752 1.00 54.00 ? 178 LYS A NZ  1 
ATOM   958  N N   . ARG A 1 128 ? 4.411   1.369   -20.991 1.00 21.50 ? 179 ARG A N   1 
ATOM   959  C CA  . ARG A 1 128 ? 3.180   1.312   -20.215 1.00 18.80 ? 179 ARG A CA  1 
ATOM   960  C C   . ARG A 1 128 ? 2.524   -0.061  -20.414 1.00 19.20 ? 179 ARG A C   1 
ATOM   961  O O   . ARG A 1 128 ? 2.513   -0.593  -21.524 1.00 17.10 ? 179 ARG A O   1 
ATOM   962  C CB  . ARG A 1 128 ? 2.230   2.409   -20.689 1.00 16.80 ? 179 ARG A CB  1 
ATOM   963  C CG  . ARG A 1 128 ? 1.223   2.814   -19.664 1.00 18.50 ? 179 ARG A CG  1 
ATOM   964  C CD  . ARG A 1 128 ? 0.207   3.821   -20.231 1.00 17.50 ? 179 ARG A CD  1 
ATOM   965  N NE  . ARG A 1 128 ? -0.478  3.325   -21.419 1.00 15.30 ? 179 ARG A NE  1 
ATOM   966  C CZ  . ARG A 1 128 ? -1.593  2.604   -21.420 1.00 16.50 ? 179 ARG A CZ  1 
ATOM   967  N NH1 . ARG A 1 128 ? -2.343  2.498   -20.325 1.00 17.20 ? 179 ARG A NH1 1 
ATOM   968  N NH2 . ARG A 1 128 ? -2.062  2.156   -22.569 1.00 15.50 ? 179 ARG A NH2 1 
ATOM   969  N N   . ILE A 1 129 ? 1.996   -0.653  -19.349 1.00 18.00 ? 180 ILE A N   1 
ATOM   970  C CA  . ILE A 1 129 ? 1.257   -1.916  -19.492 1.00 17.20 ? 180 ILE A CA  1 
ATOM   971  C C   . ILE A 1 129 ? -0.134  -1.551  -20.006 1.00 17.80 ? 180 ILE A C   1 
ATOM   972  O O   . ILE A 1 129 ? -0.761  -0.630  -19.470 1.00 17.30 ? 180 ILE A O   1 
ATOM   973  C CB  . ILE A 1 129 ? 1.122   -2.637  -18.109 1.00 17.30 ? 180 ILE A CB  1 
ATOM   974  C CG1 . ILE A 1 129 ? 2.522   -2.946  -17.576 1.00 15.40 ? 180 ILE A CG1 1 
ATOM   975  C CG2 . ILE A 1 129 ? 0.195   -3.892  -18.211 1.00 13.90 ? 180 ILE A CG2 1 
ATOM   976  C CD1 . ILE A 1 129 ? 2.625   -3.003  -16.060 1.00 18.80 ? 180 ILE A CD1 1 
ATOM   977  N N   . PRO A 1 130 ? -0.609  -2.217  -21.085 1.00 18.20 ? 181 PRO A N   1 
ATOM   978  C CA  . PRO A 1 130 ? -1.967  -1.967  -21.589 1.00 18.80 ? 181 PRO A CA  1 
ATOM   979  C C   . PRO A 1 130 ? -2.967  -2.013  -20.449 1.00 21.00 ? 181 PRO A C   1 
ATOM   980  O O   . PRO A 1 130 ? -2.942  -2.949  -19.634 1.00 20.70 ? 181 PRO A O   1 
ATOM   981  C CB  . PRO A 1 130 ? -2.216  -3.111  -22.579 1.00 17.10 ? 181 PRO A CB  1 
ATOM   982  C CG  . PRO A 1 130 ? -0.893  -3.583  -22.937 1.00 17.10 ? 181 PRO A CG  1 
ATOM   983  C CD  . PRO A 1 130 ? 0.011   -3.369  -21.754 1.00 17.20 ? 181 PRO A CD  1 
ATOM   984  N N   . THR A 1 131 ? -3.925  -1.087  -20.478 1.00 20.00 ? 182 THR A N   1 
ATOM   985  C CA  . THR A 1 131 ? -4.866  -0.917  -19.389 1.00 18.90 ? 182 THR A CA  1 
ATOM   986  C C   . THR A 1 131 ? -5.669  -2.172  -19.036 1.00 19.10 ? 182 THR A C   1 
ATOM   987  O O   . THR A 1 131 ? -5.837  -2.487  -17.864 1.00 17.50 ? 182 THR A O   1 
ATOM   988  C CB  . THR A 1 131 ? -5.801  0.306   -19.665 1.00 20.60 ? 182 THR A CB  1 
ATOM   989  O OG1 . THR A 1 131 ? -4.986  1.459   -19.938 1.00 21.40 ? 182 THR A OG1 1 
ATOM   990  C CG2 . THR A 1 131 ? -6.675  0.598   -18.463 1.00 19.20 ? 182 THR A CG2 1 
ATOM   991  N N   . SER A 1 132 ? -6.035  -2.971  -20.026 1.00 17.20 ? 183 SER A N   1 
ATOM   992  C CA  . SER A 1 132 ? -6.812  -4.175  -19.750 1.00 19.90 ? 183 SER A CA  1 
ATOM   993  C C   . SER A 1 132 ? -5.986  -5.312  -19.109 1.00 19.00 ? 183 SER A C   1 
ATOM   994  O O   . SER A 1 132 ? -6.529  -6.290  -18.639 1.00 22.30 ? 183 SER A O   1 
ATOM   995  C CB  . SER A 1 132 ? -7.426  -4.670  -21.049 1.00 20.90 ? 183 SER A CB  1 
ATOM   996  O OG  . SER A 1 132 ? -6.409  -4.805  -22.034 1.00 29.30 ? 183 SER A OG  1 
ATOM   997  N N   . LYS A 1 133 ? -4.673  -5.196  -19.151 1.00 17.50 ? 184 LYS A N   1 
ATOM   998  C CA  . LYS A 1 133 ? -3.769  -6.190  -18.599 1.00 19.50 ? 184 LYS A CA  1 
ATOM   999  C C   . LYS A 1 133 ? -3.294  -5.845  -17.173 1.00 18.90 ? 184 LYS A C   1 
ATOM   1000 O O   . LYS A 1 133 ? -2.637  -6.668  -16.513 1.00 17.50 ? 184 LYS A O   1 
ATOM   1001 C CB  . LYS A 1 133 ? -2.533  -6.285  -19.503 1.00 25.20 ? 184 LYS A CB  1 
ATOM   1002 C CG  . LYS A 1 133 ? -2.652  -7.261  -20.655 1.00 32.40 ? 184 LYS A CG  1 
ATOM   1003 C CD  . LYS A 1 133 ? -3.394  -6.686  -21.820 1.00 37.80 ? 184 LYS A CD  1 
ATOM   1004 C CE  . LYS A 1 133 ? -3.749  -7.801  -22.817 1.00 43.90 ? 184 LYS A CE  1 
ATOM   1005 N NZ  . LYS A 1 133 ? -5.172  -7.704  -23.319 1.00 48.80 ? 184 LYS A NZ  1 
ATOM   1006 N N   . GLN A 1 134 ? -3.498  -4.596  -16.754 1.00 15.40 ? 185 GLN A N   1 
ATOM   1007 C CA  . GLN A 1 134 ? -2.886  -4.094  -15.521 1.00 14.80 ? 185 GLN A CA  1 
ATOM   1008 C C   . GLN A 1 134 ? -3.306  -4.835  -14.261 1.00 15.90 ? 185 GLN A C   1 
ATOM   1009 O O   . GLN A 1 134 ? -2.481  -5.136  -13.415 1.00 14.60 ? 185 GLN A O   1 
ATOM   1010 C CB  . GLN A 1 134 ? -3.192  -2.615  -15.363 1.00 10.80 ? 185 GLN A CB  1 
ATOM   1011 C CG  . GLN A 1 134 ? -2.389  -1.763  -16.335 1.00 11.90 ? 185 GLN A CG  1 
ATOM   1012 C CD  . GLN A 1 134 ? -2.766  -0.277  -16.271 1.00 12.50 ? 185 GLN A CD  1 
ATOM   1013 O OE1 . GLN A 1 134 ? -3.574  0.137   -15.452 1.00 12.90 ? 185 GLN A OE1 1 
ATOM   1014 N NE2 . GLN A 1 134 ? -2.159  0.518   -17.123 1.00 13.80 ? 185 GLN A NE2 1 
ATOM   1015 N N   . GLY A 1 135 ? -4.606  -5.057  -14.113 1.00 15.20 ? 186 GLY A N   1 
ATOM   1016 C CA  . GLY A 1 135 ? -5.129  -5.699  -12.909 1.00 16.80 ? 186 GLY A CA  1 
ATOM   1017 C C   . GLY A 1 135 ? -4.585  -7.083  -12.606 1.00 14.50 ? 186 GLY A C   1 
ATOM   1018 O O   . GLY A 1 135 ? -4.207  -7.368  -11.482 1.00 14.60 ? 186 GLY A O   1 
ATOM   1019 N N   . GLU A 1 136 ? -4.487  -7.938  -13.614 1.00 14.00 ? 187 GLU A N   1 
ATOM   1020 C CA  . GLU A 1 136 ? -3.962  -9.270  -13.368 1.00 14.50 ? 187 GLU A CA  1 
ATOM   1021 C C   . GLU A 1 136 ? -2.476  -9.214  -13.102 1.00 13.20 ? 187 GLU A C   1 
ATOM   1022 O O   . GLU A 1 136 ? -1.935  -10.023 -12.349 1.00 12.70 ? 187 GLU A O   1 
ATOM   1023 C CB  . GLU A 1 136 ? -4.263  -10.177 -14.556 1.00 16.50 ? 187 GLU A CB  1 
ATOM   1024 C CG  . GLU A 1 136 ? -5.711  -10.558 -14.591 1.00 19.10 ? 187 GLU A CG  1 
ATOM   1025 C CD  . GLU A 1 136 ? -5.977  -11.798 -15.428 1.00 25.80 ? 187 GLU A CD  1 
ATOM   1026 O OE1 . GLU A 1 136 ? -5.057  -12.642 -15.659 1.00 22.40 ? 187 GLU A OE1 1 
ATOM   1027 O OE2 . GLU A 1 136 ? -7.154  -11.950 -15.806 1.00 27.70 ? 187 GLU A OE2 1 
ATOM   1028 N N   . LEU A 1 137 ? -1.792  -8.282  -13.754 1.00 12.70 ? 188 LEU A N   1 
ATOM   1029 C CA  . LEU A 1 137 ? -0.358  -8.186  -13.549 1.00 13.60 ? 188 LEU A CA  1 
ATOM   1030 C C   . LEU A 1 137 ? -0.061  -7.670  -12.147 1.00 12.10 ? 188 LEU A C   1 
ATOM   1031 O O   . LEU A 1 137 ? 0.845   -8.148  -11.498 1.00 12.50 ? 188 LEU A O   1 
ATOM   1032 C CB  . LEU A 1 137 ? 0.275   -7.287  -14.611 1.00 18.80 ? 188 LEU A CB  1 
ATOM   1033 C CG  . LEU A 1 137 ? 1.750   -7.590  -14.893 1.00 22.90 ? 188 LEU A CG  1 
ATOM   1034 C CD1 . LEU A 1 137 ? 2.058   -7.320  -16.358 1.00 23.50 ? 188 LEU A CD1 1 
ATOM   1035 C CD2 . LEU A 1 137 ? 2.617   -6.712  -13.985 1.00 22.70 ? 188 LEU A CD2 1 
ATOM   1036 N N   . LEU A 1 138 ? -0.853  -6.718  -11.671 1.00 11.30 ? 189 LEU A N   1 
ATOM   1037 C CA  . LEU A 1 138 ? -0.680  -6.200  -10.327 1.00 12.60 ? 189 LEU A CA  1 
ATOM   1038 C C   . LEU A 1 138 ? -0.972  -7.317  -9.311  1.00 11.60 ? 189 LEU A C   1 
ATOM   1039 O O   . LEU A 1 138 ? -0.225  -7.501  -8.355  1.00 11.40 ? 189 LEU A O   1 
ATOM   1040 C CB  . LEU A 1 138 ? -1.624  -5.019  -10.102 1.00 11.90 ? 189 LEU A CB  1 
ATOM   1041 C CG  . LEU A 1 138 ? -1.451  -4.339  -8.746  1.00 17.30 ? 189 LEU A CG  1 
ATOM   1042 C CD1 . LEU A 1 138 ? -0.022  -3.785  -8.626  1.00 15.10 ? 189 LEU A CD1 1 
ATOM   1043 C CD2 . LEU A 1 138 ? -2.477  -3.225  -8.622  1.00 18.00 ? 189 LEU A CD2 1 
ATOM   1044 N N   . ALA A 1 139 ? -2.037  -8.077  -9.549  1.00 10.80 ? 190 ALA A N   1 
ATOM   1045 C CA  . ALA A 1 139 ? -2.399  -9.206  -8.694  1.00 13.00 ? 190 ALA A CA  1 
ATOM   1046 C C   . ALA A 1 139 ? -1.298  -10.281 -8.700  1.00 12.10 ? 190 ALA A C   1 
ATOM   1047 O O   . ALA A 1 139 ? -0.945  -10.821 -7.649  1.00 11.50 ? 190 ALA A O   1 
ATOM   1048 C CB  . ALA A 1 139 ? -3.744  -9.804  -9.147  1.00 10.00 ? 190 ALA A CB  1 
ATOM   1049 N N   . LYS A 1 140 ? -0.684  -10.515 -9.862  1.00 12.20 ? 191 LYS A N   1 
ATOM   1050 C CA  . LYS A 1 140 ? 0.422   -11.459 -9.933  1.00 12.00 ? 191 LYS A CA  1 
ATOM   1051 C C   . LYS A 1 140 ? 1.671   -10.992 -9.137  1.00 14.00 ? 191 LYS A C   1 
ATOM   1052 O O   . LYS A 1 140 ? 2.316   -11.802 -8.477  1.00 15.10 ? 191 LYS A O   1 
ATOM   1053 C CB  . LYS A 1 140 ? 0.784   -11.729 -11.387 1.00 11.10 ? 191 LYS A CB  1 
ATOM   1054 C CG  . LYS A 1 140 ? 1.730   -12.893 -11.531 1.00 18.20 ? 191 LYS A CG  1 
ATOM   1055 C CD  . LYS A 1 140 ? 2.159   -13.096 -12.986 1.00 22.00 ? 191 LYS A CD  1 
ATOM   1056 C CE  . LYS A 1 140 ? 1.076   -13.739 -13.818 1.00 23.70 ? 191 LYS A CE  1 
ATOM   1057 N NZ  . LYS A 1 140 ? 1.510   -13.870 -15.250 1.00 27.70 ? 191 LYS A NZ  1 
ATOM   1058 N N   . ALA A 1 141 ? 2.014   -9.702  -9.191  1.00 12.20 ? 192 ALA A N   1 
ATOM   1059 C CA  . ALA A 1 141 ? 3.154   -9.160  -8.417  1.00 13.40 ? 192 ALA A CA  1 
ATOM   1060 C C   . ALA A 1 141 ? 2.903   -9.289  -6.913  1.00 13.90 ? 192 ALA A C   1 
ATOM   1061 O O   . ALA A 1 141 ? 3.806   -9.607  -6.154  1.00 13.90 ? 192 ALA A O   1 
ATOM   1062 C CB  . ALA A 1 141 ? 3.398   -7.681  -8.766  1.00 11.20 ? 192 ALA A CB  1 
ATOM   1063 N N   . MET A 1 142 ? 1.664   -9.029  -6.495  1.00 13.60 ? 193 MET A N   1 
ATOM   1064 C CA  . MET A 1 142 ? 1.272   -9.134  -5.083  1.00 13.90 ? 193 MET A CA  1 
ATOM   1065 C C   . MET A 1 142 ? 1.380   -10.575 -4.608  1.00 12.00 ? 193 MET A C   1 
ATOM   1066 O O   . MET A 1 142 ? 1.871   -10.846 -3.523  1.00 14.30 ? 193 MET A O   1 
ATOM   1067 C CB  . MET A 1 142 ? -0.169  -8.618  -4.892  1.00 12.90 ? 193 MET A CB  1 
ATOM   1068 C CG  . MET A 1 142 ? -0.597  -8.641  -3.451  1.00 13.20 ? 193 MET A CG  1 
ATOM   1069 S SD  . MET A 1 142 ? -2.189  -7.880  -3.305  1.00 14.90 ? 193 MET A SD  1 
ATOM   1070 C CE  . MET A 1 142 ? -2.813  -8.816  -1.892  1.00 17.10 ? 193 MET A CE  1 
ATOM   1071 N N   . TYR A 1 143 ? 0.869   -11.494 -5.414  1.00 14.20 ? 194 TYR A N   1 
ATOM   1072 C CA  . TYR A 1 143 ? 1.003   -12.916 -5.133  1.00 14.50 ? 194 TYR A CA  1 
ATOM   1073 C C   . TYR A 1 143 ? 2.490   -13.291 -4.998  1.00 17.10 ? 194 TYR A C   1 
ATOM   1074 O O   . TYR A 1 143 ? 2.877   -13.974 -4.055  1.00 17.10 ? 194 TYR A O   1 
ATOM   1075 C CB  . TYR A 1 143 ? 0.339   -13.712 -6.262  1.00 14.70 ? 194 TYR A CB  1 
ATOM   1076 C CG  . TYR A 1 143 ? 0.757   -15.151 -6.334  1.00 16.20 ? 194 TYR A CG  1 
ATOM   1077 C CD1 . TYR A 1 143 ? 0.302   -16.076 -5.402  1.00 18.30 ? 194 TYR A CD1 1 
ATOM   1078 C CD2 . TYR A 1 143 ? 1.675   -15.567 -7.280  1.00 18.70 ? 194 TYR A CD2 1 
ATOM   1079 C CE1 . TYR A 1 143 ? 0.760   -17.390 -5.420  1.00 20.50 ? 194 TYR A CE1 1 
ATOM   1080 C CE2 . TYR A 1 143 ? 2.151   -16.870 -7.304  1.00 21.40 ? 194 TYR A CE2 1 
ATOM   1081 C CZ  . TYR A 1 143 ? 1.685   -17.777 -6.387  1.00 23.90 ? 194 TYR A CZ  1 
ATOM   1082 O OH  . TYR A 1 143 ? 2.117   -19.084 -6.488  1.00 28.90 ? 194 TYR A OH  1 
ATOM   1083 N N   . ALA A 1 144 ? 3.326   -12.813 -5.916  1.00 16.40 ? 195 ALA A N   1 
ATOM   1084 C CA  . ALA A 1 144 ? 4.746   -13.176 -5.905  1.00 18.50 ? 195 ALA A CA  1 
ATOM   1085 C C   . ALA A 1 144 ? 5.461   -12.678 -4.659  1.00 19.50 ? 195 ALA A C   1 
ATOM   1086 O O   . ALA A 1 144 ? 6.273   -13.386 -4.080  1.00 20.20 ? 195 ALA A O   1 
ATOM   1087 C CB  . ALA A 1 144 ? 5.437   -12.639 -7.150  1.00 18.20 ? 195 ALA A CB  1 
ATOM   1088 N N   . LEU A 1 145 ? 5.127   -11.468 -4.238  1.00 20.20 ? 196 LEU A N   1 
ATOM   1089 C CA  . LEU A 1 145 ? 5.737   -10.864 -3.061  1.00 23.50 ? 196 LEU A CA  1 
ATOM   1090 C C   . LEU A 1 145 ? 5.297   -11.495 -1.737  1.00 24.70 ? 196 LEU A C   1 
ATOM   1091 O O   . LEU A 1 145 ? 5.948   -11.286 -0.721  1.00 26.60 ? 196 LEU A O   1 
ATOM   1092 C CB  . LEU A 1 145 ? 5.451   -9.350  -3.031  1.00 24.10 ? 196 LEU A CB  1 
ATOM   1093 C CG  . LEU A 1 145 ? 6.221   -8.415  -3.985  1.00 26.10 ? 196 LEU A CG  1 
ATOM   1094 C CD1 . LEU A 1 145 ? 5.772   -6.986  -3.791  1.00 29.40 ? 196 LEU A CD1 1 
ATOM   1095 C CD2 . LEU A 1 145 ? 7.688   -8.510  -3.704  1.00 30.30 ? 196 LEU A CD2 1 
ATOM   1096 N N   . ASN A 1 146 ? 4.135   -12.142 -1.722  1.00 26.90 ? 197 ASN A N   1 
ATOM   1097 C CA  . ASN A 1 146 ? 3.593   -12.763 -0.506  1.00 32.00 ? 197 ASN A CA  1 
ATOM   1098 C C   . ASN A 1 146 ? 3.733   -14.299 -0.444  1.00 37.20 ? 197 ASN A C   1 
ATOM   1099 O O   . ASN A 1 146 ? 3.897   -14.864 0.627   1.00 36.30 ? 197 ASN A O   1 
ATOM   1100 C CB  . ASN A 1 146 ? 2.096   -12.441 -0.354  1.00 29.90 ? 197 ASN A CB  1 
ATOM   1101 C CG  . ASN A 1 146 ? 1.820   -10.990 0.051   1.00 29.70 ? 197 ASN A CG  1 
ATOM   1102 O OD1 . ASN A 1 146 ? 2.514   -10.399 0.888   1.00 29.00 ? 197 ASN A OD1 1 
ATOM   1103 N ND2 . ASN A 1 146 ? 0.768   -10.428 -0.524  1.00 29.30 ? 197 ASN A ND2 1 
ATOM   1104 N N   . HIS A 1 147 ? 3.403   -14.969 -1.541  1.00 45.40 ? 198 HIS A N   1 
ATOM   1105 C CA  . HIS A 1 147 ? 3.320   -16.421 -1.553  1.00 53.10 ? 198 HIS A CA  1 
ATOM   1106 C C   . HIS A 1 147 ? 4.430   -17.021 -2.347  1.00 58.90 ? 198 HIS A C   1 
ATOM   1107 O O   . HIS A 1 147 ? 4.891   -16.444 -3.329  1.00 59.30 ? 198 HIS A O   1 
ATOM   1108 C CB  . HIS A 1 147 ? 2.020   -16.891 -2.169  1.00 52.00 ? 198 HIS A CB  1 
ATOM   1109 C CG  . HIS A 1 147 ? 0.816   -16.260 -1.569  1.00 52.90 ? 198 HIS A CG  1 
ATOM   1110 N ND1 . HIS A 1 147 ? 0.329   -16.612 -0.337  1.00 53.60 ? 198 HIS A ND1 1 
ATOM   1111 C CD2 . HIS A 1 147 ? 0.015   -15.265 -2.048  1.00 54.00 ? 198 HIS A CD2 1 
ATOM   1112 C CE1 . HIS A 1 147 ? -0.741  -15.822 -0.116  1.00 55.30 ? 198 HIS A CE1 1 
ATOM   1113 N NE2 . HIS A 1 147 ? -0.925  -15.017 -1.143  1.00 53.70 ? 198 HIS A NE2 1 
ATOM   1114 N N   . PHE A 1 148 ? 4.715   -18.272 -2.021  1.00 66.70 ? 199 PHE A N   1 
ATOM   1115 C CA  . PHE A 1 148 ? 5.819   -19.000 -2.628  1.00 73.70 ? 199 PHE A CA  1 
ATOM   1116 C C   . PHE A 1 148 ? 5.510   -20.498 -2.703  1.00 75.20 ? 199 PHE A C   1 
ATOM   1117 O O   . PHE A 1 148 ? 4.339   -20.904 -2.734  1.00 76.60 ? 199 PHE A O   1 
ATOM   1118 C CB  . PHE A 1 148 ? 7.101   -18.739 -1.821  1.00 77.30 ? 199 PHE A CB  1 
ATOM   1119 C CG  . PHE A 1 148 ? 7.379   -17.271 -1.596  1.00 82.00 ? 199 PHE A CG  1 
ATOM   1120 C CD1 . PHE A 1 148 ? 7.950   -16.497 -2.605  1.00 83.10 ? 199 PHE A CD1 1 
ATOM   1121 C CD2 . PHE A 1 148 ? 6.940   -16.635 -0.432  1.00 83.50 ? 199 PHE A CD2 1 
ATOM   1122 C CE1 . PHE A 1 148 ? 8.071   -15.117 -2.466  1.00 84.30 ? 199 PHE A CE1 1 
ATOM   1123 C CE2 . PHE A 1 148 ? 7.057   -15.255 -0.287  1.00 84.90 ? 199 PHE A CE2 1 
ATOM   1124 C CZ  . PHE A 1 148 ? 7.622   -14.495 -1.308  1.00 84.60 ? 199 PHE A CZ  1 
HETATM 1125 C C1  . Y3  B 2 .   ? 9.093   -3.505  15.072  1.00 42.60 ? 1   Y3  A C1  1 
HETATM 1126 C C2  . Y3  B 2 .   ? 9.890   -4.537  15.508  1.00 44.70 ? 1   Y3  A C2  1 
HETATM 1127 C C3  . Y3  B 2 .   ? 11.066  -4.830  14.856  1.00 51.60 ? 1   Y3  A C3  1 
HETATM 1128 C C4  . Y3  B 2 .   ? 11.446  -4.100  13.731  1.00 46.20 ? 1   Y3  A C4  1 
HETATM 1129 C C5  . Y3  B 2 .   ? 10.643  -3.059  13.280  1.00 42.50 ? 1   Y3  A C5  1 
HETATM 1130 C C6  . Y3  B 2 .   ? 9.460   -2.759  13.951  1.00 41.10 ? 1   Y3  A C6  1 
HETATM 1131 C C7  . Y3  B 2 .   ? 8.646   -1.724  13.507  1.00 38.00 ? 1   Y3  A C7  1 
HETATM 1132 C C8  . Y3  B 2 .   ? 9.023   -0.974  12.392  1.00 36.90 ? 1   Y3  A C8  1 
HETATM 1133 C C9  . Y3  B 2 .   ? 10.201  -1.274  11.723  1.00 37.90 ? 1   Y3  A C9  1 
HETATM 1134 C C10 . Y3  B 2 .   ? 11.011  -2.313  12.167  1.00 38.20 ? 1   Y3  A C10 1 
HETATM 1135 S S11 . Y3  B 2 .   ? 12.086  -6.169  15.497  1.00 56.80 ? 1   Y3  A S11 1 
HETATM 1136 O O12 . Y3  B 2 .   ? 11.964  -6.192  16.927  1.00 58.20 ? 1   Y3  A O12 1 
HETATM 1137 O O13 . Y3  B 2 .   ? 13.460  -5.954  15.148  1.00 59.50 ? 1   Y3  A O13 1 
HETATM 1138 O O14 . Y3  B 2 .   ? 11.629  -7.414  14.957  1.00 56.00 ? 1   Y3  A O14 1 
HETATM 1139 N N15 . Y3  B 2 .   ? 7.517   -1.460  14.168  1.00 33.80 ? 1   Y3  A N15 1 
HETATM 1140 C C16 . Y3  B 2 .   ? 6.500   -0.755  13.685  1.00 33.00 ? 1   Y3  A C16 1 
HETATM 1141 O O17 . Y3  B 2 .   ? 6.492   -0.255  12.557  1.00 30.30 ? 1   Y3  A O17 1 
HETATM 1142 C C18 . Y3  B 2 .   ? 5.314   -0.589  14.630  1.00 30.50 ? 1   Y3  A C18 1 
HETATM 1143 S S19 . Y3  B 2 .   ? 10.693  -0.320  10.267  1.00 38.00 ? 1   Y3  A S19 1 
HETATM 1144 O O20 . Y3  B 2 .   ? 11.767  -1.016  9.623   1.00 35.60 ? 1   Y3  A O20 1 
HETATM 1145 O O21 . Y3  B 2 .   ? 11.118  0.982   10.673  1.00 40.10 ? 1   Y3  A O21 1 
HETATM 1146 O O22 . Y3  B 2 .   ? 9.593   -0.177  9.362   1.00 37.30 ? 1   Y3  A O22 1 
HETATM 1147 O O23 . Y3  B 2 .   ? 7.935   -3.228  15.752  1.00 41.20 ? 1   Y3  A O23 1 
HETATM 1148 O O   . HOH C 3 .   ? -3.075  -13.974 -14.341 1.00 21.50 ? 210 HOH A O   1 
HETATM 1149 O O   . HOH C 3 .   ? -6.251  -7.416  -16.065 1.00 19.90 ? 211 HOH A O   1 
HETATM 1150 O O   . HOH C 3 .   ? -2.606  -12.648 -11.987 1.00 14.00 ? 212 HOH A O   1 
HETATM 1151 O O   . HOH C 3 .   ? -13.477 -3.813  4.605   1.00 21.40 ? 213 HOH A O   1 
HETATM 1152 O O   . HOH C 3 .   ? 11.609  -10.111 -17.389 1.00 25.80 ? 214 HOH A O   1 
HETATM 1153 O O   . HOH C 3 .   ? 1.570   8.916   -14.588 1.00 20.80 ? 215 HOH A O   1 
HETATM 1154 O O   . HOH C 3 .   ? -5.007  2.190   -15.145 1.00 20.20 ? 216 HOH A O   1 
HETATM 1155 O O   . HOH C 3 .   ? -6.330  3.708   -20.779 1.00 22.50 ? 217 HOH A O   1 
HETATM 1156 O O   . HOH C 3 .   ? -6.260  -2.928  -10.279 1.00 21.60 ? 218 HOH A O   1 
HETATM 1157 O O   . HOH C 3 .   ? 6.187   8.091   -5.609  1.00 27.90 ? 219 HOH A O   1 
HETATM 1158 O O   . HOH C 3 .   ? 5.691   -12.166 -17.758 1.00 45.20 ? 220 HOH A O   1 
HETATM 1159 O O   . HOH C 3 .   ? 8.494   -0.690  -12.483 1.00 27.30 ? 221 HOH A O   1 
HETATM 1160 O O   . HOH C 3 .   ? -4.321  0.581   -22.979 1.00 37.10 ? 222 HOH A O   1 
HETATM 1161 O O   . HOH C 3 .   ? -2.016  -9.306  -17.490 1.00 25.10 ? 223 HOH A O   1 
HETATM 1162 O O   . HOH C 3 .   ? -6.432  -2.099  -7.602  1.00 21.30 ? 224 HOH A O   1 
HETATM 1163 O O   . HOH C 3 .   ? -14.641 6.336   1.818   1.00 25.00 ? 225 HOH A O   1 
HETATM 1164 O O   . HOH C 3 .   ? -19.280 11.056  10.540  1.00 43.80 ? 226 HOH A O   1 
HETATM 1165 O O   . HOH C 3 .   ? -14.918 9.979   6.394   1.00 40.10 ? 227 HOH A O   1 
HETATM 1166 O O   . HOH C 3 .   ? -6.709  -4.093  -15.903 1.00 31.90 ? 228 HOH A O   1 
HETATM 1167 O O   . HOH C 3 .   ? -11.078 12.844  -1.244  1.00 36.00 ? 229 HOH A O   1 
HETATM 1168 O O   . HOH C 3 .   ? -9.443  5.714   -6.520  1.00 23.20 ? 230 HOH A O   1 
HETATM 1169 O O   . HOH C 3 .   ? 4.840   -1.166  -23.180 1.00 30.80 ? 231 HOH A O   1 
HETATM 1170 O O   . HOH C 3 .   ? 10.968  -7.460  -6.409  1.00 27.50 ? 232 HOH A O   1 
HETATM 1171 O O   . HOH C 3 .   ? -8.699  -1.885  15.819  1.00 32.40 ? 233 HOH A O   1 
HETATM 1172 O O   . HOH C 3 .   ? 6.827   -2.124  -18.668 1.00 36.80 ? 234 HOH A O   1 
HETATM 1173 O O   . HOH C 3 .   ? -6.063  -2.086  -22.911 1.00 34.30 ? 235 HOH A O   1 
HETATM 1174 O O   . HOH C 3 .   ? -12.819 -2.570  -2.467  1.00 57.60 ? 236 HOH A O   1 
HETATM 1175 O O   . HOH C 3 .   ? -10.374 -8.718  12.476  1.00 34.80 ? 237 HOH A O   1 
HETATM 1176 O O   . HOH C 3 .   ? -12.831 -0.163  -1.581  1.00 38.00 ? 238 HOH A O   1 
HETATM 1177 O O   . HOH C 3 .   ? 4.105   -5.656  14.728  1.00 34.10 ? 239 HOH A O   1 
HETATM 1178 O O   . HOH C 3 .   ? -8.529  8.880   13.582  1.00 32.80 ? 240 HOH A O   1 
HETATM 1179 O O   . HOH C 3 .   ? -9.176  5.794   -9.021  1.00 36.90 ? 241 HOH A O   1 
HETATM 1180 O O   . HOH C 3 .   ? -8.282  0.020   -6.667  1.00 49.90 ? 242 HOH A O   1 
HETATM 1181 O O   . HOH C 3 .   ? -2.192  -11.369 0.921   1.00 56.70 ? 243 HOH A O   1 
HETATM 1182 O O   . HOH C 3 .   ? -6.120  -1.132  -14.325 1.00 30.80 ? 244 HOH A O   1 
HETATM 1183 O O   . HOH C 3 .   ? 4.789   5.448   -20.955 1.00 46.10 ? 245 HOH A O   1 
HETATM 1184 O O   . HOH C 3 .   ? 8.991   -6.002  2.831   1.00 55.60 ? 246 HOH A O   1 
HETATM 1185 O O   . HOH C 3 .   ? -9.137  -0.171  -3.907  1.00 55.90 ? 247 HOH A O   1 
HETATM 1186 O O   . HOH C 3 .   ? -10.820 1.311   -5.273  1.00 43.60 ? 248 HOH A O   1 
HETATM 1187 O O   . HOH C 3 .   ? -8.576  6.774   15.067  1.00 38.10 ? 249 HOH A O   1 
HETATM 1188 O O   . HOH C 3 .   ? -5.264  -4.891  -6.117  1.00 35.40 ? 250 HOH A O   1 
HETATM 1189 O O   . HOH C 3 .   ? -7.563  0.953   -15.458 1.00 58.70 ? 251 HOH A O   1 
HETATM 1190 O O   . HOH C 3 .   ? 7.929   6.852   -7.759  1.00 51.30 ? 252 HOH A O   1 
HETATM 1191 O O   . HOH C 3 .   ? 7.057   -7.843  9.113   1.00 53.90 ? 253 HOH A O   1 
HETATM 1192 O O   . HOH C 3 .   ? -6.010  9.097   -13.455 1.00 70.60 ? 254 HOH A O   1 
HETATM 1193 O O   . HOH C 3 .   ? -13.204 12.243  13.651  1.00 36.00 ? 255 HOH A O   1 
HETATM 1194 O O   . HOH C 3 .   ? -5.606  7.833   16.210  1.00 39.70 ? 256 HOH A O   1 
HETATM 1195 O O   . HOH C 3 .   ? -6.102  10.320  12.111  1.00 44.90 ? 257 HOH A O   1 
HETATM 1196 O O   . HOH C 3 .   ? 1.612   -13.504 -18.123 1.00 47.10 ? 258 HOH A O   1 
HETATM 1197 O O   . HOH C 3 .   ? -11.284 16.335  4.811   1.00 32.40 ? 259 HOH A O   1 
HETATM 1198 O O   . HOH C 3 .   ? 3.871   4.628   15.817  1.00 42.20 ? 260 HOH A O   1 
HETATM 1199 O O   . HOH C 3 .   ? 0.855   -15.627 22.461  1.00 67.90 ? 261 HOH A O   1 
HETATM 1200 O O   . HOH C 3 .   ? -0.683  -11.569 -16.921 1.00 60.20 ? 262 HOH A O   1 
HETATM 1201 O O   . HOH C 3 .   ? -7.804  15.191  -0.613  1.00 43.60 ? 263 HOH A O   1 
HETATM 1202 O O   . HOH C 3 .   ? -5.992  -7.053  -4.943  1.00 37.50 ? 264 HOH A O   1 
HETATM 1203 O O   . HOH C 3 .   ? 5.661   -4.225  16.557  1.00 54.50 ? 265 HOH A O   1 
HETATM 1204 O O   . HOH C 3 .   ? -2.955  13.829  -7.046  1.00 47.50 ? 266 HOH A O   1 
HETATM 1205 O O   . HOH C 3 .   ? 7.810   8.152   9.267   1.00 68.10 ? 267 HOH A O   1 
HETATM 1206 O O   . HOH C 3 .   ? -10.495 3.847   -5.334  1.00 56.80 ? 268 HOH A O   1 
HETATM 1207 O O   . HOH C 3 .   ? -1.379  -9.313  -24.897 1.00 74.90 ? 269 HOH A O   1 
HETATM 1208 O O   . HOH C 3 .   ? -1.680  -1.708  20.905  1.00 61.00 ? 270 HOH A O   1 
HETATM 1209 O O   . HOH C 3 .   ? 6.020   6.394   9.899   1.00 66.00 ? 271 HOH A O   1 
HETATM 1210 O O   . HOH C 3 .   ? 9.554   7.800   -22.163 1.00 65.50 ? 272 HOH A O   1 
HETATM 1211 O O   . HOH C 3 .   ? -1.126  11.984  0.767   1.00 45.40 ? 273 HOH A O   1 
HETATM 1212 O O   . HOH C 3 .   ? -5.882  -7.785  12.881  1.00 56.50 ? 274 HOH A O   1 
HETATM 1213 O O   . HOH C 3 .   ? -5.370  -6.559  10.209  1.00 71.90 ? 275 HOH A O   1 
HETATM 1214 O O   . HOH C 3 .   ? 6.347   -10.477 2.105   1.00 52.50 ? 276 HOH A O   1 
HETATM 1215 O O   . HOH C 3 .   ? -4.651  -4.618  -25.217 1.00 61.80 ? 277 HOH A O   1 
HETATM 1216 O O   . HOH C 3 .   ? 13.069  11.554  12.449  1.00 76.50 ? 278 HOH A O   1 
HETATM 1217 O O   . HOH C 3 .   ? -20.961 5.756   5.220   1.00 78.30 ? 279 HOH A O   1 
HETATM 1218 O O   . HOH C 3 .   ? 3.569   -12.227 3.657   1.00 62.80 ? 280 HOH A O   1 
HETATM 1219 O O   . HOH C 3 .   ? -15.136 9.498   3.585   1.00 43.30 ? 281 HOH A O   1 
HETATM 1220 O O   . HOH C 3 .   ? -9.884  -2.664  -4.483  1.00 62.10 ? 282 HOH A O   1 
HETATM 1221 O O   . HOH C 3 .   ? -7.296  -5.838  15.542  1.00 61.10 ? 283 HOH A O   1 
HETATM 1222 O O   . HOH C 3 .   ? 14.912  -1.062  0.387   1.00 62.60 ? 284 HOH A O   1 
HETATM 1223 O O   . HOH C 3 .   ? 8.675   5.072   -0.630  1.00 78.30 ? 285 HOH A O   1 
HETATM 1224 O O   . HOH C 3 .   ? -6.385  -11.633 10.244  1.00 88.10 ? 286 HOH A O   1 
HETATM 1225 O O   . HOH C 3 .   ? -9.349  18.184  6.205   1.00 35.60 ? 287 HOH A O   1 
HETATM 1226 O O   . HOH C 3 .   ? -3.191  -6.488  -26.211 1.00 71.20 ? 288 HOH A O   1 
HETATM 1227 O O   . HOH C 3 .   ? 8.052   2.684   -19.004 1.00 99.30 ? 289 HOH A O   1 
HETATM 1228 O O   . HOH C 3 .   ? -11.960 8.737   17.908  1.00 62.50 ? 290 HOH A O   1 
HETATM 1229 O O   . HOH C 3 .   ? -7.203  -13.550 3.747   1.00 52.60 ? 291 HOH A O   1 
HETATM 1230 O O   . HOH C 3 .   ? 4.283   9.251   1.195   1.00 18.40 ? 292 HOH A O   1 
HETATM 1231 O O   . HOH C 3 .   ? 2.876   6.950   4.299   1.00 22.10 ? 293 HOH A O   1 
HETATM 1232 O O   . HOH C 3 .   ? 3.407   6.201   -18.628 1.00 34.80 ? 294 HOH A O   1 
HETATM 1233 O O   . HOH C 3 .   ? -9.133  -6.905  -19.010 1.00 59.50 ? 295 HOH A O   1 
HETATM 1234 O O   . HOH C 3 .   ? -6.003  -9.616  -18.194 1.00 35.70 ? 296 HOH A O   1 
HETATM 1235 O O   . HOH C 3 .   ? 8.484   2.671   -14.045 1.00 42.60 ? 297 HOH A O   1 
HETATM 1236 O O   . HOH C 3 .   ? 4.974   -14.105 -16.051 1.00 58.10 ? 298 HOH A O   1 
HETATM 1237 O O   . HOH C 3 .   ? 12.196  -3.753  17.876  1.00 37.60 ? 299 HOH A O   1 
HETATM 1238 O O   . HOH C 3 .   ? 2.319   -16.143 -17.860 1.00 38.00 ? 300 HOH A O   1 
HETATM 1239 O O   . HOH C 3 .   ? 0.864   0.047   -23.983 1.00 57.40 ? 301 HOH A O   1 
HETATM 1240 O O   . HOH C 3 .   ? -5.269  -5.803  -9.050  1.00 38.80 ? 302 HOH A O   1 
HETATM 1241 O O   . HOH C 3 .   ? -2.576  -7.143  17.717  1.00 63.10 ? 303 HOH A O   1 
HETATM 1242 O O   . HOH C 3 .   ? 2.929   -13.419 -22.526 1.00 41.10 ? 304 HOH A O   1 
HETATM 1243 O O   . HOH C 3 .   ? 6.492   8.015   1.482   1.00 54.10 ? 305 HOH A O   1 
HETATM 1244 O O   . HOH C 3 .   ? 12.692  -0.341  -8.145  1.00 62.80 ? 306 HOH A O   1 
HETATM 1245 O O   . HOH C 3 .   ? -16.896 7.497   3.902   1.00 63.20 ? 307 HOH A O   1 
HETATM 1246 O O   . HOH C 3 .   ? -1.045  -14.985 -15.601 1.00 49.40 ? 308 HOH A O   1 
HETATM 1247 O O   . HOH C 3 .   ? -1.222  -10.121 11.350  1.00 47.60 ? 309 HOH A O   1 
HETATM 1248 O O   . HOH C 3 .   ? 13.810  -6.360  -9.787  1.00 72.20 ? 310 HOH A O   1 
HETATM 1249 O O   . HOH C 3 .   ? -14.128 1.230   -3.421  1.00 56.10 ? 311 HOH A O   1 
HETATM 1250 O O   . HOH C 3 .   ? 12.427  -8.785  -9.417  1.00 63.30 ? 312 HOH A O   1 
HETATM 1251 O O   . HOH C 3 .   ? 4.781   11.796  14.928  1.00 80.00 ? 313 HOH A O   1 
HETATM 1252 O O   . HOH C 3 .   ? -4.630  -8.071  15.819  1.00 57.60 ? 314 HOH A O   1 
HETATM 1253 O O   . HOH C 3 .   ? 0.754   -16.839 -14.743 1.00 65.20 ? 315 HOH A O   1 
HETATM 1254 O O   . HOH C 3 .   ? 0.556   16.233  1.396   1.00 64.90 ? 316 HOH A O   1 
HETATM 1255 O O   . HOH C 3 .   ? 8.006   -3.402  -26.598 1.00 92.00 ? 317 HOH A O   1 
HETATM 1256 O O   . HOH C 3 .   ? 5.609   4.237   -18.878 1.00 36.90 ? 318 HOH A O   1 
HETATM 1257 O O   . HOH C 3 .   ? 9.674   -12.284 -23.137 1.00 64.30 ? 319 HOH A O   1 
HETATM 1258 O O   . HOH C 3 .   ? 1.628   10.683  1.479   1.00 66.40 ? 320 HOH A O   1 
HETATM 1259 O O   . HOH C 3 .   ? -7.157  -9.701  -20.652 1.00 67.90 ? 321 HOH A O   1 
HETATM 1260 O O   . HOH C 3 .   ? 13.385  -3.103  5.323   1.00 78.60 ? 322 HOH A O   1 
HETATM 1261 O O   . HOH C 3 .   ? -17.879 8.150   9.612   1.00 38.80 ? 323 HOH A O   1 
HETATM 1262 O O   . HOH C 3 .   ? -14.603 -2.157  13.753  1.00 37.90 ? 324 HOH A O   1 
HETATM 1263 O O   . HOH C 3 .   ? -9.000  3.124   -8.959  1.00 53.90 ? 325 HOH A O   1 
HETATM 1264 O O   . HOH C 3 .   ? -7.253  0.089   17.956  1.00 50.80 ? 326 HOH A O   1 
HETATM 1265 O O   . HOH C 3 .   ? -17.159 -0.584  11.725  1.00 64.70 ? 327 HOH A O   1 
HETATM 1266 O O   . HOH C 3 .   ? 10.812  0.387   -13.259 1.00 80.10 ? 328 HOH A O   1 
HETATM 1267 O O   . HOH C 3 .   ? 3.467   -3.791  19.422  1.00 50.20 ? 329 HOH A O   1 
HETATM 1268 O O   . HOH C 3 .   ? 3.232   -21.476 -5.020  1.00 69.10 ? 330 HOH A O   1 
HETATM 1269 O O   . HOH C 3 .   ? 7.768   6.617   -3.920  1.00 57.20 ? 331 HOH A O   1 
HETATM 1270 O O   . HOH C 3 .   ? -5.858  15.201  1.023   1.00 55.60 ? 332 HOH A O   1 
HETATM 1271 O O   . HOH C 3 .   ? 13.533  3.012   10.011  1.00 60.40 ? 333 HOH A O   1 
HETATM 1272 O O   . HOH C 3 .   ? -6.387  11.939  9.893   1.00 92.40 ? 334 HOH A O   1 
HETATM 1273 O O   . HOH C 3 .   ? 0.662   -19.061 0.405   1.00 64.80 ? 335 HOH A O   1 
HETATM 1274 O O   . HOH C 3 .   ? -5.311  16.960  4.996   1.00 66.60 ? 336 HOH A O   1 
HETATM 1275 O O   . HOH C 3 .   ? -12.415 13.336  1.004   1.00 79.20 ? 337 HOH A O   1 
HETATM 1276 O O   . HOH C 3 .   ? -7.099  18.104  3.170   1.00 61.90 ? 338 HOH A O   1 
HETATM 1277 O O   . HOH C 3 .   ? 8.718   -19.120 -4.200  1.00 90.40 ? 339 HOH A O   1 
HETATM 1278 O O   . HOH C 3 .   ? -8.897  8.193   -7.349  1.00 79.30 ? 340 HOH A O   1 
HETATM 1279 O O   . HOH C 3 .   ? 1.202   -5.791  12.279  1.00 81.80 ? 341 HOH A O   1 
HETATM 1280 O O   . HOH C 3 .   ? -9.460  15.259  1.358   1.00 60.80 ? 342 HOH A O   1 
HETATM 1281 O O   . HOH C 3 .   ? 10.043  3.497   -4.685  1.00 59.00 ? 343 HOH A O   1 
HETATM 1282 O O   . HOH C 3 .   ? -4.163  -11.090 8.302   1.00 90.90 ? 344 HOH A O   1 
HETATM 1283 O O   . HOH C 3 .   ? 0.706   11.414  10.508  1.00 45.00 ? 345 HOH A O   1 
HETATM 1284 O O   . HOH C 3 .   ? -8.377  4.363   -18.954 1.00 88.60 ? 346 HOH A O   1 
HETATM 1285 O O   . HOH C 3 .   ? 14.301  4.861   14.708  1.00 93.30 ? 347 HOH A O   1 
HETATM 1286 O O   . HOH C 3 .   ? 1.824   7.906   1.627   1.00 76.40 ? 348 HOH A O   1 
HETATM 1287 O O   . HOH C 3 .   ? 12.811  -1.654  -11.539 1.00 57.70 ? 349 HOH A O   1 
HETATM 1288 O O   . HOH C 3 .   ? 0.119   -11.756 21.472  1.00 69.80 ? 350 HOH A O   1 
HETATM 1289 O O   . HOH C 3 .   ? -6.014  11.697  -13.384 1.00 74.70 ? 351 HOH A O   1 
HETATM 1290 O O   . HOH C 3 .   ? -2.660  9.788   -12.463 1.00 75.80 ? 352 HOH A O   1 
HETATM 1291 O O   . HOH C 3 .   ? 10.604  -4.413  -26.784 1.00 99.60 ? 353 HOH A O   1 
HETATM 1292 O O   . HOH C 3 .   ? 6.999   7.357   4.431   1.00 64.40 ? 354 HOH A O   1 
HETATM 1293 O O   . HOH C 3 .   ? -0.108  -9.280  -19.811 1.00 55.70 ? 355 HOH A O   1 
HETATM 1294 O O   . HOH C 3 .   ? -10.700 9.684   -5.468  1.00 71.20 ? 356 HOH A O   1 
HETATM 1295 O O   . HOH C 3 .   ? 1.733   -10.554 -23.498 1.00 61.20 ? 357 HOH A O   1 
HETATM 1296 O O   . HOH C 3 .   ? 5.980   -12.739 4.388   1.00 54.50 ? 358 HOH A O   1 
HETATM 1297 O O   . HOH C 3 .   ? 3.584   -19.705 0.252   1.00 65.20 ? 359 HOH A O   1 
HETATM 1298 O O   . HOH C 3 .   ? 7.482   5.013   -20.505 1.00 86.70 ? 360 HOH A O   1 
HETATM 1299 O O   . HOH C 3 .   ? 13.984  -10.433 -1.505  1.00 79.20 ? 361 HOH A O   1 
HETATM 1300 O O   . HOH C 3 .   ? -3.382  -7.663  8.915   1.00 86.30 ? 362 HOH A O   1 
HETATM 1301 O O   . HOH C 3 .   ? 2.126   -13.331 5.585   1.00 78.20 ? 363 HOH A O   1 
HETATM 1302 O O   . HOH C 3 .   ? -8.339  -4.651  -6.056  1.00 81.80 ? 364 HOH A O   1 
HETATM 1303 O O   . HOH C 3 .   ? -2.605  13.691  -0.477  1.00 73.40 ? 365 HOH A O   1 
HETATM 1304 O O   . HOH C 3 .   ? 17.043  -4.184  0.287   1.00 81.90 ? 366 HOH A O   1 
HETATM 1305 O O   . HOH C 3 .   ? -8.317  3.338   -16.023 1.00 57.00 ? 367 HOH A O   1 
HETATM 1306 O O   . HOH C 3 .   ? -15.019 12.608  1.340   1.00 95.40 ? 368 HOH A O   1 
HETATM 1307 O O   . HOH C 3 .   ? 6.586   6.950   -1.312  1.00 84.30 ? 369 HOH A O   1 
HETATM 1308 O O   . HOH C 3 .   ? 13.323  -7.988  -17.555 1.00 69.70 ? 370 HOH A O   1 
HETATM 1309 O O   . HOH C 3 .   ? -2.281  7.966   18.178  1.00 88.10 ? 371 HOH A O   1 
HETATM 1310 O O   . HOH C 3 .   ? -15.011 12.461  15.613  1.00 76.80 ? 372 HOH A O   1 
HETATM 1311 O O   . HOH C 3 .   ? -10.424 -7.081  -22.498 1.00 77.60 ? 373 HOH A O   1 
HETATM 1312 O O   . HOH C 3 .   ? -5.227  -12.784 5.621   1.00 76.00 ? 374 HOH A O   1 
HETATM 1313 O O   . HOH C 3 .   ? 11.590  -0.752  -20.307 1.00 98.10 ? 375 HOH A O   1 
HETATM 1314 O O   . HOH C 3 .   ? 12.941  -3.339  -21.790 1.00 75.50 ? 376 HOH A O   1 
HETATM 1315 O O   . HOH C 3 .   ? -3.748  -11.426 -17.614 1.00 80.90 ? 377 HOH A O   1 
HETATM 1316 O O   . HOH C 3 .   ? -7.900  -9.416  12.649  1.00 50.60 ? 378 HOH A O   1 
# 
